data_1F07
#
_entry.id   1F07
#
_cell.length_a   162.800
_cell.length_b   128.200
_cell.length_c   109.200
_cell.angle_alpha   90.00
_cell.angle_beta   131.40
_cell.angle_gamma   90.00
#
_symmetry.space_group_name_H-M   'C 1 2 1'
#
loop_
_entity.id
_entity.type
_entity.pdbx_description
1 polymer 'COENZYME F420-DEPENDENT N5,N10-METHYLENETETRAHYDROMETHANOPTERIN REDUCTASE'
2 non-polymer '3[N-MORPHOLINO]PROPANE SULFONIC ACID'
3 non-polymer (4S)-2-METHYL-2,4-PENTANEDIOL
4 non-polymer 'CHLORIDE ION'
5 water water
#
_entity_poly.entity_id   1
_entity_poly.type   'polypeptide(L)'
_entity_poly.pdbx_seq_one_letter_code
;MKFGIEFVPNEPIEKIVKLVKLAEDVGFEYAWITDHYNNKNVYETLALIAEGTETIKLGPGVTNPYVRSPAITASAIATL
DELSNGRATLGIGPGDKATFDALGIEWVKPVSTIRDAIAMMRTLLAGEKTESGAQLMGVKAVQEKIPIYMGAQGPMMLKT
AGEISDGALINASNPKDFEAAVPLIKEGAEAAGKSIADIDVAAYTCCSIDEDAAAAANAAKIVVAFIAAGSPPPVFERHG
LPADTGKKFGELLGKGDFGGAIGAVDDALMEAFSVVGTPDEFIPKIEALGEMGVTQYVAGSPIGPDKEKSIKLLGEVIAS
F
;
_entity_poly.pdbx_strand_id   A,B,C,D
#
loop_
_chem_comp.id
_chem_comp.type
_chem_comp.name
_chem_comp.formula
CL non-polymer 'CHLORIDE ION' 'Cl -1'
MPD non-polymer (4S)-2-METHYL-2,4-PENTANEDIOL 'C6 H14 O2'
MPO non-polymer '3[N-MORPHOLINO]PROPANE SULFONIC ACID' 'C7 H15 N O4 S'
#
# COMPACT_ATOMS: atom_id res chain seq x y z
N MET A 1 -19.79 -20.03 10.35
CA MET A 1 -20.62 -18.85 9.95
C MET A 1 -19.71 -17.68 9.60
N LYS A 2 -19.90 -17.14 8.40
CA LYS A 2 -19.13 -15.97 7.98
C LYS A 2 -20.05 -14.79 8.17
N PHE A 3 -19.47 -13.61 8.34
CA PHE A 3 -20.27 -12.42 8.55
C PHE A 3 -20.07 -11.35 7.48
N GLY A 4 -21.18 -10.77 7.06
CA GLY A 4 -21.15 -9.73 6.05
C GLY A 4 -21.86 -8.56 6.63
N ILE A 5 -21.68 -7.39 6.04
CA ILE A 5 -22.36 -6.22 6.53
C ILE A 5 -22.80 -5.41 5.33
N GLU A 6 -23.97 -4.81 5.44
CA GLU A 6 -24.55 -4.05 4.36
C GLU A 6 -24.64 -2.57 4.63
N PHE A 7 -24.28 -1.78 3.62
CA PHE A 7 -24.36 -0.33 3.73
C PHE A 7 -25.06 0.24 2.52
N VAL A 8 -25.85 1.27 2.77
CA VAL A 8 -26.57 1.94 1.70
C VAL A 8 -25.78 3.21 1.40
N PRO A 9 -25.33 3.36 0.16
CA PRO A 9 -24.57 4.55 -0.23
C PRO A 9 -25.44 5.81 -0.35
N ASN A 10 -26.05 6.23 0.77
CA ASN A 10 -26.85 7.45 0.78
C ASN A 10 -26.35 8.41 1.86
N GLU A 11 -25.11 8.19 2.28
CA GLU A 11 -24.46 9.06 3.24
C GLU A 11 -23.05 9.15 2.68
N PRO A 12 -22.25 10.14 3.09
CA PRO A 12 -20.89 10.31 2.59
C PRO A 12 -20.10 9.02 2.41
N ILE A 13 -19.54 8.82 1.22
CA ILE A 13 -18.75 7.62 0.95
C ILE A 13 -17.61 7.52 1.97
N GLU A 14 -17.03 8.67 2.30
CA GLU A 14 -15.95 8.74 3.27
C GLU A 14 -16.33 8.07 4.60
N LYS A 15 -17.58 8.26 5.03
CA LYS A 15 -18.02 7.63 6.28
C LYS A 15 -18.16 6.13 6.07
N ILE A 16 -18.77 5.75 4.94
CA ILE A 16 -18.95 4.35 4.64
C ILE A 16 -17.61 3.59 4.67
N VAL A 17 -16.56 4.17 4.09
CA VAL A 17 -15.25 3.51 4.07
C VAL A 17 -14.76 3.20 5.48
N LYS A 18 -14.84 4.19 6.37
CA LYS A 18 -14.40 4.02 7.76
C LYS A 18 -15.21 2.92 8.46
N LEU A 19 -16.52 2.93 8.26
CA LEU A 19 -17.39 1.92 8.86
C LEU A 19 -17.06 0.54 8.33
N VAL A 20 -16.74 0.45 7.03
CA VAL A 20 -16.38 -0.86 6.49
C VAL A 20 -15.02 -1.26 7.07
N LYS A 21 -14.13 -0.27 7.23
CA LYS A 21 -12.81 -0.57 7.80
C LYS A 21 -13.02 -1.11 9.21
N LEU A 22 -13.92 -0.48 9.96
CA LEU A 22 -14.24 -0.91 11.32
C LEU A 22 -14.77 -2.33 11.30
N ALA A 23 -15.67 -2.60 10.37
CA ALA A 23 -16.26 -3.92 10.25
C ALA A 23 -15.16 -4.92 9.99
N GLU A 24 -14.24 -4.55 9.10
CA GLU A 24 -13.14 -5.43 8.77
C GLU A 24 -12.30 -5.66 10.03
N ASP A 25 -12.06 -4.60 10.80
CA ASP A 25 -11.28 -4.73 12.01
C ASP A 25 -11.92 -5.64 13.05
N VAL A 26 -13.24 -5.67 13.13
CA VAL A 26 -13.88 -6.54 14.11
C VAL A 26 -14.20 -7.93 13.58
N GLY A 27 -13.78 -8.25 12.37
CA GLY A 27 -14.01 -9.60 11.86
C GLY A 27 -14.99 -9.89 10.73
N PHE A 28 -15.63 -8.89 10.16
CA PHE A 28 -16.53 -9.18 9.05
C PHE A 28 -15.69 -9.55 7.83
N GLU A 29 -16.16 -10.49 7.03
CA GLU A 29 -15.38 -10.89 5.86
C GLU A 29 -15.98 -10.37 4.55
N TYR A 30 -17.20 -9.85 4.65
CA TYR A 30 -17.88 -9.34 3.46
C TYR A 30 -18.54 -8.01 3.69
N ALA A 31 -18.45 -7.15 2.68
CA ALA A 31 -19.10 -5.85 2.73
C ALA A 31 -19.99 -5.83 1.48
N TRP A 32 -21.26 -5.52 1.67
CA TRP A 32 -22.22 -5.45 0.59
C TRP A 32 -22.76 -4.04 0.50
N ILE A 33 -22.69 -3.46 -0.68
CA ILE A 33 -23.17 -2.09 -0.88
C ILE A 33 -24.33 -2.12 -1.84
N THR A 34 -25.44 -1.50 -1.45
CA THR A 34 -26.62 -1.52 -2.31
C THR A 34 -26.42 -0.66 -3.56
N ASP A 35 -27.10 -1.06 -4.64
CA ASP A 35 -27.02 -0.39 -5.93
C ASP A 35 -28.37 0.06 -6.46
N HIS A 36 -28.66 1.34 -6.30
CA HIS A 36 -29.90 1.91 -6.78
C HIS A 36 -29.51 3.19 -7.47
N TYR A 37 -30.12 3.43 -8.62
CA TYR A 37 -29.81 4.61 -9.43
C TYR A 37 -29.98 5.88 -8.63
N ASN A 38 -30.92 5.87 -7.67
CA ASN A 38 -31.17 7.07 -6.89
C ASN A 38 -30.26 7.39 -5.73
N ASN A 39 -29.28 6.53 -5.47
CA ASN A 39 -28.31 6.78 -4.40
C ASN A 39 -26.92 6.96 -5.05
N LYS A 40 -25.87 7.05 -4.25
CA LYS A 40 -24.54 7.23 -4.81
C LYS A 40 -24.13 5.97 -5.59
N ASN A 41 -23.37 6.18 -6.65
CA ASN A 41 -22.90 5.10 -7.49
C ASN A 41 -22.21 4.04 -6.64
N VAL A 42 -22.61 2.79 -6.84
CA VAL A 42 -22.08 1.71 -6.04
C VAL A 42 -20.59 1.42 -6.28
N TYR A 43 -20.11 1.62 -7.50
CA TYR A 43 -18.72 1.33 -7.81
C TYR A 43 -17.74 2.41 -7.36
N GLU A 44 -18.18 3.67 -7.40
CA GLU A 44 -17.34 4.76 -6.93
C GLU A 44 -17.21 4.51 -5.42
N THR A 45 -18.30 4.08 -4.80
CA THR A 45 -18.32 3.78 -3.38
C THR A 45 -17.39 2.59 -3.11
N LEU A 46 -17.58 1.50 -3.84
CA LEU A 46 -16.72 0.33 -3.66
C LEU A 46 -15.24 0.59 -3.95
N ALA A 47 -14.97 1.42 -4.96
CA ALA A 47 -13.57 1.75 -5.30
C ALA A 47 -12.89 2.44 -4.11
N LEU A 48 -13.59 3.36 -3.46
CA LEU A 48 -13.02 4.05 -2.31
C LEU A 48 -12.92 3.13 -1.09
N ILE A 49 -13.87 2.21 -0.96
CA ILE A 49 -13.82 1.27 0.15
C ILE A 49 -12.60 0.38 -0.05
N ALA A 50 -12.37 -0.03 -1.31
CA ALA A 50 -11.23 -0.89 -1.59
C ALA A 50 -9.95 -0.17 -1.19
N GLU A 51 -9.86 1.13 -1.47
CA GLU A 51 -8.66 1.88 -1.12
C GLU A 51 -8.47 1.94 0.40
N GLY A 52 -9.57 2.07 1.13
CA GLY A 52 -9.48 2.19 2.58
C GLY A 52 -9.52 0.92 3.40
N THR A 53 -9.44 -0.25 2.76
CA THR A 53 -9.50 -1.49 3.50
C THR A 53 -8.39 -2.41 3.03
N GLU A 54 -8.22 -3.54 3.70
CA GLU A 54 -7.15 -4.47 3.30
C GLU A 54 -7.54 -5.89 2.96
N THR A 55 -8.51 -6.44 3.68
CA THR A 55 -8.84 -7.85 3.47
C THR A 55 -10.32 -8.22 3.27
N ILE A 56 -11.22 -7.34 3.67
CA ILE A 56 -12.64 -7.64 3.53
C ILE A 56 -13.07 -7.71 2.07
N LYS A 57 -13.93 -8.66 1.78
CA LYS A 57 -14.47 -8.83 0.44
C LYS A 57 -15.54 -7.76 0.27
N LEU A 58 -15.65 -7.23 -0.93
CA LEU A 58 -16.61 -6.17 -1.17
C LEU A 58 -17.25 -6.26 -2.55
N GLY A 59 -18.53 -5.92 -2.60
CA GLY A 59 -19.24 -5.97 -3.87
C GLY A 59 -20.62 -5.38 -3.77
N PRO A 60 -21.28 -5.17 -4.92
CA PRO A 60 -22.62 -4.62 -4.95
C PRO A 60 -23.60 -5.68 -4.41
N GLY A 61 -24.55 -5.25 -3.60
CA GLY A 61 -25.52 -6.19 -3.06
C GLY A 61 -26.92 -5.60 -3.05
N VAL A 62 -27.63 -5.71 -4.17
CA VAL A 62 -27.17 -6.36 -5.38
C VAL A 62 -27.40 -5.41 -6.54
N THR A 63 -26.74 -5.67 -7.65
CA THR A 63 -26.94 -4.85 -8.83
C THR A 63 -27.96 -5.62 -9.67
N ASN A 64 -28.18 -5.22 -10.92
CA ASN A 64 -29.13 -5.94 -11.76
C ASN A 64 -28.68 -5.92 -13.21
N PRO A 65 -29.26 -6.76 -14.07
CA PRO A 65 -28.84 -6.80 -15.46
C PRO A 65 -29.47 -5.72 -16.33
N TYR A 66 -30.27 -4.83 -15.75
CA TYR A 66 -30.95 -3.84 -16.56
C TYR A 66 -30.41 -2.40 -16.60
N VAL A 67 -30.02 -1.86 -15.45
CA VAL A 67 -29.51 -0.49 -15.40
C VAL A 67 -28.13 -0.29 -16.01
N ARG A 68 -27.42 -1.40 -16.27
CA ARG A 68 -26.11 -1.34 -16.88
C ARG A 68 -25.95 -2.60 -17.68
N SER A 69 -25.28 -2.49 -18.82
CA SER A 69 -25.02 -3.69 -19.59
C SER A 69 -24.21 -4.62 -18.69
N PRO A 70 -24.48 -5.92 -18.77
CA PRO A 70 -23.73 -6.90 -17.97
C PRO A 70 -22.22 -6.76 -18.25
N ALA A 71 -21.87 -6.28 -19.44
CA ALA A 71 -20.47 -6.10 -19.80
C ALA A 71 -19.85 -4.97 -18.99
N ILE A 72 -20.63 -3.91 -18.77
CA ILE A 72 -20.20 -2.77 -17.98
C ILE A 72 -20.04 -3.24 -16.54
N THR A 73 -20.98 -4.07 -16.09
CA THR A 73 -20.93 -4.61 -14.74
C THR A 73 -19.66 -5.45 -14.57
N ALA A 74 -19.35 -6.26 -15.56
CA ALA A 74 -18.15 -7.11 -15.53
C ALA A 74 -16.91 -6.23 -15.43
N SER A 75 -16.84 -5.21 -16.26
CA SER A 75 -15.72 -4.28 -16.23
C SER A 75 -15.59 -3.59 -14.87
N ALA A 76 -16.71 -3.14 -14.31
CA ALA A 76 -16.68 -2.46 -13.03
C ALA A 76 -16.21 -3.37 -11.89
N ILE A 77 -16.58 -4.64 -11.98
CA ILE A 77 -16.22 -5.62 -10.97
C ILE A 77 -14.74 -5.98 -11.15
N ALA A 78 -14.31 -6.10 -12.40
CA ALA A 78 -12.91 -6.44 -12.64
C ALA A 78 -12.02 -5.27 -12.21
N THR A 79 -12.53 -4.06 -12.39
CA THR A 79 -11.78 -2.87 -11.99
C THR A 79 -11.63 -2.86 -10.48
N LEU A 80 -12.71 -3.22 -9.80
CA LEU A 80 -12.73 -3.26 -8.36
C LEU A 80 -11.80 -4.37 -7.86
N ASP A 81 -11.79 -5.48 -8.58
CA ASP A 81 -10.95 -6.60 -8.18
C ASP A 81 -9.48 -6.17 -8.24
N GLU A 82 -9.11 -5.39 -9.25
CA GLU A 82 -7.74 -4.90 -9.39
C GLU A 82 -7.42 -3.97 -8.23
N LEU A 83 -8.30 -3.00 -8.00
CA LEU A 83 -8.10 -2.05 -6.92
C LEU A 83 -8.06 -2.68 -5.54
N SER A 84 -8.82 -3.76 -5.35
CA SER A 84 -8.88 -4.41 -4.04
C SER A 84 -7.92 -5.58 -3.95
N ASN A 85 -7.20 -5.82 -5.03
CA ASN A 85 -6.26 -6.92 -5.10
C ASN A 85 -6.93 -8.28 -4.92
N GLY A 86 -8.03 -8.49 -5.63
CA GLY A 86 -8.71 -9.77 -5.58
C GLY A 86 -9.75 -9.98 -4.48
N ARG A 87 -10.43 -8.92 -4.09
CA ARG A 87 -11.43 -9.03 -3.04
C ARG A 87 -12.88 -8.78 -3.49
N ALA A 88 -13.07 -8.54 -4.78
CA ALA A 88 -14.40 -8.26 -5.29
C ALA A 88 -15.35 -9.43 -5.26
N THR A 89 -16.63 -9.10 -5.12
CA THR A 89 -17.70 -10.08 -5.15
C THR A 89 -18.75 -9.38 -6.04
N LEU A 90 -19.66 -10.15 -6.62
CA LEU A 90 -20.69 -9.55 -7.45
C LEU A 90 -22.07 -10.08 -7.07
N GLY A 91 -22.86 -9.24 -6.42
CA GLY A 91 -24.21 -9.64 -6.09
C GLY A 91 -25.09 -9.07 -7.18
N ILE A 92 -25.95 -9.90 -7.77
CA ILE A 92 -26.85 -9.41 -8.81
C ILE A 92 -28.24 -10.03 -8.64
N GLY A 93 -29.26 -9.20 -8.74
CA GLY A 93 -30.63 -9.65 -8.60
C GLY A 93 -31.44 -9.24 -9.84
N PRO A 94 -32.71 -9.69 -9.94
CA PRO A 94 -33.57 -9.37 -11.08
C PRO A 94 -34.00 -7.90 -11.15
N GLY A 95 -34.01 -7.22 -10.01
CA GLY A 95 -34.43 -5.83 -9.98
C GLY A 95 -35.91 -5.79 -9.66
N ASP A 96 -36.55 -4.65 -9.88
CA ASP A 96 -37.98 -4.53 -9.57
C ASP A 96 -38.71 -3.62 -10.55
N LYS A 97 -39.95 -3.97 -10.86
CA LYS A 97 -40.75 -3.20 -11.81
C LYS A 97 -40.88 -1.71 -11.51
N ALA A 98 -40.96 -1.35 -10.24
CA ALA A 98 -41.10 0.05 -9.87
C ALA A 98 -39.96 0.87 -10.46
N THR A 99 -38.74 0.44 -10.17
CA THR A 99 -37.54 1.12 -10.65
C THR A 99 -37.51 1.17 -12.17
N PHE A 100 -37.67 0.02 -12.81
CA PHE A 100 -37.62 -0.02 -14.26
C PHE A 100 -38.73 0.74 -14.97
N ASP A 101 -39.86 0.98 -14.30
CA ASP A 101 -40.92 1.77 -14.92
C ASP A 101 -40.44 3.22 -14.91
N ALA A 102 -39.92 3.66 -13.76
CA ALA A 102 -39.41 5.01 -13.63
C ALA A 102 -38.20 5.28 -14.54
N LEU A 103 -37.56 4.23 -15.03
CA LEU A 103 -36.40 4.41 -15.89
C LEU A 103 -36.71 4.10 -17.34
N GLY A 104 -37.95 3.71 -17.62
CA GLY A 104 -38.34 3.41 -18.98
C GLY A 104 -37.71 2.13 -19.50
N ILE A 105 -37.48 1.18 -18.60
CA ILE A 105 -36.87 -0.08 -18.97
C ILE A 105 -37.90 -1.19 -18.91
N GLU A 106 -37.98 -1.98 -19.96
CA GLU A 106 -38.92 -3.08 -20.02
C GLU A 106 -38.31 -4.26 -19.27
N TRP A 107 -38.98 -4.70 -18.21
CA TRP A 107 -38.52 -5.81 -17.39
C TRP A 107 -38.76 -7.14 -18.08
N VAL A 108 -38.07 -7.36 -19.19
CA VAL A 108 -38.21 -8.57 -19.98
C VAL A 108 -37.56 -9.83 -19.40
N LYS A 109 -38.33 -10.91 -19.36
CA LYS A 109 -37.90 -12.22 -18.87
C LYS A 109 -36.72 -12.11 -17.89
N PRO A 110 -36.98 -11.68 -16.65
CA PRO A 110 -35.98 -11.50 -15.59
C PRO A 110 -35.10 -12.73 -15.33
N VAL A 111 -35.72 -13.91 -15.31
CA VAL A 111 -34.97 -15.13 -15.04
C VAL A 111 -33.98 -15.40 -16.15
N SER A 112 -34.44 -15.33 -17.38
CA SER A 112 -33.56 -15.58 -18.50
C SER A 112 -32.50 -14.49 -18.62
N THR A 113 -32.89 -13.26 -18.30
CA THR A 113 -31.98 -12.12 -18.39
C THR A 113 -30.81 -12.23 -17.39
N ILE A 114 -31.14 -12.46 -16.13
CA ILE A 114 -30.11 -12.58 -15.10
C ILE A 114 -29.24 -13.78 -15.46
N ARG A 115 -29.85 -14.85 -15.99
CA ARG A 115 -29.10 -16.03 -16.37
C ARG A 115 -28.13 -15.71 -17.51
N ASP A 116 -28.62 -15.04 -18.55
CA ASP A 116 -27.77 -14.68 -19.67
C ASP A 116 -26.71 -13.65 -19.23
N ALA A 117 -27.09 -12.75 -18.33
CA ALA A 117 -26.16 -11.75 -17.83
C ALA A 117 -24.99 -12.45 -17.15
N ILE A 118 -25.30 -13.34 -16.21
CA ILE A 118 -24.26 -14.07 -15.51
C ILE A 118 -23.35 -14.83 -16.46
N ALA A 119 -23.92 -15.50 -17.46
CA ALA A 119 -23.09 -16.23 -18.40
C ALA A 119 -22.11 -15.27 -19.10
N MET A 120 -22.60 -14.09 -19.46
CA MET A 120 -21.74 -13.14 -20.14
C MET A 120 -20.63 -12.66 -19.19
N MET A 121 -21.00 -12.30 -17.98
CA MET A 121 -20.03 -11.81 -17.02
C MET A 121 -18.99 -12.86 -16.65
N ARG A 122 -19.41 -14.12 -16.58
CA ARG A 122 -18.50 -15.21 -16.27
C ARG A 122 -17.41 -15.20 -17.33
N THR A 123 -17.83 -15.13 -18.59
CA THR A 123 -16.90 -15.12 -19.70
C THR A 123 -15.98 -13.90 -19.66
N LEU A 124 -16.57 -12.73 -19.48
CA LEU A 124 -15.78 -11.51 -19.44
C LEU A 124 -14.80 -11.48 -18.27
N LEU A 125 -15.27 -11.79 -17.07
CA LEU A 125 -14.40 -11.78 -15.89
C LEU A 125 -13.27 -12.78 -16.04
N ALA A 126 -13.52 -13.88 -16.74
CA ALA A 126 -12.50 -14.90 -16.96
C ALA A 126 -11.49 -14.39 -18.00
N GLY A 127 -11.76 -13.21 -18.56
CA GLY A 127 -10.85 -12.67 -19.55
C GLY A 127 -11.02 -13.27 -20.94
N GLU A 128 -12.08 -14.06 -21.12
CA GLU A 128 -12.33 -14.69 -22.39
C GLU A 128 -13.20 -13.79 -23.27
N LYS A 129 -13.40 -14.23 -24.50
CA LYS A 129 -14.19 -13.48 -25.48
C LYS A 129 -15.55 -14.14 -25.66
N THR A 130 -16.62 -13.37 -25.57
CA THR A 130 -17.96 -13.94 -25.73
C THR A 130 -18.20 -14.28 -27.20
N GLU A 131 -19.28 -15.01 -27.46
CA GLU A 131 -19.59 -15.38 -28.83
C GLU A 131 -19.87 -14.12 -29.64
N SER A 132 -20.53 -13.16 -29.00
CA SER A 132 -20.86 -11.90 -29.64
C SER A 132 -19.62 -11.05 -29.90
N GLY A 133 -18.46 -11.49 -29.40
CA GLY A 133 -17.23 -10.77 -29.63
C GLY A 133 -16.73 -9.82 -28.54
N ALA A 134 -17.46 -9.71 -27.44
CA ALA A 134 -17.04 -8.83 -26.35
C ALA A 134 -15.89 -9.45 -25.54
N GLN A 135 -14.96 -8.63 -25.08
CA GLN A 135 -13.82 -9.09 -24.29
C GLN A 135 -13.17 -7.94 -23.52
N LEU A 136 -12.79 -8.18 -22.26
CA LEU A 136 -12.14 -7.12 -21.49
C LEU A 136 -10.70 -7.01 -22.00
N MET A 137 -10.20 -5.79 -22.13
CA MET A 137 -8.85 -5.58 -22.66
C MET A 137 -7.95 -4.79 -21.73
N GLY A 138 -8.44 -3.65 -21.25
CA GLY A 138 -7.64 -2.80 -20.39
C GLY A 138 -7.86 -2.99 -18.91
N VAL A 139 -8.49 -4.09 -18.55
CA VAL A 139 -8.77 -4.39 -17.15
C VAL A 139 -8.82 -5.90 -17.07
N LYS A 140 -8.42 -6.42 -15.91
CA LYS A 140 -8.40 -7.85 -15.75
C LYS A 140 -8.59 -8.22 -14.30
N ALA A 141 -9.41 -9.23 -14.06
CA ALA A 141 -9.68 -9.69 -12.71
C ALA A 141 -8.42 -10.30 -12.10
N VAL A 142 -8.23 -10.10 -10.80
CA VAL A 142 -7.11 -10.69 -10.11
C VAL A 142 -7.50 -12.13 -9.78
N GLN A 143 -8.69 -12.29 -9.21
CA GLN A 143 -9.19 -13.62 -8.85
C GLN A 143 -9.44 -14.44 -10.10
N GLU A 144 -9.19 -15.75 -10.01
CA GLU A 144 -9.40 -16.65 -11.13
C GLU A 144 -10.91 -16.82 -11.34
N LYS A 145 -11.67 -16.68 -10.26
CA LYS A 145 -13.11 -16.81 -10.30
C LYS A 145 -13.76 -15.86 -9.31
N ILE A 146 -14.21 -14.70 -9.77
CA ILE A 146 -14.86 -13.76 -8.88
C ILE A 146 -16.21 -14.38 -8.54
N PRO A 147 -16.56 -14.45 -7.25
CA PRO A 147 -17.82 -15.04 -6.78
C PRO A 147 -19.02 -14.21 -7.22
N ILE A 148 -20.04 -14.87 -7.75
CA ILE A 148 -21.25 -14.18 -8.17
C ILE A 148 -22.38 -14.68 -7.30
N TYR A 149 -23.03 -13.75 -6.60
CA TYR A 149 -24.15 -14.06 -5.72
C TYR A 149 -25.44 -13.56 -6.37
N MET A 150 -26.50 -14.34 -6.26
CA MET A 150 -27.79 -13.91 -6.78
C MET A 150 -28.74 -13.48 -5.69
N GLY A 151 -29.44 -12.37 -5.92
CA GLY A 151 -30.46 -11.94 -4.98
C GLY A 151 -31.59 -12.86 -5.39
N ALA A 152 -32.13 -13.63 -4.45
CA ALA A 152 -33.19 -14.58 -4.78
C ALA A 152 -34.27 -14.51 -3.73
N GLN A 153 -35.42 -13.98 -4.13
CA GLN A 153 -36.53 -13.82 -3.20
C GLN A 153 -37.71 -14.69 -3.63
N GLY A 154 -37.49 -15.51 -4.65
CA GLY A 154 -38.56 -16.38 -5.13
C GLY A 154 -38.01 -17.72 -5.55
N PRO A 155 -38.88 -18.72 -5.78
CA PRO A 155 -38.49 -20.06 -6.19
C PRO A 155 -37.59 -20.19 -7.40
N MET A 156 -37.94 -19.53 -8.51
CA MET A 156 -37.12 -19.66 -9.70
C MET A 156 -35.74 -19.03 -9.51
N MET A 157 -35.67 -17.92 -8.78
CA MET A 157 -34.39 -17.26 -8.53
C MET A 157 -33.53 -18.14 -7.61
N LEU A 158 -34.16 -18.76 -6.63
CA LEU A 158 -33.43 -19.64 -5.70
C LEU A 158 -32.89 -20.83 -6.46
N LYS A 159 -33.71 -21.42 -7.32
CA LYS A 159 -33.23 -22.55 -8.09
C LYS A 159 -32.12 -22.13 -9.01
N THR A 160 -32.30 -20.99 -9.68
CA THR A 160 -31.28 -20.49 -10.60
C THR A 160 -29.97 -20.16 -9.84
N ALA A 161 -30.10 -19.58 -8.64
CA ALA A 161 -28.90 -19.27 -7.83
C ALA A 161 -28.12 -20.56 -7.61
N GLY A 162 -28.81 -21.62 -7.22
CA GLY A 162 -28.13 -22.88 -7.00
C GLY A 162 -27.51 -23.42 -8.28
N GLU A 163 -28.14 -23.13 -9.40
CA GLU A 163 -27.64 -23.61 -10.67
C GLU A 163 -26.45 -22.86 -11.26
N ILE A 164 -26.41 -21.54 -11.11
CA ILE A 164 -25.34 -20.78 -11.74
C ILE A 164 -24.59 -19.79 -10.87
N SER A 165 -24.98 -19.62 -9.61
CA SER A 165 -24.26 -18.66 -8.78
C SER A 165 -23.35 -19.34 -7.75
N ASP A 166 -22.65 -18.51 -6.97
CA ASP A 166 -21.73 -19.00 -5.95
C ASP A 166 -22.36 -18.75 -4.60
N GLY A 167 -23.49 -18.07 -4.62
CA GLY A 167 -24.17 -17.75 -3.39
C GLY A 167 -25.49 -17.09 -3.65
N ALA A 168 -26.31 -17.04 -2.61
CA ALA A 168 -27.63 -16.44 -2.69
C ALA A 168 -27.79 -15.44 -1.57
N LEU A 169 -28.19 -14.21 -1.93
CA LEU A 169 -28.43 -13.18 -0.95
C LEU A 169 -29.95 -13.18 -0.79
N ILE A 170 -30.41 -13.69 0.34
CA ILE A 170 -31.84 -13.80 0.62
C ILE A 170 -32.27 -12.78 1.63
N ASN A 171 -33.26 -11.97 1.28
CA ASN A 171 -33.72 -10.97 2.20
C ASN A 171 -34.72 -11.56 3.19
N ALA A 172 -34.17 -12.11 4.26
CA ALA A 172 -34.94 -12.74 5.33
C ALA A 172 -34.06 -12.79 6.58
N SER A 173 -34.68 -12.75 7.75
CA SER A 173 -33.96 -12.76 9.01
C SER A 173 -34.40 -13.87 9.97
N ASN A 174 -35.31 -14.73 9.53
CA ASN A 174 -35.85 -15.78 10.39
C ASN A 174 -35.63 -17.18 9.82
N PRO A 175 -35.32 -18.16 10.70
CA PRO A 175 -35.08 -19.54 10.27
C PRO A 175 -36.15 -20.16 9.37
N LYS A 176 -37.42 -19.86 9.65
CA LYS A 176 -38.50 -20.40 8.85
C LYS A 176 -38.35 -20.04 7.38
N ASP A 177 -37.85 -18.84 7.11
CA ASP A 177 -37.67 -18.42 5.73
C ASP A 177 -36.63 -19.28 5.03
N PHE A 178 -35.51 -19.55 5.71
CA PHE A 178 -34.47 -20.37 5.08
C PHE A 178 -34.84 -21.84 5.07
N GLU A 179 -35.71 -22.22 6.00
CA GLU A 179 -36.16 -23.61 6.05
C GLU A 179 -36.82 -23.87 4.71
N ALA A 180 -37.57 -22.88 4.23
CA ALA A 180 -38.29 -22.97 2.97
C ALA A 180 -37.41 -22.67 1.75
N ALA A 181 -36.50 -21.69 1.87
CA ALA A 181 -35.66 -21.30 0.75
C ALA A 181 -34.47 -22.19 0.40
N VAL A 182 -33.72 -22.67 1.39
CA VAL A 182 -32.57 -23.50 1.09
C VAL A 182 -32.89 -24.74 0.24
N PRO A 183 -34.00 -25.42 0.53
CA PRO A 183 -34.32 -26.61 -0.29
C PRO A 183 -34.38 -26.25 -1.78
N LEU A 184 -34.88 -25.06 -2.09
CA LEU A 184 -34.98 -24.63 -3.49
C LEU A 184 -33.59 -24.41 -4.10
N ILE A 185 -32.68 -23.81 -3.33
CA ILE A 185 -31.32 -23.62 -3.82
C ILE A 185 -30.72 -25.01 -4.05
N LYS A 186 -30.96 -25.91 -3.10
CA LYS A 186 -30.43 -27.25 -3.19
C LYS A 186 -30.94 -27.93 -4.46
N GLU A 187 -32.22 -27.77 -4.77
CA GLU A 187 -32.75 -28.36 -6.00
C GLU A 187 -32.00 -27.88 -7.24
N GLY A 188 -31.75 -26.58 -7.31
CA GLY A 188 -31.05 -26.03 -8.45
C GLY A 188 -29.62 -26.54 -8.47
N ALA A 189 -28.93 -26.47 -7.34
CA ALA A 189 -27.55 -26.94 -7.29
C ALA A 189 -27.49 -28.36 -7.80
N GLU A 190 -28.34 -29.22 -7.28
CA GLU A 190 -28.31 -30.60 -7.74
C GLU A 190 -28.67 -30.77 -9.20
N ALA A 191 -29.58 -29.95 -9.70
CA ALA A 191 -29.98 -30.01 -11.10
C ALA A 191 -28.78 -29.66 -11.98
N ALA A 192 -27.90 -28.81 -11.46
CA ALA A 192 -26.71 -28.38 -12.18
C ALA A 192 -25.50 -29.28 -11.95
N GLY A 193 -25.67 -30.30 -11.11
CA GLY A 193 -24.56 -31.20 -10.84
C GLY A 193 -23.65 -30.67 -9.75
N LYS A 194 -24.16 -29.72 -8.97
CA LYS A 194 -23.41 -29.11 -7.88
C LYS A 194 -24.07 -29.58 -6.58
N SER A 195 -23.57 -29.13 -5.44
CA SER A 195 -24.18 -29.50 -4.16
C SER A 195 -24.48 -28.23 -3.38
N ILE A 196 -25.44 -28.29 -2.48
CA ILE A 196 -25.79 -27.13 -1.69
C ILE A 196 -24.56 -26.59 -0.94
N ALA A 197 -23.57 -27.46 -0.75
CA ALA A 197 -22.36 -27.05 -0.04
C ALA A 197 -21.52 -26.09 -0.86
N ASP A 198 -21.84 -25.99 -2.15
CA ASP A 198 -21.08 -25.10 -3.04
C ASP A 198 -21.65 -23.68 -3.08
N ILE A 199 -22.80 -23.49 -2.47
CA ILE A 199 -23.44 -22.18 -2.48
C ILE A 199 -23.43 -21.49 -1.12
N ASP A 200 -22.96 -20.26 -1.10
CA ASP A 200 -22.92 -19.49 0.13
C ASP A 200 -24.32 -18.90 0.34
N VAL A 201 -25.05 -19.44 1.30
CA VAL A 201 -26.40 -18.98 1.60
C VAL A 201 -26.27 -17.84 2.59
N ALA A 202 -26.46 -16.63 2.09
CA ALA A 202 -26.35 -15.43 2.89
C ALA A 202 -27.69 -14.86 3.31
N ALA A 203 -27.86 -14.70 4.62
CA ALA A 203 -29.08 -14.14 5.17
C ALA A 203 -28.88 -12.64 5.14
N TYR A 204 -29.58 -11.97 4.23
CA TYR A 204 -29.48 -10.53 4.09
C TYR A 204 -30.53 -10.01 5.06
N THR A 205 -30.13 -9.87 6.33
CA THR A 205 -31.07 -9.49 7.39
C THR A 205 -31.21 -8.06 7.81
N CYS A 206 -32.35 -7.79 8.47
CA CYS A 206 -32.60 -6.48 9.05
C CYS A 206 -31.96 -6.71 10.41
N CYS A 207 -30.88 -6.00 10.67
CA CYS A 207 -30.15 -6.17 11.92
C CYS A 207 -30.13 -4.90 12.76
N SER A 208 -30.32 -5.05 14.06
CA SER A 208 -30.26 -3.91 14.96
C SER A 208 -29.80 -4.44 16.31
N ILE A 209 -28.56 -4.11 16.65
CA ILE A 209 -27.97 -4.58 17.88
C ILE A 209 -27.62 -3.41 18.78
N ASP A 210 -27.76 -3.61 20.08
CA ASP A 210 -27.45 -2.57 21.04
C ASP A 210 -27.56 -3.11 22.45
N GLU A 211 -26.88 -2.47 23.40
CA GLU A 211 -26.90 -2.90 24.79
C GLU A 211 -28.35 -2.88 25.25
N ASP A 212 -29.05 -1.82 24.85
CA ASP A 212 -30.45 -1.61 25.18
C ASP A 212 -31.32 -2.25 24.10
N ALA A 213 -31.91 -3.40 24.41
CA ALA A 213 -32.76 -4.11 23.46
C ALA A 213 -33.95 -3.28 22.99
N ALA A 214 -34.39 -2.33 23.82
CA ALA A 214 -35.52 -1.50 23.44
C ALA A 214 -35.09 -0.57 22.31
N ALA A 215 -33.96 0.08 22.50
CA ALA A 215 -33.44 1.01 21.50
C ALA A 215 -33.11 0.26 20.20
N ALA A 216 -32.56 -0.94 20.34
CA ALA A 216 -32.21 -1.76 19.18
C ALA A 216 -33.47 -2.04 18.37
N ALA A 217 -34.52 -2.51 19.04
CA ALA A 217 -35.77 -2.82 18.36
C ALA A 217 -36.36 -1.58 17.69
N ASN A 218 -36.36 -0.45 18.38
CA ASN A 218 -36.92 0.77 17.82
C ASN A 218 -36.25 1.24 16.53
N ALA A 219 -34.94 1.06 16.43
CA ALA A 219 -34.21 1.48 15.24
C ALA A 219 -34.57 0.65 14.01
N ALA A 220 -34.98 -0.60 14.22
CA ALA A 220 -35.33 -1.48 13.10
C ALA A 220 -36.78 -1.42 12.67
N LYS A 221 -37.64 -0.86 13.51
CA LYS A 221 -39.06 -0.81 13.19
C LYS A 221 -39.39 -0.29 11.79
N ILE A 222 -38.87 0.88 11.43
CA ILE A 222 -39.20 1.42 10.12
C ILE A 222 -38.76 0.47 9.01
N VAL A 223 -37.61 -0.17 9.19
CA VAL A 223 -37.13 -1.11 8.19
C VAL A 223 -38.10 -2.29 8.10
N VAL A 224 -38.48 -2.84 9.24
CA VAL A 224 -39.41 -3.97 9.27
C VAL A 224 -40.72 -3.57 8.59
N ALA A 225 -41.18 -2.36 8.88
CA ALA A 225 -42.41 -1.85 8.28
C ALA A 225 -42.30 -1.99 6.77
N PHE A 226 -41.19 -1.54 6.19
CA PHE A 226 -41.01 -1.65 4.75
C PHE A 226 -40.89 -3.09 4.27
N ILE A 227 -40.14 -3.90 5.00
CA ILE A 227 -39.99 -5.31 4.61
C ILE A 227 -41.37 -5.93 4.52
N ALA A 228 -42.19 -5.69 5.55
CA ALA A 228 -43.54 -6.25 5.59
C ALA A 228 -44.34 -5.73 4.40
N ALA A 229 -44.28 -4.42 4.18
CA ALA A 229 -45.02 -3.82 3.08
C ALA A 229 -44.71 -4.52 1.76
N GLY A 230 -43.48 -4.98 1.59
CA GLY A 230 -43.13 -5.64 0.34
C GLY A 230 -43.11 -7.15 0.33
N SER A 231 -43.55 -7.79 1.39
CA SER A 231 -43.52 -9.25 1.42
C SER A 231 -44.77 -9.89 0.83
N PRO A 232 -44.59 -10.96 0.05
CA PRO A 232 -45.68 -11.72 -0.61
C PRO A 232 -46.46 -12.55 0.42
N PRO A 233 -47.67 -12.99 0.08
CA PRO A 233 -48.55 -13.77 0.97
C PRO A 233 -47.98 -15.01 1.67
N PRO A 234 -47.20 -15.85 0.97
CA PRO A 234 -46.66 -17.03 1.65
C PRO A 234 -45.76 -16.66 2.84
N VAL A 235 -45.17 -15.47 2.78
CA VAL A 235 -44.29 -15.04 3.86
C VAL A 235 -45.11 -14.78 5.13
N PHE A 236 -46.18 -14.03 5.01
CA PHE A 236 -47.00 -13.75 6.20
C PHE A 236 -47.61 -15.05 6.68
N GLU A 237 -47.99 -15.91 5.74
CA GLU A 237 -48.59 -17.20 6.06
C GLU A 237 -47.59 -17.99 6.92
N ARG A 238 -46.36 -18.07 6.42
CA ARG A 238 -45.27 -18.78 7.07
C ARG A 238 -45.04 -18.35 8.52
N HIS A 239 -45.22 -17.06 8.79
CA HIS A 239 -44.99 -16.53 10.14
C HIS A 239 -46.27 -16.32 10.95
N GLY A 240 -47.35 -16.97 10.55
CA GLY A 240 -48.60 -16.85 11.28
C GLY A 240 -49.07 -15.41 11.45
N LEU A 241 -48.85 -14.60 10.43
CA LEU A 241 -49.25 -13.19 10.48
C LEU A 241 -50.44 -13.01 9.53
N PRO A 242 -51.32 -12.02 9.81
CA PRO A 242 -52.47 -11.78 8.94
C PRO A 242 -52.07 -11.56 7.49
N ALA A 243 -52.75 -12.26 6.58
CA ALA A 243 -52.47 -12.18 5.15
C ALA A 243 -52.50 -10.77 4.57
N ASP A 244 -53.16 -9.85 5.28
CA ASP A 244 -53.27 -8.47 4.80
C ASP A 244 -52.22 -7.55 5.42
N THR A 245 -51.36 -8.11 6.27
CA THR A 245 -50.32 -7.34 6.94
C THR A 245 -49.56 -6.45 5.96
N GLY A 246 -49.14 -7.03 4.85
CA GLY A 246 -48.42 -6.26 3.85
C GLY A 246 -49.22 -5.05 3.41
N LYS A 247 -50.39 -5.33 2.81
CA LYS A 247 -51.28 -4.28 2.33
C LYS A 247 -51.45 -3.21 3.39
N LYS A 248 -51.54 -3.64 4.65
CA LYS A 248 -51.69 -2.72 5.77
C LYS A 248 -50.53 -1.73 5.80
N PHE A 249 -49.32 -2.22 6.07
CA PHE A 249 -48.15 -1.35 6.11
C PHE A 249 -47.94 -0.62 4.79
N GLY A 250 -48.39 -1.24 3.71
CA GLY A 250 -48.25 -0.63 2.41
C GLY A 250 -48.97 0.70 2.37
N GLU A 251 -50.16 0.74 2.98
CA GLU A 251 -50.93 1.97 2.99
C GLU A 251 -50.37 3.01 3.94
N LEU A 252 -49.94 2.60 5.12
CA LEU A 252 -49.38 3.55 6.07
C LEU A 252 -48.14 4.23 5.50
N LEU A 253 -47.30 3.45 4.84
CA LEU A 253 -46.07 3.97 4.25
C LEU A 253 -46.36 4.78 3.00
N GLY A 254 -47.32 4.31 2.20
CA GLY A 254 -47.69 5.00 0.98
C GLY A 254 -48.32 6.35 1.24
N LYS A 255 -48.50 6.69 2.51
CA LYS A 255 -49.10 7.96 2.88
C LYS A 255 -48.15 8.76 3.78
N GLY A 256 -46.88 8.38 3.74
CA GLY A 256 -45.88 9.08 4.52
C GLY A 256 -46.09 9.00 6.02
N ASP A 257 -46.99 8.14 6.47
CA ASP A 257 -47.25 8.01 7.90
C ASP A 257 -46.25 7.01 8.50
N PHE A 258 -44.98 7.42 8.50
CA PHE A 258 -43.91 6.59 9.03
C PHE A 258 -44.07 6.40 10.53
N GLY A 259 -44.59 7.42 11.20
CA GLY A 259 -44.79 7.30 12.62
C GLY A 259 -45.83 6.22 12.89
N GLY A 260 -46.84 6.16 12.02
CA GLY A 260 -47.88 5.18 12.15
C GLY A 260 -47.35 3.78 11.90
N ALA A 261 -46.67 3.61 10.77
CA ALA A 261 -46.09 2.31 10.41
C ALA A 261 -45.24 1.78 11.56
N ILE A 262 -44.36 2.63 12.08
CA ILE A 262 -43.47 2.25 13.17
C ILE A 262 -44.25 1.81 14.40
N GLY A 263 -45.32 2.52 14.72
CA GLY A 263 -46.14 2.18 15.87
C GLY A 263 -46.92 0.90 15.65
N ALA A 264 -47.16 0.56 14.39
CA ALA A 264 -47.89 -0.64 14.03
C ALA A 264 -46.98 -1.87 14.03
N VAL A 265 -45.70 -1.67 14.33
CA VAL A 265 -44.76 -2.78 14.36
C VAL A 265 -44.69 -3.40 15.75
N ASP A 266 -45.10 -4.67 15.85
CA ASP A 266 -45.10 -5.39 17.11
C ASP A 266 -44.01 -6.46 17.18
N ASP A 267 -43.94 -7.17 18.30
CA ASP A 267 -42.94 -8.21 18.47
C ASP A 267 -43.04 -9.35 17.48
N ALA A 268 -44.26 -9.71 17.09
CA ALA A 268 -44.43 -10.79 16.13
C ALA A 268 -43.74 -10.42 14.81
N LEU A 269 -43.85 -9.15 14.42
CA LEU A 269 -43.23 -8.69 13.18
C LEU A 269 -41.71 -8.62 13.33
N MET A 270 -41.25 -8.07 14.46
CA MET A 270 -39.83 -7.96 14.75
C MET A 270 -39.18 -9.35 14.71
N GLU A 271 -39.91 -10.31 15.24
CA GLU A 271 -39.47 -11.71 15.30
C GLU A 271 -39.37 -12.34 13.92
N ALA A 272 -40.34 -12.03 13.08
CA ALA A 272 -40.39 -12.60 11.74
C ALA A 272 -39.50 -11.91 10.70
N PHE A 273 -39.26 -10.62 10.87
CA PHE A 273 -38.51 -9.86 9.88
C PHE A 273 -37.18 -9.21 10.24
N SER A 274 -36.66 -9.50 11.42
CA SER A 274 -35.40 -8.89 11.80
C SER A 274 -34.69 -9.68 12.90
N VAL A 275 -33.47 -9.26 13.18
CA VAL A 275 -32.69 -9.86 14.24
C VAL A 275 -32.27 -8.65 15.09
N VAL A 276 -33.02 -8.42 16.17
CA VAL A 276 -32.75 -7.30 17.05
C VAL A 276 -32.51 -7.77 18.49
N GLY A 277 -31.82 -6.94 19.27
CA GLY A 277 -31.57 -7.30 20.65
C GLY A 277 -30.15 -6.96 21.06
N THR A 278 -29.71 -7.57 22.15
CA THR A 278 -28.37 -7.34 22.67
C THR A 278 -27.46 -8.40 22.06
N PRO A 279 -26.14 -8.23 22.20
CA PRO A 279 -25.20 -9.20 21.66
C PRO A 279 -25.51 -10.64 22.11
N ASP A 280 -25.95 -10.79 23.35
CA ASP A 280 -26.29 -12.12 23.89
C ASP A 280 -27.45 -12.74 23.15
N GLU A 281 -28.44 -11.91 22.82
CA GLU A 281 -29.63 -12.35 22.10
C GLU A 281 -29.33 -12.76 20.66
N PHE A 282 -28.33 -12.12 20.05
CA PHE A 282 -27.95 -12.42 18.66
C PHE A 282 -27.39 -13.81 18.46
N ILE A 283 -26.53 -14.23 19.39
CA ILE A 283 -25.87 -15.52 19.29
C ILE A 283 -26.82 -16.68 19.00
N PRO A 284 -27.84 -16.89 19.85
CA PRO A 284 -28.76 -18.00 19.59
C PRO A 284 -29.51 -17.82 18.25
N LYS A 285 -29.97 -16.61 17.96
CA LYS A 285 -30.69 -16.36 16.71
C LYS A 285 -29.82 -16.68 15.49
N ILE A 286 -28.54 -16.30 15.53
CA ILE A 286 -27.64 -16.57 14.40
C ILE A 286 -27.39 -18.05 14.27
N GLU A 287 -27.18 -18.74 15.39
CA GLU A 287 -26.94 -20.18 15.35
C GLU A 287 -28.18 -20.83 14.75
N ALA A 288 -29.37 -20.32 15.09
CA ALA A 288 -30.62 -20.88 14.58
C ALA A 288 -30.70 -20.72 13.06
N LEU A 289 -30.17 -19.61 12.55
CA LEU A 289 -30.15 -19.38 11.10
C LEU A 289 -29.19 -20.39 10.48
N GLY A 290 -28.03 -20.56 11.11
CA GLY A 290 -27.06 -21.51 10.61
C GLY A 290 -27.60 -22.92 10.55
N GLU A 291 -28.43 -23.27 11.52
CA GLU A 291 -29.02 -24.61 11.56
C GLU A 291 -29.92 -24.80 10.36
N MET A 292 -30.45 -23.71 9.82
CA MET A 292 -31.30 -23.80 8.63
C MET A 292 -30.51 -23.64 7.33
N GLY A 293 -29.19 -23.81 7.38
CA GLY A 293 -28.38 -23.71 6.17
C GLY A 293 -27.72 -22.38 5.84
N VAL A 294 -27.99 -21.35 6.64
CA VAL A 294 -27.38 -20.04 6.41
C VAL A 294 -25.88 -20.16 6.68
N THR A 295 -25.06 -19.73 5.73
CA THR A 295 -23.62 -19.83 5.88
C THR A 295 -22.97 -18.46 5.99
N GLN A 296 -23.70 -17.42 5.61
CA GLN A 296 -23.19 -16.07 5.76
C GLN A 296 -24.29 -15.24 6.39
N TYR A 297 -23.99 -14.66 7.54
CA TYR A 297 -24.96 -13.82 8.21
C TYR A 297 -24.61 -12.39 7.84
N VAL A 298 -25.53 -11.70 7.18
CA VAL A 298 -25.27 -10.31 6.80
C VAL A 298 -26.04 -9.38 7.68
N ALA A 299 -25.33 -8.51 8.41
CA ALA A 299 -26.00 -7.53 9.25
C ALA A 299 -26.42 -6.39 8.31
N GLY A 300 -27.73 -6.32 8.05
CA GLY A 300 -28.25 -5.29 7.17
C GLY A 300 -28.87 -4.14 7.94
N SER A 301 -29.34 -3.13 7.20
CA SER A 301 -29.93 -1.94 7.81
C SER A 301 -30.97 -2.29 8.86
N PRO A 302 -31.03 -1.51 9.96
CA PRO A 302 -30.22 -0.32 10.26
C PRO A 302 -28.84 -0.63 10.86
N ILE A 303 -28.61 -1.91 11.15
CA ILE A 303 -27.40 -2.41 11.81
C ILE A 303 -27.53 -2.13 13.32
N GLY A 304 -27.99 -0.94 13.66
CA GLY A 304 -28.15 -0.59 15.07
C GLY A 304 -28.41 0.89 15.25
N PRO A 305 -28.81 1.33 16.45
CA PRO A 305 -29.07 2.75 16.71
C PRO A 305 -27.90 3.62 16.30
N ASP A 306 -26.70 3.14 16.60
CA ASP A 306 -25.45 3.82 16.27
C ASP A 306 -24.60 2.81 15.52
N LYS A 307 -24.47 2.97 14.21
CA LYS A 307 -23.70 2.03 13.42
C LYS A 307 -22.33 1.71 13.95
N GLU A 308 -21.55 2.74 14.31
CA GLU A 308 -20.22 2.48 14.80
C GLU A 308 -20.24 1.59 16.05
N LYS A 309 -21.08 1.98 17.01
CA LYS A 309 -21.20 1.21 18.25
C LYS A 309 -21.68 -0.21 17.93
N SER A 310 -22.70 -0.31 17.11
CA SER A 310 -23.26 -1.60 16.74
C SER A 310 -22.28 -2.54 16.06
N ILE A 311 -21.47 -2.00 15.15
CA ILE A 311 -20.48 -2.82 14.47
C ILE A 311 -19.54 -3.41 15.52
N LYS A 312 -19.20 -2.61 16.52
CA LYS A 312 -18.32 -3.09 17.59
C LYS A 312 -19.02 -4.21 18.37
N LEU A 313 -20.32 -4.05 18.61
CA LEU A 313 -21.08 -5.09 19.32
C LEU A 313 -21.13 -6.36 18.48
N LEU A 314 -21.36 -6.21 17.18
CA LEU A 314 -21.38 -7.37 16.30
C LEU A 314 -20.00 -8.04 16.34
N GLY A 315 -18.96 -7.26 16.63
CA GLY A 315 -17.63 -7.82 16.74
C GLY A 315 -17.60 -8.81 17.90
N GLU A 316 -18.31 -8.50 18.97
CA GLU A 316 -18.35 -9.40 20.12
C GLU A 316 -19.10 -10.66 19.71
N VAL A 317 -20.15 -10.47 18.92
CA VAL A 317 -20.94 -11.60 18.45
C VAL A 317 -20.08 -12.50 17.59
N ILE A 318 -19.35 -11.90 16.66
CA ILE A 318 -18.48 -12.66 15.78
C ILE A 318 -17.43 -13.46 16.53
N ALA A 319 -16.96 -12.91 17.65
CA ALA A 319 -15.94 -13.59 18.46
C ALA A 319 -16.53 -14.88 19.04
N SER A 320 -17.86 -14.95 19.10
CA SER A 320 -18.52 -16.14 19.63
C SER A 320 -18.68 -17.23 18.58
N PHE A 321 -18.35 -16.93 17.33
CA PHE A 321 -18.45 -17.93 16.28
C PHE A 321 -17.06 -18.27 15.74
N MET B 1 -8.06 30.44 -24.26
CA MET B 1 -7.99 28.99 -24.56
C MET B 1 -7.79 28.18 -23.29
N LYS B 2 -8.67 27.22 -23.04
CA LYS B 2 -8.49 26.38 -21.87
C LYS B 2 -7.98 25.02 -22.31
N PHE B 3 -7.31 24.34 -21.39
CA PHE B 3 -6.73 23.05 -21.70
C PHE B 3 -7.30 21.85 -20.96
N GLY B 4 -7.48 20.78 -21.72
CA GLY B 4 -7.97 19.55 -21.15
C GLY B 4 -7.00 18.47 -21.56
N ILE B 5 -7.07 17.33 -20.88
CA ILE B 5 -6.19 16.23 -21.20
C ILE B 5 -7.01 14.94 -21.09
N GLU B 6 -6.71 13.99 -21.98
CA GLU B 6 -7.42 12.73 -22.05
C GLU B 6 -6.59 11.55 -21.58
N PHE B 7 -7.21 10.67 -20.82
CA PHE B 7 -6.54 9.45 -20.38
C PHE B 7 -7.46 8.28 -20.64
N VAL B 8 -6.87 7.17 -21.05
CA VAL B 8 -7.61 5.95 -21.30
C VAL B 8 -7.36 5.08 -20.07
N PRO B 9 -8.43 4.60 -19.41
CA PRO B 9 -8.27 3.76 -18.22
C PRO B 9 -7.79 2.36 -18.57
N ASN B 10 -6.63 2.23 -19.19
CA ASN B 10 -6.11 0.90 -19.50
C ASN B 10 -4.75 0.67 -18.87
N GLU B 11 -4.43 1.45 -17.85
CA GLU B 11 -3.20 1.31 -17.07
C GLU B 11 -3.63 1.54 -15.62
N PRO B 12 -2.79 1.17 -14.64
CA PRO B 12 -3.20 1.36 -13.25
C PRO B 12 -3.76 2.72 -12.92
N ILE B 13 -4.93 2.70 -12.29
CA ILE B 13 -5.61 3.92 -11.91
C ILE B 13 -4.73 4.82 -11.04
N GLU B 14 -3.97 4.24 -10.11
CA GLU B 14 -3.09 5.04 -9.25
C GLU B 14 -2.16 5.90 -10.12
N LYS B 15 -1.66 5.32 -11.20
CA LYS B 15 -0.76 6.04 -12.10
C LYS B 15 -1.51 7.18 -12.80
N ILE B 16 -2.71 6.90 -13.30
CA ILE B 16 -3.50 7.90 -13.98
C ILE B 16 -3.80 9.06 -13.04
N VAL B 17 -4.08 8.75 -11.78
CA VAL B 17 -4.35 9.79 -10.81
C VAL B 17 -3.18 10.77 -10.70
N LYS B 18 -1.96 10.22 -10.60
CA LYS B 18 -0.76 11.04 -10.51
C LYS B 18 -0.56 11.87 -11.78
N LEU B 19 -0.80 11.28 -12.94
CA LEU B 19 -0.66 12.03 -14.19
C LEU B 19 -1.68 13.14 -14.26
N VAL B 20 -2.88 12.91 -13.74
CA VAL B 20 -3.89 13.96 -13.79
C VAL B 20 -3.53 15.07 -12.80
N LYS B 21 -2.94 14.69 -11.68
CA LYS B 21 -2.54 15.66 -10.66
C LYS B 21 -1.43 16.52 -11.27
N LEU B 22 -0.53 15.89 -12.01
CA LEU B 22 0.57 16.59 -12.67
C LEU B 22 -0.03 17.57 -13.66
N ALA B 23 -0.97 17.09 -14.46
CA ALA B 23 -1.63 17.92 -15.45
C ALA B 23 -2.26 19.12 -14.77
N GLU B 24 -2.86 18.87 -13.61
CA GLU B 24 -3.52 19.93 -12.86
C GLU B 24 -2.49 20.94 -12.39
N ASP B 25 -1.35 20.42 -11.94
CA ASP B 25 -0.28 21.27 -11.45
C ASP B 25 0.33 22.17 -12.52
N VAL B 26 0.31 21.73 -13.78
CA VAL B 26 0.89 22.54 -14.84
C VAL B 26 -0.14 23.37 -15.57
N GLY B 27 -1.37 23.42 -15.06
CA GLY B 27 -2.37 24.25 -15.71
C GLY B 27 -3.56 23.67 -16.45
N PHE B 28 -3.65 22.36 -16.62
CA PHE B 28 -4.83 21.84 -17.30
C PHE B 28 -6.05 22.08 -16.41
N GLU B 29 -7.16 22.46 -17.03
CA GLU B 29 -8.39 22.72 -16.27
C GLU B 29 -9.43 21.61 -16.43
N TYR B 30 -9.21 20.71 -17.40
CA TYR B 30 -10.14 19.61 -17.61
C TYR B 30 -9.41 18.29 -17.82
N ALA B 31 -10.00 17.21 -17.28
CA ALA B 31 -9.46 15.86 -17.45
C ALA B 31 -10.60 15.02 -18.01
N TRP B 32 -10.32 14.32 -19.10
CA TRP B 32 -11.34 13.48 -19.72
C TRP B 32 -10.89 12.05 -19.70
N ILE B 33 -11.76 11.17 -19.22
CA ILE B 33 -11.44 9.76 -19.14
C ILE B 33 -12.38 9.01 -20.07
N THR B 34 -11.83 8.20 -20.97
CA THR B 34 -12.69 7.48 -21.90
C THR B 34 -13.46 6.40 -21.17
N ASP B 35 -14.60 6.04 -21.76
CA ASP B 35 -15.53 5.06 -21.19
C ASP B 35 -15.90 3.95 -22.17
N HIS B 36 -15.27 2.79 -21.97
CA HIS B 36 -15.54 1.62 -22.80
C HIS B 36 -15.59 0.46 -21.85
N TYR B 37 -16.51 -0.46 -22.13
CA TYR B 37 -16.69 -1.63 -21.29
C TYR B 37 -15.42 -2.47 -21.22
N ASN B 38 -14.58 -2.43 -22.26
CA ASN B 38 -13.39 -3.26 -22.25
C ASN B 38 -12.17 -2.70 -21.50
N ASN B 39 -12.30 -1.53 -20.91
CA ASN B 39 -11.23 -0.95 -20.13
C ASN B 39 -11.75 -0.76 -18.71
N LYS B 40 -10.95 -0.17 -17.83
CA LYS B 40 -11.38 0.03 -16.46
C LYS B 40 -12.58 0.96 -16.36
N ASN B 41 -13.42 0.70 -15.35
CA ASN B 41 -14.62 1.49 -15.15
C ASN B 41 -14.28 2.96 -15.02
N VAL B 42 -14.92 3.78 -15.83
CA VAL B 42 -14.66 5.21 -15.88
C VAL B 42 -14.97 5.92 -14.58
N TYR B 43 -16.02 5.49 -13.89
CA TYR B 43 -16.39 6.16 -12.65
C TYR B 43 -15.52 5.79 -11.47
N GLU B 44 -15.05 4.56 -11.42
CA GLU B 44 -14.16 4.17 -10.34
C GLU B 44 -12.85 4.95 -10.58
N THR B 45 -12.49 5.12 -11.86
CA THR B 45 -11.27 5.84 -12.21
C THR B 45 -11.43 7.30 -11.78
N LEU B 46 -12.55 7.90 -12.20
CA LEU B 46 -12.83 9.28 -11.87
C LEU B 46 -12.91 9.54 -10.37
N ALA B 47 -13.47 8.59 -9.63
CA ALA B 47 -13.58 8.74 -8.19
C ALA B 47 -12.20 8.84 -7.55
N LEU B 48 -11.29 7.94 -7.93
CA LEU B 48 -9.96 8.00 -7.33
C LEU B 48 -9.21 9.25 -7.79
N ILE B 49 -9.47 9.68 -9.03
CA ILE B 49 -8.83 10.89 -9.55
C ILE B 49 -9.32 12.08 -8.72
N ALA B 50 -10.63 12.12 -8.46
CA ALA B 50 -11.18 13.20 -7.67
C ALA B 50 -10.48 13.27 -6.31
N GLU B 51 -10.24 12.12 -5.69
CA GLU B 51 -9.55 12.09 -4.40
C GLU B 51 -8.16 12.68 -4.48
N GLY B 52 -7.44 12.38 -5.55
CA GLY B 52 -6.08 12.86 -5.70
C GLY B 52 -5.87 14.17 -6.41
N THR B 53 -6.93 14.96 -6.58
CA THR B 53 -6.83 16.25 -7.25
C THR B 53 -7.61 17.30 -6.47
N GLU B 54 -7.43 18.57 -6.82
CA GLU B 54 -8.10 19.64 -6.09
C GLU B 54 -8.86 20.66 -6.90
N THR B 55 -8.47 20.88 -8.15
CA THR B 55 -9.14 21.92 -8.93
C THR B 55 -9.53 21.55 -10.37
N ILE B 56 -8.82 20.60 -10.97
CA ILE B 56 -9.12 20.21 -12.33
C ILE B 56 -10.54 19.63 -12.45
N LYS B 57 -11.23 19.96 -13.52
CA LYS B 57 -12.56 19.42 -13.71
C LYS B 57 -12.40 18.05 -14.36
N LEU B 58 -13.27 17.11 -13.99
CA LEU B 58 -13.17 15.76 -14.52
C LEU B 58 -14.50 15.11 -14.84
N GLY B 59 -14.47 14.27 -15.87
CA GLY B 59 -15.67 13.58 -16.28
C GLY B 59 -15.37 12.61 -17.40
N PRO B 60 -16.35 11.78 -17.77
CA PRO B 60 -16.16 10.81 -18.84
C PRO B 60 -16.10 11.55 -20.19
N GLY B 61 -15.22 11.11 -21.07
CA GLY B 61 -15.11 11.76 -22.37
C GLY B 61 -14.94 10.71 -23.46
N VAL B 62 -16.04 10.11 -23.92
CA VAL B 62 -17.37 10.43 -23.43
C VAL B 62 -18.09 9.13 -23.11
N THR B 63 -19.13 9.22 -22.30
CA THR B 63 -19.91 8.01 -22.04
C THR B 63 -20.98 8.00 -23.15
N ASN B 64 -21.96 7.12 -23.02
CA ASN B 64 -23.04 7.05 -24.00
C ASN B 64 -24.30 6.62 -23.27
N PRO B 65 -25.47 6.78 -23.90
CA PRO B 65 -26.75 6.42 -23.28
C PRO B 65 -27.19 4.98 -23.45
N TYR B 66 -26.34 4.14 -24.02
CA TYR B 66 -26.72 2.75 -24.26
C TYR B 66 -26.23 1.70 -23.28
N VAL B 67 -25.00 1.85 -22.78
CA VAL B 67 -24.42 0.86 -21.88
C VAL B 67 -24.86 1.02 -20.44
N ARG B 68 -25.37 2.21 -20.12
CA ARG B 68 -25.89 2.45 -18.78
C ARG B 68 -27.15 3.28 -18.96
N SER B 69 -28.07 3.14 -18.02
CA SER B 69 -29.28 3.94 -18.05
C SER B 69 -28.86 5.39 -17.77
N PRO B 70 -29.45 6.35 -18.49
CA PRO B 70 -29.08 7.74 -18.25
C PRO B 70 -29.21 8.11 -16.77
N ALA B 71 -30.13 7.46 -16.06
CA ALA B 71 -30.31 7.75 -14.64
C ALA B 71 -29.11 7.27 -13.84
N ILE B 72 -28.52 6.15 -14.28
CA ILE B 72 -27.33 5.64 -13.60
C ILE B 72 -26.19 6.63 -13.88
N THR B 73 -26.08 7.08 -15.13
CA THR B 73 -25.03 8.04 -15.47
C THR B 73 -25.23 9.29 -14.62
N ALA B 74 -26.47 9.75 -14.48
CA ALA B 74 -26.73 10.93 -13.67
C ALA B 74 -26.22 10.77 -12.23
N SER B 75 -26.56 9.64 -11.60
CA SER B 75 -26.09 9.45 -10.22
C SER B 75 -24.58 9.25 -10.17
N ALA B 76 -24.01 8.62 -11.19
CA ALA B 76 -22.56 8.44 -11.18
C ALA B 76 -21.90 9.83 -11.24
N ILE B 77 -22.46 10.73 -12.06
CA ILE B 77 -21.90 12.07 -12.19
C ILE B 77 -22.15 12.87 -10.92
N ALA B 78 -23.35 12.74 -10.35
CA ALA B 78 -23.67 13.45 -9.12
C ALA B 78 -22.73 12.98 -8.00
N THR B 79 -22.45 11.68 -7.97
CA THR B 79 -21.56 11.13 -6.95
C THR B 79 -20.17 11.71 -7.11
N LEU B 80 -19.71 11.79 -8.35
CA LEU B 80 -18.40 12.34 -8.66
C LEU B 80 -18.40 13.79 -8.26
N ASP B 81 -19.52 14.47 -8.53
CA ASP B 81 -19.60 15.88 -8.20
C ASP B 81 -19.42 16.08 -6.70
N GLU B 82 -20.04 15.22 -5.90
CA GLU B 82 -19.90 15.33 -4.45
C GLU B 82 -18.46 15.05 -4.07
N LEU B 83 -17.90 13.96 -4.59
CA LEU B 83 -16.52 13.59 -4.26
C LEU B 83 -15.48 14.66 -4.64
N SER B 84 -15.71 15.39 -5.71
CA SER B 84 -14.74 16.41 -6.15
C SER B 84 -15.14 17.82 -5.72
N ASN B 85 -16.27 17.93 -5.02
CA ASN B 85 -16.78 19.20 -4.55
C ASN B 85 -17.12 20.14 -5.70
N GLY B 86 -17.95 19.67 -6.63
CA GLY B 86 -18.37 20.50 -7.73
C GLY B 86 -17.47 20.63 -8.95
N ARG B 87 -16.70 19.59 -9.25
CA ARG B 87 -15.78 19.60 -10.39
C ARG B 87 -16.15 18.63 -11.53
N ALA B 88 -17.29 17.96 -11.39
CA ALA B 88 -17.69 17.00 -12.41
C ALA B 88 -18.11 17.63 -13.73
N THR B 89 -17.88 16.88 -14.79
CA THR B 89 -18.30 17.27 -16.13
C THR B 89 -18.89 15.98 -16.69
N LEU B 90 -19.70 16.11 -17.72
CA LEU B 90 -20.30 14.94 -18.30
C LEU B 90 -20.23 14.98 -19.80
N GLY B 91 -19.41 14.10 -20.37
CA GLY B 91 -19.32 14.04 -21.81
C GLY B 91 -20.11 12.85 -22.29
N ILE B 92 -21.00 13.05 -23.25
CA ILE B 92 -21.78 11.94 -23.75
C ILE B 92 -21.84 11.92 -25.26
N GLY B 93 -21.72 10.73 -25.83
CA GLY B 93 -21.74 10.55 -27.27
C GLY B 93 -22.64 9.39 -27.64
N PRO B 94 -22.82 9.13 -28.94
CA PRO B 94 -23.67 8.05 -29.43
C PRO B 94 -23.07 6.66 -29.31
N GLY B 95 -21.75 6.57 -29.15
CA GLY B 95 -21.12 5.27 -29.05
C GLY B 95 -20.81 4.72 -30.43
N ASP B 96 -20.54 3.44 -30.54
CA ASP B 96 -20.24 2.85 -31.84
C ASP B 96 -20.95 1.53 -32.04
N LYS B 97 -21.37 1.27 -33.27
CA LYS B 97 -22.09 0.04 -33.61
C LYS B 97 -21.37 -1.24 -33.22
N ALA B 98 -20.09 -1.33 -33.55
CA ALA B 98 -19.29 -2.52 -33.25
C ALA B 98 -19.37 -2.89 -31.77
N THR B 99 -19.33 -1.88 -30.90
CA THR B 99 -19.40 -2.12 -29.47
C THR B 99 -20.76 -2.67 -29.10
N PHE B 100 -21.81 -1.98 -29.51
CA PHE B 100 -23.15 -2.43 -29.17
C PHE B 100 -23.52 -3.77 -29.80
N ASP B 101 -22.90 -4.08 -30.94
CA ASP B 101 -23.14 -5.36 -31.60
C ASP B 101 -22.57 -6.44 -30.67
N ALA B 102 -21.37 -6.19 -30.16
CA ALA B 102 -20.73 -7.12 -29.26
C ALA B 102 -21.50 -7.24 -27.95
N LEU B 103 -22.18 -6.17 -27.54
CA LEU B 103 -22.95 -6.19 -26.29
C LEU B 103 -24.42 -6.52 -26.51
N GLY B 104 -24.77 -6.83 -27.76
CA GLY B 104 -26.15 -7.17 -28.05
C GLY B 104 -27.12 -6.06 -27.72
N ILE B 105 -26.68 -4.82 -27.93
CA ILE B 105 -27.52 -3.66 -27.67
C ILE B 105 -27.96 -3.05 -29.00
N GLU B 106 -29.24 -2.72 -29.07
CA GLU B 106 -29.86 -2.13 -30.26
C GLU B 106 -29.49 -0.65 -30.34
N TRP B 107 -28.65 -0.30 -31.30
CA TRP B 107 -28.21 1.08 -31.45
C TRP B 107 -29.24 1.90 -32.22
N VAL B 108 -30.34 2.22 -31.57
CA VAL B 108 -31.40 2.97 -32.23
C VAL B 108 -31.40 4.47 -32.04
N LYS B 109 -31.78 5.16 -33.12
CA LYS B 109 -31.92 6.61 -33.17
C LYS B 109 -30.97 7.34 -32.22
N PRO B 110 -29.67 7.29 -32.52
CA PRO B 110 -28.64 7.93 -31.70
C PRO B 110 -28.96 9.37 -31.32
N VAL B 111 -29.43 10.15 -32.29
CA VAL B 111 -29.73 11.55 -32.01
C VAL B 111 -30.80 11.73 -30.96
N SER B 112 -31.98 11.16 -31.18
CA SER B 112 -33.05 11.31 -30.19
C SER B 112 -32.70 10.55 -28.91
N THR B 113 -31.98 9.44 -29.04
CA THR B 113 -31.60 8.69 -27.85
C THR B 113 -30.78 9.61 -26.94
N ILE B 114 -29.75 10.26 -27.51
CA ILE B 114 -28.91 11.18 -26.74
C ILE B 114 -29.75 12.33 -26.19
N ARG B 115 -30.59 12.88 -27.07
CA ARG B 115 -31.47 13.99 -26.72
C ARG B 115 -32.31 13.61 -25.49
N ASP B 116 -32.98 12.46 -25.55
CA ASP B 116 -33.81 12.01 -24.43
C ASP B 116 -32.94 11.81 -23.18
N ALA B 117 -31.78 11.17 -23.36
CA ALA B 117 -30.89 10.90 -22.24
C ALA B 117 -30.48 12.19 -21.53
N ILE B 118 -30.12 13.21 -22.30
CA ILE B 118 -29.70 14.46 -21.72
C ILE B 118 -30.86 15.12 -20.98
N ALA B 119 -32.05 15.08 -21.56
CA ALA B 119 -33.20 15.68 -20.90
C ALA B 119 -33.39 15.01 -19.54
N MET B 120 -33.37 13.68 -19.53
CA MET B 120 -33.54 12.94 -18.29
C MET B 120 -32.46 13.32 -17.29
N MET B 121 -31.20 13.30 -17.72
CA MET B 121 -30.10 13.64 -16.83
C MET B 121 -30.14 15.05 -16.31
N ARG B 122 -30.58 16.01 -17.13
CA ARG B 122 -30.65 17.36 -16.60
C ARG B 122 -31.71 17.42 -15.49
N THR B 123 -32.81 16.70 -15.68
CA THR B 123 -33.86 16.69 -14.65
C THR B 123 -33.30 16.08 -13.36
N LEU B 124 -32.70 14.89 -13.47
CA LEU B 124 -32.15 14.22 -12.29
C LEU B 124 -31.03 14.99 -11.61
N LEU B 125 -30.09 15.51 -12.39
CA LEU B 125 -28.97 16.25 -11.81
C LEU B 125 -29.43 17.53 -11.11
N ALA B 126 -30.58 18.04 -11.53
CA ALA B 126 -31.14 19.24 -10.93
C ALA B 126 -31.80 18.86 -9.61
N GLY B 127 -31.93 17.55 -9.38
CA GLY B 127 -32.56 17.09 -8.15
C GLY B 127 -34.07 17.05 -8.30
N GLU B 128 -34.53 17.07 -9.54
CA GLU B 128 -35.97 17.05 -9.80
C GLU B 128 -36.45 15.66 -10.16
N LYS B 129 -37.76 15.51 -10.31
CA LYS B 129 -38.39 14.23 -10.63
C LYS B 129 -38.83 14.16 -12.08
N THR B 130 -38.45 13.09 -12.78
CA THR B 130 -38.85 12.97 -14.17
C THR B 130 -40.34 12.68 -14.25
N GLU B 131 -40.90 12.78 -15.45
CA GLU B 131 -42.31 12.52 -15.66
C GLU B 131 -42.57 11.06 -15.28
N SER B 132 -41.57 10.21 -15.49
CA SER B 132 -41.69 8.78 -15.19
C SER B 132 -41.56 8.46 -13.70
N GLY B 133 -41.22 9.46 -12.88
CA GLY B 133 -41.09 9.22 -11.46
C GLY B 133 -39.67 9.05 -10.91
N ALA B 134 -38.69 8.92 -11.78
CA ALA B 134 -37.30 8.77 -11.34
C ALA B 134 -36.80 10.05 -10.68
N GLN B 135 -36.05 9.91 -9.60
CA GLN B 135 -35.50 11.06 -8.89
C GLN B 135 -34.34 10.64 -8.01
N LEU B 136 -33.30 11.45 -7.95
CA LEU B 136 -32.15 11.11 -7.11
C LEU B 136 -32.56 11.37 -5.67
N MET B 137 -32.11 10.51 -4.75
CA MET B 137 -32.44 10.65 -3.34
C MET B 137 -31.24 10.67 -2.40
N GLY B 138 -30.34 9.70 -2.54
CA GLY B 138 -29.19 9.63 -1.66
C GLY B 138 -27.93 10.31 -2.16
N VAL B 139 -28.03 11.02 -3.26
CA VAL B 139 -26.88 11.73 -3.80
C VAL B 139 -27.36 13.03 -4.41
N LYS B 140 -26.56 14.09 -4.27
CA LYS B 140 -26.95 15.37 -4.83
C LYS B 140 -25.77 16.12 -5.44
N ALA B 141 -25.99 16.68 -6.62
CA ALA B 141 -24.95 17.44 -7.31
C ALA B 141 -24.58 18.66 -6.46
N VAL B 142 -23.36 19.14 -6.65
CA VAL B 142 -22.89 20.31 -5.94
C VAL B 142 -23.09 21.52 -6.85
N GLN B 143 -22.70 21.36 -8.11
CA GLN B 143 -22.86 22.41 -9.11
C GLN B 143 -24.33 22.65 -9.39
N GLU B 144 -24.68 23.90 -9.65
CA GLU B 144 -26.06 24.24 -9.96
C GLU B 144 -26.41 23.57 -11.29
N LYS B 145 -25.46 23.58 -12.21
CA LYS B 145 -25.67 22.92 -13.49
C LYS B 145 -24.38 22.27 -13.96
N ILE B 146 -24.32 20.95 -13.84
CA ILE B 146 -23.15 20.21 -14.25
C ILE B 146 -23.10 20.32 -15.77
N PRO B 147 -21.94 20.69 -16.33
CA PRO B 147 -21.79 20.82 -17.77
C PRO B 147 -21.91 19.50 -18.51
N ILE B 148 -22.72 19.48 -19.56
CA ILE B 148 -22.87 18.28 -20.35
C ILE B 148 -22.33 18.57 -21.74
N TYR B 149 -21.29 17.83 -22.10
CA TYR B 149 -20.67 17.97 -23.42
C TYR B 149 -21.11 16.82 -24.29
N MET B 150 -21.40 17.12 -25.56
CA MET B 150 -21.77 16.09 -26.49
C MET B 150 -20.61 15.82 -27.42
N GLY B 151 -20.34 14.53 -27.65
CA GLY B 151 -19.31 14.18 -28.60
C GLY B 151 -20.09 14.39 -29.88
N ALA B 152 -19.55 15.20 -30.78
CA ALA B 152 -20.24 15.48 -32.03
C ALA B 152 -19.26 15.39 -33.18
N GLN B 153 -19.47 14.40 -34.03
CA GLN B 153 -18.59 14.18 -35.17
C GLN B 153 -19.33 14.37 -36.48
N GLY B 154 -20.62 14.73 -36.39
CA GLY B 154 -21.41 14.92 -37.59
C GLY B 154 -22.30 16.15 -37.50
N PRO B 155 -22.91 16.56 -38.61
CA PRO B 155 -23.79 17.74 -38.67
C PRO B 155 -24.95 17.72 -37.66
N MET B 156 -25.73 16.65 -37.65
CA MET B 156 -26.85 16.59 -36.70
C MET B 156 -26.40 16.70 -35.26
N MET B 157 -25.36 15.95 -34.90
CA MET B 157 -24.85 15.99 -33.53
C MET B 157 -24.32 17.37 -33.18
N LEU B 158 -23.67 18.02 -34.14
CA LEU B 158 -23.16 19.37 -33.89
C LEU B 158 -24.32 20.32 -33.65
N LYS B 159 -25.33 20.24 -34.51
CA LYS B 159 -26.52 21.09 -34.36
C LYS B 159 -27.13 20.83 -32.99
N THR B 160 -27.35 19.54 -32.72
CA THR B 160 -27.95 19.12 -31.46
C THR B 160 -27.11 19.60 -30.28
N ALA B 161 -25.79 19.48 -30.41
CA ALA B 161 -24.89 19.92 -29.35
C ALA B 161 -25.10 21.41 -29.07
N GLY B 162 -25.35 22.18 -30.12
CA GLY B 162 -25.59 23.60 -29.94
C GLY B 162 -26.93 23.80 -29.25
N GLU B 163 -27.92 23.03 -29.67
CA GLU B 163 -29.28 23.14 -29.10
C GLU B 163 -29.39 22.75 -27.63
N ILE B 164 -28.81 21.61 -27.23
CA ILE B 164 -28.97 21.13 -25.85
C ILE B 164 -27.76 20.93 -24.95
N SER B 165 -26.55 21.06 -25.47
CA SER B 165 -25.39 20.83 -24.61
C SER B 165 -24.70 22.10 -24.17
N ASP B 166 -23.66 21.93 -23.36
CA ASP B 166 -22.87 23.03 -22.83
C ASP B 166 -21.49 23.00 -23.47
N GLY B 167 -21.31 22.08 -24.40
CA GLY B 167 -20.01 21.97 -25.05
C GLY B 167 -20.00 20.82 -26.01
N ALA B 168 -19.06 20.86 -26.95
CA ALA B 168 -18.94 19.81 -27.93
C ALA B 168 -17.52 19.29 -27.95
N LEU B 169 -17.38 17.98 -27.86
CA LEU B 169 -16.08 17.33 -27.91
C LEU B 169 -16.00 16.82 -29.33
N ILE B 170 -15.17 17.48 -30.13
CA ILE B 170 -15.02 17.14 -31.53
C ILE B 170 -13.69 16.46 -31.78
N ASN B 171 -13.77 15.26 -32.33
CA ASN B 171 -12.57 14.50 -32.62
C ASN B 171 -11.92 15.02 -33.89
N ALA B 172 -11.19 16.13 -33.76
CA ALA B 172 -10.52 16.76 -34.89
C ALA B 172 -9.35 17.55 -34.35
N SER B 173 -8.31 17.70 -35.17
CA SER B 173 -7.12 18.42 -34.73
C SER B 173 -6.72 19.58 -35.65
N ASN B 174 -7.43 19.76 -36.76
CA ASN B 174 -7.07 20.80 -37.73
C ASN B 174 -8.10 21.93 -37.79
N PRO B 175 -7.63 23.17 -37.93
CA PRO B 175 -8.50 24.36 -38.01
C PRO B 175 -9.61 24.24 -39.05
N LYS B 176 -9.33 23.59 -40.17
CA LYS B 176 -10.32 23.44 -41.23
C LYS B 176 -11.55 22.70 -40.74
N ASP B 177 -11.35 21.76 -39.83
CA ASP B 177 -12.46 20.97 -39.29
C ASP B 177 -13.41 21.83 -38.49
N PHE B 178 -12.84 22.70 -37.65
CA PHE B 178 -13.68 23.54 -36.83
C PHE B 178 -14.28 24.70 -37.62
N GLU B 179 -13.73 24.95 -38.80
CA GLU B 179 -14.23 26.01 -39.65
C GLU B 179 -15.59 25.52 -40.14
N ALA B 180 -15.66 24.22 -40.41
CA ALA B 180 -16.87 23.60 -40.88
C ALA B 180 -17.84 23.24 -39.75
N ALA B 181 -17.30 22.82 -38.61
CA ALA B 181 -18.12 22.40 -37.47
C ALA B 181 -18.81 23.48 -36.64
N VAL B 182 -18.04 24.47 -36.20
CA VAL B 182 -18.60 25.54 -35.37
C VAL B 182 -19.86 26.20 -35.92
N PRO B 183 -19.91 26.49 -37.23
CA PRO B 183 -21.11 27.11 -37.78
C PRO B 183 -22.35 26.25 -37.53
N LEU B 184 -22.18 24.93 -37.62
CA LEU B 184 -23.29 24.01 -37.39
C LEU B 184 -23.72 24.07 -35.93
N ILE B 185 -22.77 24.26 -35.04
CA ILE B 185 -23.04 24.36 -33.61
C ILE B 185 -23.77 25.66 -33.35
N LYS B 186 -23.30 26.73 -34.01
CA LYS B 186 -23.89 28.05 -33.86
C LYS B 186 -25.36 27.99 -34.31
N GLU B 187 -25.61 27.35 -35.45
CA GLU B 187 -26.95 27.21 -36.00
C GLU B 187 -27.87 26.53 -34.98
N GLY B 188 -27.37 25.46 -34.36
CA GLY B 188 -28.14 24.75 -33.37
C GLY B 188 -28.42 25.58 -32.14
N ALA B 189 -27.41 26.29 -31.66
CA ALA B 189 -27.56 27.11 -30.48
C ALA B 189 -28.57 28.24 -30.71
N GLU B 190 -28.46 28.93 -31.84
CA GLU B 190 -29.38 30.03 -32.15
C GLU B 190 -30.80 29.50 -32.18
N ALA B 191 -30.98 28.34 -32.81
CA ALA B 191 -32.30 27.72 -32.91
C ALA B 191 -32.91 27.49 -31.53
N ALA B 192 -32.06 27.30 -30.53
CA ALA B 192 -32.53 27.05 -29.17
C ALA B 192 -32.55 28.31 -28.32
N GLY B 193 -32.28 29.45 -28.96
CA GLY B 193 -32.27 30.71 -28.23
C GLY B 193 -31.02 30.88 -27.40
N LYS B 194 -29.99 30.10 -27.75
CA LYS B 194 -28.72 30.14 -27.06
C LYS B 194 -27.70 30.83 -27.94
N SER B 195 -26.53 31.07 -27.38
CA SER B 195 -25.44 31.73 -28.11
C SER B 195 -24.28 30.75 -28.29
N ILE B 196 -23.56 30.87 -29.41
CA ILE B 196 -22.42 29.99 -29.64
C ILE B 196 -21.44 30.23 -28.51
N ALA B 197 -21.57 31.37 -27.84
CA ALA B 197 -20.69 31.73 -26.73
C ALA B 197 -21.01 30.88 -25.50
N ASP B 198 -22.14 30.17 -25.56
CA ASP B 198 -22.55 29.31 -24.45
C ASP B 198 -22.02 27.89 -24.59
N ILE B 199 -21.52 27.55 -25.78
CA ILE B 199 -21.01 26.21 -26.02
C ILE B 199 -19.49 26.15 -26.02
N ASP B 200 -18.92 25.34 -25.13
CA ASP B 200 -17.49 25.19 -25.07
C ASP B 200 -17.11 24.26 -26.22
N VAL B 201 -16.43 24.81 -27.21
CA VAL B 201 -16.01 24.02 -28.38
C VAL B 201 -14.66 23.41 -28.05
N ALA B 202 -14.67 22.11 -27.75
CA ALA B 202 -13.44 21.43 -27.39
C ALA B 202 -12.87 20.56 -28.48
N ALA B 203 -11.62 20.84 -28.83
CA ALA B 203 -10.92 20.08 -29.85
C ALA B 203 -10.33 18.86 -29.19
N TYR B 204 -10.95 17.70 -29.42
CA TYR B 204 -10.50 16.44 -28.85
C TYR B 204 -9.46 15.93 -29.85
N THR B 205 -8.24 16.44 -29.73
CA THR B 205 -7.16 16.13 -30.67
C THR B 205 -6.26 14.96 -30.38
N CYS B 206 -5.61 14.49 -31.44
CA CYS B 206 -4.62 13.46 -31.30
C CYS B 206 -3.41 14.34 -31.02
N CYS B 207 -2.86 14.25 -29.83
CA CYS B 207 -1.73 15.08 -29.42
C CYS B 207 -0.46 14.30 -29.14
N SER B 208 0.67 14.83 -29.59
CA SER B 208 1.94 14.18 -29.34
C SER B 208 3.01 15.27 -29.34
N ILE B 209 3.47 15.61 -28.15
CA ILE B 209 4.46 16.66 -27.96
C ILE B 209 5.75 16.10 -27.38
N ASP B 210 6.89 16.60 -27.87
CA ASP B 210 8.18 16.15 -27.39
C ASP B 210 9.30 17.06 -27.91
N GLU B 211 10.43 17.07 -27.23
CA GLU B 211 11.57 17.88 -27.65
C GLU B 211 11.94 17.45 -29.08
N ASP B 212 11.89 16.15 -29.32
CA ASP B 212 12.20 15.57 -30.62
C ASP B 212 10.92 15.48 -31.46
N ALA B 213 10.78 16.37 -32.43
CA ALA B 213 9.60 16.39 -33.29
C ALA B 213 9.36 15.06 -34.00
N ALA B 214 10.44 14.36 -34.31
CA ALA B 214 10.33 13.07 -35.00
C ALA B 214 9.71 12.05 -34.05
N ALA B 215 10.26 11.96 -32.85
CA ALA B 215 9.77 11.02 -31.84
C ALA B 215 8.29 11.29 -31.57
N ALA B 216 7.93 12.57 -31.51
CA ALA B 216 6.56 12.97 -31.27
C ALA B 216 5.64 12.41 -32.36
N ALA B 217 6.02 12.67 -33.61
CA ALA B 217 5.23 12.21 -34.75
C ALA B 217 5.06 10.69 -34.73
N ASN B 218 6.13 9.97 -34.44
CA ASN B 218 6.07 8.52 -34.41
C ASN B 218 5.07 7.95 -33.41
N ALA B 219 4.98 8.56 -32.24
CA ALA B 219 4.05 8.08 -31.22
C ALA B 219 2.60 8.29 -31.61
N ALA B 220 2.35 9.25 -32.49
CA ALA B 220 0.99 9.57 -32.90
C ALA B 220 0.50 8.86 -34.15
N LYS B 221 1.41 8.29 -34.92
CA LYS B 221 1.04 7.63 -36.17
C LYS B 221 -0.06 6.58 -36.09
N ILE B 222 0.05 5.66 -35.14
CA ILE B 222 -0.98 4.62 -35.01
C ILE B 222 -2.36 5.23 -34.71
N VAL B 223 -2.38 6.27 -33.89
CA VAL B 223 -3.63 6.93 -33.55
C VAL B 223 -4.22 7.56 -34.79
N VAL B 224 -3.38 8.26 -35.54
CA VAL B 224 -3.82 8.91 -36.78
C VAL B 224 -4.37 7.86 -37.74
N ALA B 225 -3.73 6.70 -37.77
CA ALA B 225 -4.19 5.62 -38.64
C ALA B 225 -5.66 5.33 -38.38
N PHE B 226 -6.01 5.10 -37.11
CA PHE B 226 -7.40 4.83 -36.76
C PHE B 226 -8.33 5.98 -37.07
N ILE B 227 -7.88 7.22 -36.83
CA ILE B 227 -8.72 8.37 -37.12
C ILE B 227 -9.08 8.38 -38.60
N ALA B 228 -8.07 8.26 -39.45
CA ALA B 228 -8.30 8.25 -40.88
C ALA B 228 -9.25 7.11 -41.23
N ALA B 229 -8.97 5.92 -40.69
CA ALA B 229 -9.79 4.76 -40.95
C ALA B 229 -11.27 5.02 -40.64
N GLY B 230 -11.53 5.82 -39.62
CA GLY B 230 -12.91 6.10 -39.25
C GLY B 230 -13.49 7.40 -39.75
N SER B 231 -12.80 8.07 -40.68
CA SER B 231 -13.30 9.34 -41.19
C SER B 231 -14.18 9.23 -42.42
N PRO B 232 -15.29 10.00 -42.45
CA PRO B 232 -16.25 10.03 -43.56
C PRO B 232 -15.64 10.77 -44.74
N PRO B 233 -16.19 10.58 -45.95
CA PRO B 233 -15.70 11.22 -47.16
C PRO B 233 -15.44 12.74 -47.12
N PRO B 234 -16.40 13.51 -46.58
CA PRO B 234 -16.23 14.97 -46.50
C PRO B 234 -14.96 15.44 -45.79
N VAL B 235 -14.48 14.64 -44.85
CA VAL B 235 -13.27 15.00 -44.10
C VAL B 235 -12.02 14.91 -44.98
N PHE B 236 -11.92 13.84 -45.75
CA PHE B 236 -10.79 13.65 -46.65
C PHE B 236 -10.80 14.73 -47.71
N GLU B 237 -11.99 15.05 -48.20
CA GLU B 237 -12.15 16.06 -49.23
C GLU B 237 -11.65 17.41 -48.68
N ARG B 238 -11.95 17.65 -47.42
CA ARG B 238 -11.56 18.90 -46.75
C ARG B 238 -10.05 19.07 -46.63
N HIS B 239 -9.34 17.96 -46.46
CA HIS B 239 -7.90 18.00 -46.29
C HIS B 239 -7.13 17.56 -47.53
N GLY B 240 -7.76 17.70 -48.70
CA GLY B 240 -7.12 17.31 -49.94
C GLY B 240 -6.54 15.91 -49.90
N LEU B 241 -7.30 14.98 -49.34
CA LEU B 241 -6.86 13.59 -49.23
C LEU B 241 -7.73 12.70 -50.13
N PRO B 242 -7.18 11.56 -50.56
CA PRO B 242 -7.91 10.60 -51.41
C PRO B 242 -9.14 10.07 -50.70
N ALA B 243 -10.26 10.00 -51.42
CA ALA B 243 -11.50 9.49 -50.83
C ALA B 243 -11.30 8.06 -50.34
N ASP B 244 -10.25 7.42 -50.86
CA ASP B 244 -9.92 6.04 -50.50
C ASP B 244 -9.18 5.92 -49.17
N THR B 245 -8.47 6.99 -48.79
CA THR B 245 -7.71 7.03 -47.55
C THR B 245 -8.34 6.21 -46.41
N GLY B 246 -9.53 6.60 -46.02
CA GLY B 246 -10.22 5.91 -44.93
C GLY B 246 -10.30 4.41 -45.08
N LYS B 247 -10.99 3.95 -46.12
CA LYS B 247 -11.14 2.53 -46.35
C LYS B 247 -9.81 1.82 -46.56
N LYS B 248 -8.79 2.57 -46.95
CA LYS B 248 -7.47 1.98 -47.16
C LYS B 248 -6.84 1.61 -45.82
N PHE B 249 -6.87 2.53 -44.86
CA PHE B 249 -6.32 2.25 -43.54
C PHE B 249 -7.23 1.27 -42.81
N GLY B 250 -8.54 1.44 -42.98
CA GLY B 250 -9.49 0.56 -42.32
C GLY B 250 -9.17 -0.89 -42.67
N GLU B 251 -8.73 -1.11 -43.91
CA GLU B 251 -8.37 -2.43 -44.37
C GLU B 251 -7.09 -2.91 -43.70
N LEU B 252 -6.06 -2.08 -43.70
CA LEU B 252 -4.79 -2.44 -43.08
C LEU B 252 -4.99 -2.82 -41.61
N LEU B 253 -5.64 -1.94 -40.86
CA LEU B 253 -5.89 -2.18 -39.44
C LEU B 253 -6.73 -3.45 -39.27
N GLY B 254 -7.63 -3.69 -40.22
CA GLY B 254 -8.47 -4.86 -40.15
C GLY B 254 -7.65 -6.13 -40.28
N LYS B 255 -6.53 -6.04 -40.99
CA LYS B 255 -5.64 -7.18 -41.19
C LYS B 255 -4.72 -7.35 -39.98
N GLY B 256 -4.73 -6.37 -39.08
CA GLY B 256 -3.88 -6.45 -37.91
C GLY B 256 -2.48 -5.98 -38.28
N ASP B 257 -2.38 -5.41 -39.47
CA ASP B 257 -1.10 -4.90 -39.98
C ASP B 257 -0.90 -3.46 -39.54
N PHE B 258 -0.63 -3.28 -38.25
CA PHE B 258 -0.42 -1.95 -37.71
C PHE B 258 0.92 -1.38 -38.14
N GLY B 259 1.90 -2.25 -38.31
CA GLY B 259 3.22 -1.81 -38.75
C GLY B 259 3.10 -1.15 -40.12
N GLY B 260 2.22 -1.71 -40.94
CA GLY B 260 2.02 -1.18 -42.27
C GLY B 260 1.26 0.14 -42.20
N ALA B 261 0.13 0.12 -41.49
CA ALA B 261 -0.69 1.31 -41.33
C ALA B 261 0.17 2.47 -40.83
N ILE B 262 1.07 2.18 -39.88
CA ILE B 262 1.94 3.21 -39.34
C ILE B 262 2.87 3.74 -40.42
N GLY B 263 3.44 2.83 -41.22
CA GLY B 263 4.34 3.24 -42.28
C GLY B 263 3.63 4.03 -43.35
N ALA B 264 2.31 3.84 -43.46
CA ALA B 264 1.51 4.53 -44.46
C ALA B 264 1.17 5.96 -44.06
N VAL B 265 1.36 6.31 -42.79
CA VAL B 265 1.06 7.66 -42.32
C VAL B 265 2.17 8.66 -42.70
N ASP B 266 1.81 9.63 -43.52
CA ASP B 266 2.75 10.66 -43.99
C ASP B 266 2.45 12.00 -43.32
N ASP B 267 3.23 13.02 -43.66
CA ASP B 267 3.04 14.34 -43.07
C ASP B 267 1.66 14.92 -43.37
N ALA B 268 1.12 14.59 -44.54
CA ALA B 268 -0.20 15.10 -44.93
C ALA B 268 -1.27 14.66 -43.92
N LEU B 269 -1.20 13.40 -43.49
CA LEU B 269 -2.16 12.88 -42.54
C LEU B 269 -1.94 13.46 -41.14
N MET B 270 -0.68 13.49 -40.71
CA MET B 270 -0.32 14.02 -39.41
C MET B 270 -0.87 15.43 -39.29
N GLU B 271 -0.69 16.19 -40.37
CA GLU B 271 -1.14 17.57 -40.45
C GLU B 271 -2.66 17.70 -40.38
N ALA B 272 -3.36 16.75 -40.98
CA ALA B 272 -4.81 16.80 -40.99
C ALA B 272 -5.46 16.23 -39.73
N PHE B 273 -4.89 15.17 -39.18
CA PHE B 273 -5.49 14.51 -38.02
C PHE B 273 -4.78 14.57 -36.68
N SER B 274 -3.79 15.44 -36.52
CA SER B 274 -3.10 15.52 -35.24
C SER B 274 -2.36 16.83 -35.02
N VAL B 275 -1.92 17.03 -33.79
CA VAL B 275 -1.14 18.19 -33.42
C VAL B 275 0.10 17.55 -32.83
N VAL B 276 1.15 17.47 -33.62
CA VAL B 276 2.39 16.85 -33.16
C VAL B 276 3.58 17.79 -33.33
N GLY B 277 4.64 17.55 -32.57
CA GLY B 277 5.83 18.38 -32.67
C GLY B 277 6.42 18.82 -31.35
N THR B 278 7.22 19.89 -31.42
CA THR B 278 7.87 20.45 -30.25
C THR B 278 6.93 21.45 -29.62
N PRO B 279 7.20 21.84 -28.37
CA PRO B 279 6.34 22.82 -27.69
C PRO B 279 6.16 24.10 -28.51
N ASP B 280 7.26 24.61 -29.07
CA ASP B 280 7.17 25.84 -29.87
C ASP B 280 6.21 25.66 -31.03
N GLU B 281 6.24 24.48 -31.64
CA GLU B 281 5.37 24.18 -32.77
C GLU B 281 3.88 24.09 -32.41
N PHE B 282 3.57 23.79 -31.15
CA PHE B 282 2.18 23.70 -30.71
C PHE B 282 1.49 25.06 -30.64
N ILE B 283 2.22 26.07 -30.17
CA ILE B 283 1.64 27.40 -30.01
C ILE B 283 0.90 27.93 -31.22
N PRO B 284 1.56 28.02 -32.39
CA PRO B 284 0.83 28.53 -33.55
C PRO B 284 -0.35 27.61 -33.92
N LYS B 285 -0.16 26.30 -33.78
CA LYS B 285 -1.22 25.35 -34.10
C LYS B 285 -2.46 25.57 -33.20
N ILE B 286 -2.23 25.70 -31.91
CA ILE B 286 -3.33 25.94 -30.98
C ILE B 286 -3.96 27.30 -31.22
N GLU B 287 -3.14 28.29 -31.59
CA GLU B 287 -3.66 29.62 -31.88
C GLU B 287 -4.62 29.54 -33.05
N ALA B 288 -4.20 28.81 -34.09
CA ALA B 288 -5.00 28.62 -35.29
C ALA B 288 -6.35 27.99 -34.94
N LEU B 289 -6.31 26.99 -34.07
CA LEU B 289 -7.53 26.32 -33.65
C LEU B 289 -8.41 27.33 -32.93
N GLY B 290 -7.80 28.14 -32.07
CA GLY B 290 -8.53 29.16 -31.35
C GLY B 290 -9.26 30.12 -32.29
N GLU B 291 -8.58 30.53 -33.37
CA GLU B 291 -9.21 31.45 -34.32
C GLU B 291 -10.46 30.85 -34.96
N MET B 292 -10.51 29.53 -35.04
CA MET B 292 -11.67 28.87 -35.65
C MET B 292 -12.79 28.58 -34.66
N GLY B 293 -12.67 29.08 -33.42
CA GLY B 293 -13.73 28.85 -32.45
C GLY B 293 -13.43 27.90 -31.30
N VAL B 294 -12.35 27.13 -31.40
CA VAL B 294 -12.00 26.20 -30.33
C VAL B 294 -11.73 26.94 -29.03
N THR B 295 -12.53 26.64 -28.01
CA THR B 295 -12.37 27.29 -26.71
C THR B 295 -11.64 26.41 -25.70
N GLN B 296 -11.53 25.10 -25.99
CA GLN B 296 -10.79 24.19 -25.14
C GLN B 296 -9.98 23.25 -26.01
N TYR B 297 -8.67 23.19 -25.74
CA TYR B 297 -7.76 22.33 -26.46
C TYR B 297 -7.54 21.08 -25.62
N VAL B 298 -7.94 19.92 -26.12
CA VAL B 298 -7.75 18.71 -25.35
C VAL B 298 -6.58 17.92 -25.91
N ALA B 299 -5.61 17.63 -25.06
CA ALA B 299 -4.46 16.83 -25.49
C ALA B 299 -4.90 15.37 -25.39
N GLY B 300 -5.31 14.81 -26.52
CA GLY B 300 -5.74 13.42 -26.56
C GLY B 300 -4.58 12.49 -26.85
N SER B 301 -4.85 11.19 -26.80
CA SER B 301 -3.83 10.17 -27.04
C SER B 301 -3.04 10.45 -28.31
N PRO B 302 -1.74 10.12 -28.30
CA PRO B 302 -1.00 9.49 -27.19
C PRO B 302 -0.46 10.49 -26.16
N ILE B 303 -0.71 11.78 -26.40
CA ILE B 303 -0.22 12.88 -25.59
C ILE B 303 1.27 13.09 -25.91
N GLY B 304 1.99 11.99 -26.08
CA GLY B 304 3.41 12.06 -26.40
C GLY B 304 4.12 10.73 -26.16
N PRO B 305 5.41 10.62 -26.52
CA PRO B 305 6.18 9.38 -26.33
C PRO B 305 6.19 8.94 -24.87
N ASP B 306 6.37 9.91 -23.98
CA ASP B 306 6.37 9.69 -22.54
C ASP B 306 5.34 10.65 -21.99
N LYS B 307 4.26 10.12 -21.41
CA LYS B 307 3.22 10.98 -20.90
C LYS B 307 3.64 11.97 -19.82
N GLU B 308 4.39 11.52 -18.83
CA GLU B 308 4.81 12.44 -17.77
C GLU B 308 5.59 13.62 -18.35
N LYS B 309 6.57 13.32 -19.19
CA LYS B 309 7.38 14.37 -19.81
C LYS B 309 6.53 15.27 -20.69
N SER B 310 5.71 14.66 -21.54
CA SER B 310 4.86 15.41 -22.45
C SER B 310 3.87 16.31 -21.72
N ILE B 311 3.42 15.89 -20.55
CA ILE B 311 2.49 16.72 -19.80
C ILE B 311 3.25 17.95 -19.32
N LYS B 312 4.50 17.75 -18.94
CA LYS B 312 5.33 18.86 -18.50
C LYS B 312 5.54 19.82 -19.68
N LEU B 313 5.80 19.28 -20.86
CA LEU B 313 6.01 20.12 -22.03
C LEU B 313 4.75 20.90 -22.34
N LEU B 314 3.59 20.24 -22.27
CA LEU B 314 2.34 20.93 -22.54
C LEU B 314 2.18 22.03 -21.49
N GLY B 315 2.77 21.82 -20.33
CA GLY B 315 2.70 22.82 -19.27
C GLY B 315 3.33 24.10 -19.76
N GLU B 316 4.40 23.97 -20.53
CA GLU B 316 5.09 25.13 -21.08
C GLU B 316 4.17 25.81 -22.08
N VAL B 317 3.55 25.01 -22.95
CA VAL B 317 2.63 25.54 -23.94
C VAL B 317 1.52 26.32 -23.25
N ILE B 318 0.95 25.74 -22.20
CA ILE B 318 -0.13 26.40 -21.46
C ILE B 318 0.39 27.74 -20.92
N ALA B 319 1.65 27.75 -20.50
CA ALA B 319 2.28 28.95 -19.95
C ALA B 319 2.28 30.08 -20.98
N SER B 320 2.28 29.72 -22.25
CA SER B 320 2.28 30.70 -23.34
C SER B 320 0.89 31.24 -23.61
N PHE B 321 -0.14 30.60 -23.08
CA PHE B 321 -1.50 31.07 -23.28
C PHE B 321 -2.09 31.72 -22.03
N MET C 1 15.26 -28.02 -6.84
CA MET C 1 14.98 -27.59 -5.44
C MET C 1 16.22 -26.95 -4.83
N LYS C 2 16.06 -25.78 -4.23
CA LYS C 2 17.17 -25.09 -3.58
C LYS C 2 16.94 -25.27 -2.09
N PHE C 3 18.00 -25.11 -1.30
CA PHE C 3 17.87 -25.31 0.14
C PHE C 3 18.29 -24.15 1.01
N GLY C 4 17.46 -23.89 2.01
CA GLY C 4 17.72 -22.81 2.94
C GLY C 4 17.67 -23.32 4.36
N ILE C 5 18.19 -22.54 5.29
CA ILE C 5 18.19 -22.95 6.66
C ILE C 5 18.03 -21.77 7.59
N GLU C 6 17.28 -21.99 8.67
CA GLU C 6 17.02 -20.96 9.66
C GLU C 6 17.86 -21.06 10.94
N PHE C 7 18.24 -19.90 11.47
CA PHE C 7 18.99 -19.84 12.71
C PHE C 7 18.43 -18.72 13.55
N VAL C 8 18.28 -18.97 14.84
CA VAL C 8 17.80 -17.96 15.77
C VAL C 8 18.99 -17.41 16.51
N PRO C 9 19.23 -16.10 16.42
CA PRO C 9 20.35 -15.47 17.10
C PRO C 9 20.18 -15.40 18.64
N ASN C 10 20.03 -16.56 19.29
CA ASN C 10 19.90 -16.56 20.74
C ASN C 10 21.02 -17.37 21.41
N GLU C 11 22.10 -17.59 20.67
CA GLU C 11 23.28 -18.28 21.16
C GLU C 11 24.44 -17.47 20.58
N PRO C 12 25.68 -17.73 21.03
CA PRO C 12 26.82 -16.96 20.52
C PRO C 12 26.90 -16.86 19.00
N ILE C 13 27.05 -15.64 18.49
CA ILE C 13 27.14 -15.41 17.05
C ILE C 13 28.28 -16.23 16.43
N GLU C 14 29.41 -16.32 17.14
CA GLU C 14 30.54 -17.09 16.62
C GLU C 14 30.08 -18.50 16.28
N LYS C 15 29.22 -19.07 17.12
CA LYS C 15 28.70 -20.41 16.89
C LYS C 15 27.77 -20.44 15.68
N ILE C 16 26.89 -19.44 15.59
CA ILE C 16 25.97 -19.37 14.47
C ILE C 16 26.79 -19.29 13.20
N VAL C 17 27.85 -18.48 13.21
CA VAL C 17 28.68 -18.36 12.02
C VAL C 17 29.21 -19.73 11.62
N LYS C 18 29.70 -20.50 12.58
CA LYS C 18 30.23 -21.81 12.26
C LYS C 18 29.14 -22.72 11.69
N LEU C 19 27.92 -22.61 12.21
CA LEU C 19 26.84 -23.45 11.70
C LEU C 19 26.42 -23.08 10.28
N VAL C 20 26.40 -21.79 9.95
CA VAL C 20 26.03 -21.39 8.59
C VAL C 20 27.13 -21.86 7.63
N LYS C 21 28.38 -21.68 8.05
CA LYS C 21 29.52 -22.11 7.23
C LYS C 21 29.36 -23.59 6.92
N LEU C 22 28.94 -24.37 7.92
CA LEU C 22 28.76 -25.80 7.71
C LEU C 22 27.61 -26.05 6.75
N ALA C 23 26.53 -25.29 6.90
CA ALA C 23 25.38 -25.45 6.02
C ALA C 23 25.84 -25.14 4.58
N GLU C 24 26.70 -24.14 4.45
CA GLU C 24 27.25 -23.75 3.15
C GLU C 24 28.07 -24.92 2.60
N ASP C 25 28.95 -25.48 3.43
CA ASP C 25 29.79 -26.59 3.00
C ASP C 25 29.01 -27.78 2.51
N VAL C 26 27.80 -28.00 3.01
CA VAL C 26 27.02 -29.14 2.57
C VAL C 26 25.95 -28.90 1.52
N GLY C 27 25.93 -27.72 0.92
CA GLY C 27 24.95 -27.48 -0.13
C GLY C 27 23.80 -26.51 0.07
N PHE C 28 23.71 -25.86 1.23
CA PHE C 28 22.63 -24.91 1.42
C PHE C 28 22.97 -23.64 0.66
N GLU C 29 21.97 -23.07 0.00
CA GLU C 29 22.18 -21.85 -0.75
C GLU C 29 21.72 -20.62 -0.02
N TYR C 30 20.83 -20.82 0.97
CA TYR C 30 20.29 -19.71 1.75
C TYR C 30 20.36 -19.90 3.26
N ALA C 31 20.61 -18.79 3.94
CA ALA C 31 20.67 -18.77 5.39
C ALA C 31 19.69 -17.69 5.79
N TRP C 32 18.69 -18.06 6.57
CA TRP C 32 17.68 -17.13 7.07
C TRP C 32 17.83 -16.96 8.57
N ILE C 33 18.07 -15.73 9.02
CA ILE C 33 18.27 -15.43 10.43
C ILE C 33 17.09 -14.63 10.97
N THR C 34 16.51 -15.09 12.08
CA THR C 34 15.35 -14.41 12.63
C THR C 34 15.72 -13.10 13.27
N ASP C 35 14.72 -12.22 13.29
CA ASP C 35 14.87 -10.86 13.78
C ASP C 35 13.80 -10.50 14.80
N HIS C 36 14.20 -10.42 16.07
CA HIS C 36 13.30 -10.06 17.16
C HIS C 36 14.14 -9.22 18.11
N TYR C 37 13.55 -8.15 18.62
CA TYR C 37 14.24 -7.25 19.51
C TYR C 37 14.78 -7.95 20.76
N ASN C 38 14.15 -9.07 21.14
CA ASN C 38 14.60 -9.72 22.36
C ASN C 38 15.78 -10.67 22.19
N ASN C 39 16.19 -10.87 20.94
CA ASN C 39 17.35 -11.71 20.66
C ASN C 39 18.47 -10.82 20.12
N LYS C 40 19.57 -11.42 19.70
CA LYS C 40 20.69 -10.64 19.19
C LYS C 40 20.33 -9.94 17.87
N ASN C 41 20.84 -8.74 17.68
CA ASN C 41 20.60 -7.98 16.47
C ASN C 41 20.90 -8.82 15.24
N VAL C 42 19.90 -8.96 14.37
CA VAL C 42 20.03 -9.78 13.18
C VAL C 42 21.11 -9.32 12.18
N TYR C 43 21.37 -8.02 12.11
CA TYR C 43 22.38 -7.49 11.19
C TYR C 43 23.82 -7.67 11.69
N GLU C 44 24.03 -7.54 13.00
CA GLU C 44 25.36 -7.78 13.55
C GLU C 44 25.68 -9.26 13.32
N THR C 45 24.66 -10.11 13.50
CA THR C 45 24.80 -11.55 13.29
C THR C 45 25.10 -11.83 11.81
N LEU C 46 24.31 -11.22 10.93
CA LEU C 46 24.49 -11.40 9.49
C LEU C 46 25.85 -10.91 8.99
N ALA C 47 26.32 -9.77 9.53
CA ALA C 47 27.61 -9.22 9.13
C ALA C 47 28.71 -10.24 9.42
N LEU C 48 28.69 -10.80 10.63
CA LEU C 48 29.70 -11.79 11.00
C LEU C 48 29.56 -13.05 10.18
N ILE C 49 28.33 -13.46 9.91
CA ILE C 49 28.11 -14.64 9.09
C ILE C 49 28.70 -14.39 7.69
N ALA C 50 28.52 -13.18 7.17
CA ALA C 50 29.06 -12.86 5.84
C ALA C 50 30.59 -13.00 5.86
N GLU C 51 31.24 -12.44 6.88
CA GLU C 51 32.70 -12.52 7.00
C GLU C 51 33.17 -13.98 7.06
N GLY C 52 32.38 -14.83 7.73
CA GLY C 52 32.75 -16.22 7.87
C GLY C 52 32.30 -17.18 6.79
N THR C 53 31.72 -16.64 5.72
CA THR C 53 31.24 -17.48 4.62
C THR C 53 31.68 -16.89 3.28
N GLU C 54 31.39 -17.58 2.19
CA GLU C 54 31.79 -17.09 0.88
C GLU C 54 30.76 -17.14 -0.25
N THR C 55 29.85 -18.10 -0.22
CA THR C 55 28.89 -18.20 -1.31
C THR C 55 27.42 -18.31 -0.90
N ILE C 56 27.15 -18.61 0.36
CA ILE C 56 25.75 -18.78 0.76
C ILE C 56 25.01 -17.46 0.82
N LYS C 57 23.76 -17.46 0.34
CA LYS C 57 22.97 -16.23 0.40
C LYS C 57 22.47 -16.08 1.83
N LEU C 58 22.39 -14.85 2.31
CA LEU C 58 21.94 -14.65 3.67
C LEU C 58 21.12 -13.40 3.86
N GLY C 59 20.18 -13.46 4.79
CA GLY C 59 19.36 -12.30 5.08
C GLY C 59 18.40 -12.57 6.22
N PRO C 60 17.70 -11.54 6.71
CA PRO C 60 16.75 -11.73 7.80
C PRO C 60 15.54 -12.52 7.31
N GLY C 61 15.06 -13.45 8.13
CA GLY C 61 13.90 -14.25 7.76
C GLY C 61 12.96 -14.42 8.94
N VAL C 62 12.13 -13.43 9.20
CA VAL C 62 12.06 -12.21 8.40
C VAL C 62 12.05 -10.99 9.31
N THR C 63 12.38 -9.84 8.75
CA THR C 63 12.33 -8.63 9.54
C THR C 63 10.92 -8.06 9.29
N ASN C 64 10.66 -6.86 9.78
CA ASN C 64 9.35 -6.29 9.58
C ASN C 64 9.49 -4.80 9.38
N PRO C 65 8.46 -4.15 8.82
CA PRO C 65 8.54 -2.71 8.58
C PRO C 65 8.26 -1.82 9.77
N TYR C 66 8.03 -2.40 10.95
CA TYR C 66 7.71 -1.58 12.12
C TYR C 66 8.82 -1.27 13.15
N VAL C 67 9.70 -2.22 13.43
CA VAL C 67 10.73 -2.00 14.44
C VAL C 67 11.89 -1.12 13.98
N ARG C 68 12.04 -1.00 12.67
CA ARG C 68 13.07 -0.17 12.07
C ARG C 68 12.46 0.49 10.83
N SER C 69 12.87 1.71 10.54
CA SER C 69 12.41 2.36 9.32
C SER C 69 12.86 1.49 8.16
N PRO C 70 12.00 1.30 7.16
CA PRO C 70 12.41 0.49 6.01
C PRO C 70 13.69 1.07 5.36
N ALA C 71 13.96 2.35 5.59
CA ALA C 71 15.16 2.97 5.04
C ALA C 71 16.40 2.44 5.77
N ILE C 72 16.23 2.18 7.08
CA ILE C 72 17.32 1.63 7.90
C ILE C 72 17.51 0.19 7.44
N THR C 73 16.39 -0.50 7.22
CA THR C 73 16.48 -1.87 6.75
C THR C 73 17.20 -1.96 5.39
N ALA C 74 16.90 -1.04 4.50
CA ALA C 74 17.53 -1.03 3.18
C ALA C 74 19.03 -0.86 3.36
N SER C 75 19.40 0.10 4.20
CA SER C 75 20.80 0.39 4.49
C SER C 75 21.50 -0.84 5.09
N ALA C 76 20.83 -1.49 6.05
CA ALA C 76 21.37 -2.69 6.69
C ALA C 76 21.63 -3.76 5.65
N ILE C 77 20.67 -3.93 4.75
CA ILE C 77 20.74 -4.91 3.69
C ILE C 77 21.80 -4.58 2.65
N ALA C 78 21.93 -3.30 2.28
CA ALA C 78 22.94 -2.91 1.31
C ALA C 78 24.34 -3.09 1.94
N THR C 79 24.46 -2.75 3.23
CA THR C 79 25.73 -2.90 3.95
C THR C 79 26.14 -4.37 3.93
N LEU C 80 25.17 -5.26 4.15
CA LEU C 80 25.39 -6.69 4.14
C LEU C 80 25.75 -7.15 2.74
N ASP C 81 25.11 -6.57 1.73
CA ASP C 81 25.39 -6.97 0.37
C ASP C 81 26.86 -6.63 0.03
N GLU C 82 27.35 -5.49 0.54
CA GLU C 82 28.74 -5.10 0.29
C GLU C 82 29.66 -6.09 1.01
N LEU C 83 29.48 -6.24 2.32
CA LEU C 83 30.27 -7.16 3.12
C LEU C 83 30.28 -8.55 2.55
N SER C 84 29.17 -8.98 1.96
CA SER C 84 29.09 -10.32 1.42
C SER C 84 29.34 -10.42 -0.07
N ASN C 85 29.67 -9.30 -0.71
CA ASN C 85 29.93 -9.29 -2.14
C ASN C 85 28.70 -9.77 -2.92
N GLY C 86 27.54 -9.20 -2.61
CA GLY C 86 26.32 -9.54 -3.33
C GLY C 86 25.57 -10.82 -3.01
N ARG C 87 25.54 -11.21 -1.74
CA ARG C 87 24.85 -12.44 -1.35
C ARG C 87 23.61 -12.17 -0.48
N ALA C 88 23.33 -10.91 -0.21
CA ALA C 88 22.20 -10.57 0.64
C ALA C 88 20.83 -10.89 0.07
N THR C 89 19.90 -11.15 0.99
CA THR C 89 18.51 -11.40 0.66
C THR C 89 17.78 -10.61 1.72
N LEU C 90 16.52 -10.32 1.48
CA LEU C 90 15.77 -9.56 2.45
C LEU C 90 14.41 -10.18 2.58
N GLY C 91 14.18 -10.81 3.71
CA GLY C 91 12.89 -11.43 3.99
C GLY C 91 12.19 -10.43 4.89
N ILE C 92 10.93 -10.17 4.61
CA ILE C 92 10.19 -9.22 5.42
C ILE C 92 8.76 -9.69 5.58
N GLY C 93 8.21 -9.47 6.76
CA GLY C 93 6.85 -9.90 7.05
C GLY C 93 6.14 -8.88 7.90
N PRO C 94 4.89 -9.16 8.28
CA PRO C 94 4.08 -8.25 9.10
C PRO C 94 4.48 -8.08 10.56
N GLY C 95 5.15 -9.07 11.12
CA GLY C 95 5.50 -9.00 12.54
C GLY C 95 4.34 -9.61 13.33
N ASP C 96 4.27 -9.35 14.63
CA ASP C 96 3.21 -9.91 15.45
C ASP C 96 2.76 -8.89 16.48
N LYS C 97 1.46 -8.72 16.63
CA LYS C 97 0.93 -7.75 17.58
C LYS C 97 1.49 -7.83 19.00
N ALA C 98 1.77 -9.04 19.48
CA ALA C 98 2.30 -9.18 20.84
C ALA C 98 3.57 -8.34 20.99
N THR C 99 4.50 -8.54 20.06
CA THR C 99 5.75 -7.80 20.08
C THR C 99 5.50 -6.30 20.03
N PHE C 100 4.65 -5.87 19.10
CA PHE C 100 4.40 -4.46 18.94
C PHE C 100 3.68 -3.85 20.13
N ASP C 101 2.83 -4.59 20.80
CA ASP C 101 2.18 -4.05 22.00
C ASP C 101 3.28 -3.79 23.04
N ALA C 102 4.17 -4.75 23.22
CA ALA C 102 5.28 -4.61 24.17
C ALA C 102 6.17 -3.41 23.83
N LEU C 103 6.33 -3.15 22.53
CA LEU C 103 7.18 -2.05 22.09
C LEU C 103 6.42 -0.76 21.91
N GLY C 104 5.13 -0.77 22.22
CA GLY C 104 4.34 0.44 22.05
C GLY C 104 4.22 0.88 20.60
N ILE C 105 4.14 -0.07 19.68
CA ILE C 105 4.01 0.23 18.25
C ILE C 105 2.62 -0.16 17.77
N GLU C 106 1.94 0.74 17.09
CA GLU C 106 0.60 0.44 16.58
C GLU C 106 0.77 -0.38 15.30
N TRP C 107 0.11 -1.54 15.24
CA TRP C 107 0.22 -2.43 14.10
C TRP C 107 -0.76 -2.10 12.98
N VAL C 108 -0.59 -0.93 12.38
CA VAL C 108 -1.49 -0.49 11.32
C VAL C 108 -1.32 -1.13 9.96
N LYS C 109 -2.45 -1.43 9.33
CA LYS C 109 -2.52 -1.97 7.97
C LYS C 109 -1.26 -2.69 7.52
N PRO C 110 -1.04 -3.92 8.00
CA PRO C 110 0.13 -4.70 7.65
C PRO C 110 0.39 -4.92 6.16
N VAL C 111 -0.65 -5.17 5.38
CA VAL C 111 -0.46 -5.42 3.96
C VAL C 111 0.06 -4.19 3.25
N SER C 112 -0.63 -3.07 3.41
CA SER C 112 -0.19 -1.86 2.75
C SER C 112 1.12 -1.33 3.32
N THR C 113 1.39 -1.59 4.60
CA THR C 113 2.62 -1.12 5.23
C THR C 113 3.80 -1.86 4.63
N ILE C 114 3.64 -3.15 4.40
CA ILE C 114 4.69 -3.97 3.80
C ILE C 114 4.87 -3.58 2.33
N ARG C 115 3.76 -3.35 1.63
CA ARG C 115 3.84 -2.95 0.23
C ARG C 115 4.59 -1.63 0.11
N ASP C 116 4.27 -0.67 0.99
CA ASP C 116 4.96 0.60 0.95
C ASP C 116 6.42 0.48 1.36
N ALA C 117 6.72 -0.39 2.32
CA ALA C 117 8.11 -0.57 2.76
C ALA C 117 8.92 -1.10 1.59
N ILE C 118 8.38 -2.11 0.92
CA ILE C 118 9.07 -2.73 -0.19
C ILE C 118 9.32 -1.74 -1.34
N ALA C 119 8.34 -0.89 -1.64
CA ALA C 119 8.51 0.09 -2.69
C ALA C 119 9.67 1.00 -2.28
N MET C 120 9.69 1.43 -1.02
CA MET C 120 10.77 2.29 -0.60
C MET C 120 12.14 1.59 -0.66
N MET C 121 12.17 0.34 -0.26
CA MET C 121 13.46 -0.39 -0.24
C MET C 121 13.95 -0.70 -1.65
N ARG C 122 13.03 -1.03 -2.55
CA ARG C 122 13.42 -1.30 -3.93
C ARG C 122 14.19 -0.08 -4.45
N THR C 123 13.61 1.10 -4.27
CA THR C 123 14.23 2.34 -4.71
C THR C 123 15.60 2.60 -4.08
N LEU C 124 15.67 2.52 -2.74
CA LEU C 124 16.92 2.76 -2.05
C LEU C 124 17.99 1.76 -2.44
N LEU C 125 17.63 0.49 -2.51
CA LEU C 125 18.56 -0.55 -2.87
C LEU C 125 19.05 -0.44 -4.31
N ALA C 126 18.21 0.17 -5.15
CA ALA C 126 18.56 0.36 -6.56
C ALA C 126 19.51 1.54 -6.68
N GLY C 127 19.72 2.25 -5.57
CA GLY C 127 20.61 3.39 -5.57
C GLY C 127 19.89 4.67 -5.96
N GLU C 128 18.58 4.59 -6.14
CA GLU C 128 17.78 5.73 -6.54
C GLU C 128 17.27 6.53 -5.37
N LYS C 129 16.68 7.70 -5.67
CA LYS C 129 16.16 8.60 -4.65
C LYS C 129 14.64 8.44 -4.59
N THR C 130 14.06 8.39 -3.40
CA THR C 130 12.61 8.23 -3.28
C THR C 130 11.95 9.59 -3.45
N GLU C 131 10.64 9.60 -3.67
CA GLU C 131 9.92 10.86 -3.80
C GLU C 131 10.15 11.72 -2.56
N SER C 132 10.23 11.09 -1.39
CA SER C 132 10.44 11.86 -0.17
C SER C 132 11.86 12.40 -0.07
N GLY C 133 12.71 12.00 -1.00
CA GLY C 133 14.08 12.48 -0.99
C GLY C 133 15.07 11.61 -0.24
N ALA C 134 14.73 10.36 0.04
CA ALA C 134 15.64 9.47 0.76
C ALA C 134 16.54 8.80 -0.27
N GLN C 135 17.83 8.71 0.04
CA GLN C 135 18.75 8.06 -0.89
C GLN C 135 20.00 7.56 -0.17
N LEU C 136 20.46 6.37 -0.56
CA LEU C 136 21.67 5.81 0.04
C LEU C 136 22.88 6.51 -0.59
N MET C 137 23.80 6.94 0.27
CA MET C 137 25.00 7.65 -0.16
C MET C 137 26.29 6.86 0.12
N GLY C 138 26.52 6.53 1.39
CA GLY C 138 27.74 5.82 1.75
C GLY C 138 27.72 4.31 1.64
N VAL C 139 26.68 3.75 1.04
CA VAL C 139 26.59 2.31 0.90
C VAL C 139 25.86 2.04 -0.39
N LYS C 140 26.25 0.98 -1.07
CA LYS C 140 25.65 0.64 -2.34
C LYS C 140 25.59 -0.86 -2.50
N ALA C 141 24.42 -1.35 -2.89
CA ALA C 141 24.21 -2.76 -3.12
C ALA C 141 25.11 -3.22 -4.26
N VAL C 142 25.53 -4.48 -4.20
CA VAL C 142 26.38 -5.04 -5.23
C VAL C 142 25.44 -5.62 -6.27
N GLN C 143 24.42 -6.32 -5.80
CA GLN C 143 23.44 -6.93 -6.69
C GLN C 143 22.60 -5.83 -7.36
N GLU C 144 22.26 -6.03 -8.63
CA GLU C 144 21.44 -5.05 -9.34
C GLU C 144 20.07 -5.02 -8.67
N LYS C 145 19.60 -6.20 -8.26
CA LYS C 145 18.31 -6.33 -7.63
C LYS C 145 18.37 -7.33 -6.47
N ILE C 146 18.54 -6.84 -5.25
CA ILE C 146 18.58 -7.73 -4.08
C ILE C 146 17.20 -8.38 -3.95
N PRO C 147 17.14 -9.71 -3.82
CA PRO C 147 15.86 -10.42 -3.70
C PRO C 147 15.11 -10.05 -2.42
N ILE C 148 13.81 -9.79 -2.57
CA ILE C 148 13.01 -9.48 -1.40
C ILE C 148 11.98 -10.56 -1.28
N TYR C 149 11.97 -11.25 -0.15
CA TYR C 149 11.01 -12.32 0.08
C TYR C 149 9.98 -11.81 1.07
N MET C 150 8.72 -12.20 0.88
CA MET C 150 7.68 -11.79 1.80
C MET C 150 7.19 -12.97 2.61
N GLY C 151 7.08 -12.78 3.93
CA GLY C 151 6.54 -13.84 4.75
C GLY C 151 5.05 -13.71 4.45
N ALA C 152 4.41 -14.79 4.00
CA ALA C 152 2.99 -14.70 3.67
C ALA C 152 2.21 -15.91 4.17
N GLN C 153 1.27 -15.68 5.09
CA GLN C 153 0.47 -16.76 5.65
C GLN C 153 -1.01 -16.60 5.34
N GLY C 154 -1.35 -15.56 4.59
CA GLY C 154 -2.74 -15.30 4.24
C GLY C 154 -2.93 -14.98 2.77
N PRO C 155 -4.18 -15.00 2.27
CA PRO C 155 -4.43 -14.71 0.86
C PRO C 155 -3.94 -13.35 0.38
N MET C 156 -4.19 -12.29 1.15
CA MET C 156 -3.75 -10.97 0.71
C MET C 156 -2.23 -10.84 0.65
N MET C 157 -1.52 -11.49 1.57
CA MET C 157 -0.06 -11.43 1.59
C MET C 157 0.54 -12.27 0.48
N LEU C 158 -0.10 -13.40 0.17
CA LEU C 158 0.38 -14.26 -0.89
C LEU C 158 0.23 -13.59 -2.25
N LYS C 159 -0.90 -12.93 -2.48
CA LYS C 159 -1.10 -12.24 -3.74
C LYS C 159 -0.12 -11.08 -3.84
N THR C 160 0.05 -10.35 -2.75
CA THR C 160 0.99 -9.24 -2.74
C THR C 160 2.41 -9.73 -3.01
N ALA C 161 2.75 -10.87 -2.41
CA ALA C 161 4.09 -11.44 -2.61
C ALA C 161 4.27 -11.73 -4.09
N GLY C 162 3.25 -12.34 -4.71
CA GLY C 162 3.35 -12.63 -6.13
C GLY C 162 3.52 -11.35 -6.94
N GLU C 163 2.90 -10.28 -6.46
CA GLU C 163 2.94 -9.00 -7.15
C GLU C 163 4.21 -8.19 -6.99
N ILE C 164 4.72 -8.11 -5.76
CA ILE C 164 5.89 -7.27 -5.52
C ILE C 164 7.17 -7.89 -4.98
N SER C 165 7.16 -9.19 -4.68
CA SER C 165 8.36 -9.83 -4.13
C SER C 165 9.01 -10.80 -5.08
N ASP C 166 10.19 -11.27 -4.71
CA ASP C 166 10.93 -12.23 -5.53
C ASP C 166 10.72 -13.62 -4.96
N GLY C 167 10.00 -13.69 -3.85
CA GLY C 167 9.75 -14.97 -3.21
C GLY C 167 8.83 -14.85 -2.01
N ALA C 168 8.25 -15.97 -1.63
CA ALA C 168 7.34 -15.98 -0.51
C ALA C 168 7.82 -16.97 0.52
N LEU C 169 8.01 -16.52 1.76
CA LEU C 169 8.42 -17.41 2.83
C LEU C 169 7.15 -17.80 3.54
N ILE C 170 6.72 -19.02 3.31
CA ILE C 170 5.48 -19.51 3.90
C ILE C 170 5.75 -20.52 5.02
N ASN C 171 5.20 -20.25 6.20
CA ASN C 171 5.38 -21.14 7.35
C ASN C 171 4.44 -22.32 7.21
N ALA C 172 4.84 -23.30 6.41
CA ALA C 172 4.02 -24.49 6.19
C ALA C 172 4.98 -25.60 5.77
N SER C 173 4.66 -26.82 6.11
CA SER C 173 5.55 -27.94 5.80
C SER C 173 4.90 -29.06 5.00
N ASN C 174 3.61 -28.94 4.72
CA ASN C 174 2.88 -30.00 4.01
C ASN C 174 2.41 -29.57 2.63
N PRO C 175 2.49 -30.49 1.64
CA PRO C 175 2.07 -30.24 0.26
C PRO C 175 0.69 -29.59 0.10
N LYS C 176 -0.25 -29.98 0.94
CA LYS C 176 -1.59 -29.44 0.86
C LYS C 176 -1.67 -27.95 1.13
N ASP C 177 -0.72 -27.44 1.90
CA ASP C 177 -0.71 -26.01 2.19
C ASP C 177 -0.27 -25.25 0.95
N PHE C 178 0.73 -25.79 0.24
CA PHE C 178 1.20 -25.11 -0.94
C PHE C 178 0.24 -25.32 -2.11
N GLU C 179 -0.55 -26.38 -2.05
CA GLU C 179 -1.52 -26.63 -3.11
C GLU C 179 -2.53 -25.49 -3.05
N ALA C 180 -2.74 -24.96 -1.85
CA ALA C 180 -3.68 -23.87 -1.66
C ALA C 180 -3.04 -22.49 -1.75
N ALA C 181 -1.76 -22.37 -1.39
CA ALA C 181 -1.10 -21.07 -1.41
C ALA C 181 -0.51 -20.62 -2.74
N VAL C 182 0.12 -21.53 -3.47
CA VAL C 182 0.72 -21.18 -4.74
C VAL C 182 -0.26 -20.49 -5.71
N PRO C 183 -1.49 -21.02 -5.83
CA PRO C 183 -2.48 -20.40 -6.73
C PRO C 183 -2.65 -18.91 -6.44
N LEU C 184 -2.68 -18.53 -5.17
CA LEU C 184 -2.84 -17.12 -4.80
C LEU C 184 -1.61 -16.32 -5.20
N ILE C 185 -0.44 -16.90 -5.02
CA ILE C 185 0.79 -16.22 -5.40
C ILE C 185 0.75 -16.04 -6.92
N LYS C 186 0.28 -17.08 -7.61
CA LYS C 186 0.16 -17.05 -9.06
C LYS C 186 -0.81 -15.95 -9.51
N GLU C 187 -1.95 -15.80 -8.83
CA GLU C 187 -2.91 -14.73 -9.19
C GLU C 187 -2.23 -13.38 -9.06
N GLY C 188 -1.44 -13.22 -7.99
CA GLY C 188 -0.73 -11.97 -7.79
C GLY C 188 0.33 -11.76 -8.86
N ALA C 189 1.16 -12.77 -9.09
CA ALA C 189 2.21 -12.64 -10.08
C ALA C 189 1.63 -12.22 -11.44
N GLU C 190 0.58 -12.92 -11.87
CA GLU C 190 -0.06 -12.62 -13.13
C GLU C 190 -0.72 -11.25 -13.18
N ALA C 191 -1.31 -10.81 -12.07
CA ALA C 191 -1.91 -9.48 -12.02
C ALA C 191 -0.79 -8.44 -12.18
N ALA C 192 0.44 -8.80 -11.85
CA ALA C 192 1.53 -7.82 -11.98
C ALA C 192 2.28 -8.01 -13.30
N GLY C 193 1.79 -8.90 -14.13
CA GLY C 193 2.44 -9.15 -15.41
C GLY C 193 3.67 -10.03 -15.27
N LYS C 194 3.73 -10.75 -14.16
CA LYS C 194 4.86 -11.64 -13.89
C LYS C 194 4.39 -13.08 -14.04
N SER C 195 5.27 -14.02 -13.77
CA SER C 195 4.92 -15.42 -13.87
C SER C 195 5.16 -16.09 -12.53
N ILE C 196 4.45 -17.17 -12.25
CA ILE C 196 4.63 -17.87 -11.00
C ILE C 196 6.07 -18.37 -10.97
N ALA C 197 6.68 -18.48 -12.16
CA ALA C 197 8.06 -18.95 -12.28
C ALA C 197 9.05 -17.90 -11.80
N ASP C 198 8.58 -16.66 -11.63
CA ASP C 198 9.45 -15.57 -11.20
C ASP C 198 9.48 -15.46 -9.67
N ILE C 199 8.70 -16.28 -8.99
CA ILE C 199 8.63 -16.23 -7.54
C ILE C 199 9.24 -17.48 -6.91
N ASP C 200 10.18 -17.28 -5.99
CA ASP C 200 10.78 -18.42 -5.30
C ASP C 200 9.82 -18.75 -4.15
N VAL C 201 9.13 -19.87 -4.27
CA VAL C 201 8.19 -20.31 -3.25
C VAL C 201 8.99 -21.11 -2.23
N ALA C 202 9.20 -20.50 -1.07
CA ALA C 202 9.98 -21.09 0.00
C ALA C 202 9.13 -21.63 1.15
N ALA C 203 9.24 -22.94 1.36
CA ALA C 203 8.53 -23.60 2.43
C ALA C 203 9.39 -23.36 3.68
N TYR C 204 8.93 -22.50 4.58
CA TYR C 204 9.66 -22.21 5.81
C TYR C 204 9.14 -23.28 6.79
N THR C 205 9.70 -24.48 6.69
CA THR C 205 9.24 -25.62 7.47
C THR C 205 9.78 -25.79 8.88
N CYS C 206 9.05 -26.60 9.65
CA CYS C 206 9.49 -26.98 10.98
C CYS C 206 10.25 -28.23 10.57
N CYS C 207 11.57 -28.20 10.73
CA CYS C 207 12.41 -29.31 10.33
C CYS C 207 13.08 -30.00 11.51
N SER C 208 13.08 -31.32 11.50
CA SER C 208 13.76 -32.07 12.55
C SER C 208 14.22 -33.37 11.94
N ILE C 209 15.51 -33.45 11.68
CA ILE C 209 16.08 -34.61 11.07
C ILE C 209 17.08 -35.29 12.01
N ASP C 210 17.07 -36.62 12.02
CA ASP C 210 17.98 -37.38 12.87
C ASP C 210 17.94 -38.85 12.43
N GLU C 211 19.04 -39.57 12.70
CA GLU C 211 19.10 -40.98 12.35
C GLU C 211 18.02 -41.70 13.13
N ASP C 212 17.68 -41.15 14.29
CA ASP C 212 16.65 -41.68 15.18
C ASP C 212 15.34 -40.91 14.96
N ALA C 213 14.44 -41.52 14.21
CA ALA C 213 13.16 -40.89 13.89
C ALA C 213 12.45 -40.39 15.13
N ALA C 214 12.42 -41.22 16.17
CA ALA C 214 11.74 -40.85 17.41
C ALA C 214 12.36 -39.59 18.00
N ALA C 215 13.69 -39.54 18.02
CA ALA C 215 14.39 -38.38 18.56
C ALA C 215 14.02 -37.14 17.74
N ALA C 216 13.97 -37.32 16.42
CA ALA C 216 13.62 -36.20 15.52
C ALA C 216 12.23 -35.69 15.83
N ALA C 217 11.27 -36.60 15.88
CA ALA C 217 9.89 -36.23 16.15
C ALA C 217 9.76 -35.49 17.47
N ASN C 218 10.35 -36.05 18.51
CA ASN C 218 10.26 -35.42 19.82
C ASN C 218 10.78 -33.99 19.85
N ALA C 219 11.89 -33.72 19.16
CA ALA C 219 12.45 -32.38 19.15
C ALA C 219 11.53 -31.34 18.50
N ALA C 220 10.72 -31.78 17.54
CA ALA C 220 9.81 -30.88 16.82
C ALA C 220 8.44 -30.62 17.48
N LYS C 221 7.99 -31.54 18.31
CA LYS C 221 6.68 -31.41 18.95
C LYS C 221 6.33 -30.05 19.52
N ILE C 222 7.18 -29.50 20.37
CA ILE C 222 6.87 -28.20 20.94
C ILE C 222 6.72 -27.14 19.84
N VAL C 223 7.47 -27.26 18.75
CA VAL C 223 7.36 -26.28 17.68
C VAL C 223 6.01 -26.48 16.99
N VAL C 224 5.66 -27.75 16.75
CA VAL C 224 4.39 -28.05 16.11
C VAL C 224 3.22 -27.53 16.96
N ALA C 225 3.35 -27.61 18.28
CA ALA C 225 2.29 -27.13 19.14
C ALA C 225 2.12 -25.63 18.98
N PHE C 226 3.21 -24.89 18.85
CA PHE C 226 3.07 -23.45 18.68
C PHE C 226 2.52 -23.13 17.29
N ILE C 227 2.98 -23.88 16.29
CA ILE C 227 2.50 -23.67 14.94
C ILE C 227 0.99 -23.88 14.91
N ALA C 228 0.53 -25.01 15.45
CA ALA C 228 -0.89 -25.31 15.48
C ALA C 228 -1.65 -24.21 16.20
N ALA C 229 -1.12 -23.77 17.34
CA ALA C 229 -1.78 -22.73 18.12
C ALA C 229 -1.94 -21.42 17.37
N GLY C 230 -1.09 -21.18 16.39
CA GLY C 230 -1.20 -19.94 15.65
C GLY C 230 -1.79 -20.12 14.26
N SER C 231 -2.39 -21.28 14.02
CA SER C 231 -2.98 -21.60 12.73
C SER C 231 -4.47 -21.29 12.67
N PRO C 232 -4.91 -20.59 11.61
CA PRO C 232 -6.32 -20.22 11.42
C PRO C 232 -7.14 -21.47 11.07
N PRO C 233 -8.45 -21.45 11.36
CA PRO C 233 -9.32 -22.59 11.06
C PRO C 233 -9.17 -23.26 9.68
N PRO C 234 -9.11 -22.47 8.59
CA PRO C 234 -8.98 -23.13 7.29
C PRO C 234 -7.80 -24.11 7.20
N VAL C 235 -6.72 -23.82 7.91
CA VAL C 235 -5.56 -24.71 7.90
C VAL C 235 -5.94 -26.10 8.45
N PHE C 236 -6.66 -26.11 9.56
CA PHE C 236 -7.07 -27.37 10.17
C PHE C 236 -8.00 -28.15 9.27
N GLU C 237 -9.04 -27.48 8.77
CA GLU C 237 -9.99 -28.12 7.89
C GLU C 237 -9.22 -28.79 6.78
N ARG C 238 -8.35 -28.03 6.13
CA ARG C 238 -7.53 -28.52 5.04
C ARG C 238 -6.82 -29.83 5.37
N HIS C 239 -6.41 -29.99 6.62
CA HIS C 239 -5.70 -31.20 7.02
C HIS C 239 -6.58 -32.24 7.69
N GLY C 240 -7.88 -31.97 7.72
CA GLY C 240 -8.79 -32.92 8.33
C GLY C 240 -8.52 -33.00 9.82
N LEU C 241 -8.43 -31.84 10.46
CA LEU C 241 -8.17 -31.75 11.88
C LEU C 241 -9.29 -30.91 12.49
N PRO C 242 -9.69 -31.22 13.72
CA PRO C 242 -10.75 -30.47 14.38
C PRO C 242 -10.53 -28.96 14.37
N ALA C 243 -11.57 -28.23 13.99
CA ALA C 243 -11.53 -26.78 13.91
C ALA C 243 -11.08 -26.09 15.20
N ASP C 244 -11.16 -26.82 16.30
CA ASP C 244 -10.81 -26.30 17.63
C ASP C 244 -9.33 -26.48 17.97
N THR C 245 -8.66 -27.36 17.24
CA THR C 245 -7.26 -27.67 17.46
C THR C 245 -6.39 -26.48 17.86
N GLY C 246 -6.41 -25.42 17.06
CA GLY C 246 -5.62 -24.26 17.36
C GLY C 246 -5.90 -23.65 18.71
N LYS C 247 -7.17 -23.60 19.09
CA LYS C 247 -7.53 -23.02 20.37
C LYS C 247 -7.14 -23.94 21.53
N LYS C 248 -7.15 -25.26 21.30
CA LYS C 248 -6.76 -26.19 22.35
C LYS C 248 -5.28 -25.97 22.68
N PHE C 249 -4.43 -26.04 21.66
CA PHE C 249 -3.00 -25.83 21.84
C PHE C 249 -2.72 -24.45 22.39
N GLY C 250 -3.51 -23.48 21.94
CA GLY C 250 -3.33 -22.12 22.42
C GLY C 250 -3.55 -22.04 23.92
N GLU C 251 -4.55 -22.75 24.41
CA GLU C 251 -4.83 -22.74 25.85
C GLU C 251 -3.78 -23.53 26.61
N LEU C 252 -3.43 -24.70 26.11
CA LEU C 252 -2.42 -25.52 26.77
C LEU C 252 -1.12 -24.75 26.91
N LEU C 253 -0.69 -24.10 25.84
CA LEU C 253 0.53 -23.33 25.87
C LEU C 253 0.37 -22.08 26.71
N GLY C 254 -0.82 -21.49 26.65
CA GLY C 254 -1.08 -20.28 27.41
C GLY C 254 -0.98 -20.44 28.92
N LYS C 255 -1.33 -21.61 29.42
CA LYS C 255 -1.31 -21.88 30.86
C LYS C 255 0.00 -22.57 31.26
N GLY C 256 0.96 -22.60 30.34
CA GLY C 256 2.24 -23.21 30.63
C GLY C 256 2.27 -24.72 30.71
N ASP C 257 1.21 -25.38 30.24
CA ASP C 257 1.20 -26.83 30.29
C ASP C 257 1.87 -27.39 29.04
N PHE C 258 3.19 -27.24 28.98
CA PHE C 258 3.96 -27.69 27.83
C PHE C 258 3.94 -29.21 27.70
N GLY C 259 3.85 -29.88 28.84
CA GLY C 259 3.80 -31.33 28.82
C GLY C 259 2.55 -31.77 28.09
N GLY C 260 1.43 -31.12 28.41
CA GLY C 260 0.17 -31.45 27.76
C GLY C 260 0.27 -31.16 26.27
N ALA C 261 0.76 -29.98 25.94
CA ALA C 261 0.90 -29.60 24.54
C ALA C 261 1.68 -30.66 23.79
N ILE C 262 2.89 -30.95 24.26
CA ILE C 262 3.71 -31.95 23.62
C ILE C 262 2.98 -33.28 23.54
N GLY C 263 2.27 -33.63 24.60
CA GLY C 263 1.56 -34.89 24.62
C GLY C 263 0.41 -34.95 23.61
N ALA C 264 -0.19 -33.81 23.33
CA ALA C 264 -1.31 -33.73 22.38
C ALA C 264 -0.87 -33.77 20.93
N VAL C 265 0.42 -33.59 20.69
CA VAL C 265 0.93 -33.62 19.33
C VAL C 265 1.07 -35.06 18.85
N ASP C 266 0.22 -35.46 17.91
CA ASP C 266 0.25 -36.82 17.39
C ASP C 266 0.77 -36.90 15.96
N ASP C 267 0.72 -38.09 15.39
CA ASP C 267 1.17 -38.34 14.03
C ASP C 267 0.49 -37.42 13.03
N ALA C 268 -0.80 -37.19 13.22
CA ALA C 268 -1.56 -36.34 12.33
C ALA C 268 -0.97 -34.93 12.28
N LEU C 269 -0.79 -34.34 13.45
CA LEU C 269 -0.24 -32.99 13.56
C LEU C 269 1.18 -32.89 13.01
N MET C 270 2.01 -33.89 13.29
CA MET C 270 3.39 -33.91 12.82
C MET C 270 3.37 -33.90 11.28
N GLU C 271 2.49 -34.70 10.72
CA GLU C 271 2.36 -34.82 9.27
C GLU C 271 1.94 -33.50 8.61
N ALA C 272 1.03 -32.79 9.26
CA ALA C 272 0.53 -31.52 8.76
C ALA C 272 1.44 -30.32 8.99
N PHE C 273 2.15 -30.29 10.11
CA PHE C 273 2.96 -29.13 10.42
C PHE C 273 4.48 -29.22 10.47
N SER C 274 5.06 -30.33 10.05
CA SER C 274 6.50 -30.44 10.09
C SER C 274 7.01 -31.50 9.14
N VAL C 275 8.32 -31.51 8.96
CA VAL C 275 8.99 -32.49 8.14
C VAL C 275 10.01 -33.07 9.09
N VAL C 276 9.70 -34.24 9.64
CA VAL C 276 10.60 -34.88 10.61
C VAL C 276 10.87 -36.32 10.25
N GLY C 277 11.99 -36.83 10.74
CA GLY C 277 12.36 -38.20 10.50
C GLY C 277 13.80 -38.33 10.07
N THR C 278 14.09 -39.47 9.45
CA THR C 278 15.43 -39.79 8.95
C THR C 278 15.66 -39.20 7.56
N PRO C 279 16.93 -39.07 7.15
CA PRO C 279 17.28 -38.52 5.83
C PRO C 279 16.46 -39.14 4.70
N ASP C 280 16.38 -40.47 4.71
CA ASP C 280 15.63 -41.19 3.68
C ASP C 280 14.15 -40.78 3.67
N GLU C 281 13.62 -40.44 4.84
CA GLU C 281 12.22 -40.04 4.93
C GLU C 281 12.00 -38.62 4.40
N PHE C 282 13.05 -37.80 4.44
CA PHE C 282 12.96 -36.43 3.97
C PHE C 282 12.81 -36.31 2.45
N ILE C 283 13.54 -37.15 1.73
CA ILE C 283 13.51 -37.11 0.27
C ILE C 283 12.10 -37.10 -0.33
N PRO C 284 11.31 -38.16 -0.13
CA PRO C 284 9.96 -38.12 -0.72
C PRO C 284 9.14 -36.89 -0.30
N LYS C 285 9.15 -36.54 0.98
CA LYS C 285 8.40 -35.39 1.46
C LYS C 285 8.77 -34.10 0.75
N ILE C 286 10.08 -33.89 0.53
CA ILE C 286 10.53 -32.68 -0.14
C ILE C 286 10.15 -32.70 -1.61
N GLU C 287 10.15 -33.89 -2.22
CA GLU C 287 9.77 -34.02 -3.62
C GLU C 287 8.30 -33.67 -3.75
N ALA C 288 7.52 -34.07 -2.76
CA ALA C 288 6.09 -33.80 -2.76
C ALA C 288 5.84 -32.30 -2.61
N LEU C 289 6.71 -31.61 -1.87
CA LEU C 289 6.56 -30.17 -1.73
C LEU C 289 6.90 -29.53 -3.08
N GLY C 290 7.95 -30.05 -3.72
CA GLY C 290 8.34 -29.51 -5.02
C GLY C 290 7.23 -29.66 -6.05
N GLU C 291 6.50 -30.77 -6.00
CA GLU C 291 5.43 -31.01 -6.95
C GLU C 291 4.23 -30.08 -6.75
N MET C 292 4.19 -29.39 -5.61
CA MET C 292 3.11 -28.46 -5.34
C MET C 292 3.58 -27.03 -5.52
N GLY C 293 4.76 -26.85 -6.10
CA GLY C 293 5.26 -25.50 -6.35
C GLY C 293 6.39 -24.96 -5.50
N VAL C 294 6.78 -25.67 -4.45
CA VAL C 294 7.88 -25.20 -3.60
C VAL C 294 9.19 -25.24 -4.37
N THR C 295 9.91 -24.13 -4.39
CA THR C 295 11.20 -24.08 -5.08
C THR C 295 12.39 -24.00 -4.13
N GLN C 296 12.14 -23.61 -2.88
CA GLN C 296 13.19 -23.57 -1.88
C GLN C 296 12.69 -24.24 -0.60
N TYR C 297 13.39 -25.30 -0.17
CA TYR C 297 13.03 -25.99 1.06
C TYR C 297 13.85 -25.34 2.14
N VAL C 298 13.18 -24.77 3.13
CA VAL C 298 13.93 -24.16 4.22
C VAL C 298 13.78 -25.00 5.47
N ALA C 299 14.93 -25.47 5.98
CA ALA C 299 14.92 -26.25 7.21
C ALA C 299 14.84 -25.25 8.35
N GLY C 300 13.68 -25.20 9.01
CA GLY C 300 13.49 -24.29 10.11
C GLY C 300 13.53 -25.02 11.45
N SER C 301 13.45 -24.26 12.54
CA SER C 301 13.52 -24.80 13.89
C SER C 301 12.69 -26.06 14.07
N PRO C 302 13.19 -27.01 14.86
CA PRO C 302 14.47 -26.98 15.58
C PRO C 302 15.63 -27.45 14.72
N ILE C 303 15.34 -27.83 13.48
CA ILE C 303 16.31 -28.39 12.53
C ILE C 303 16.56 -29.84 12.93
N GLY C 304 16.69 -30.09 14.23
CA GLY C 304 16.89 -31.44 14.73
C GLY C 304 17.42 -31.47 16.15
N PRO C 305 17.55 -32.67 16.76
CA PRO C 305 18.05 -32.84 18.13
C PRO C 305 19.32 -32.04 18.33
N ASP C 306 20.24 -32.16 17.38
CA ASP C 306 21.51 -31.44 17.42
C ASP C 306 21.75 -30.76 16.07
N LYS C 307 21.66 -29.43 16.04
CA LYS C 307 21.84 -28.68 14.81
C LYS C 307 23.03 -29.07 13.92
N GLU C 308 24.22 -29.10 14.50
CA GLU C 308 25.41 -29.45 13.73
C GLU C 308 25.24 -30.81 13.08
N LYS C 309 24.79 -31.78 13.87
CA LYS C 309 24.61 -33.13 13.36
C LYS C 309 23.50 -33.15 12.30
N SER C 310 22.40 -32.44 12.56
CA SER C 310 21.29 -32.38 11.61
C SER C 310 21.64 -31.66 10.30
N ILE C 311 22.49 -30.63 10.39
CA ILE C 311 22.92 -29.92 9.19
C ILE C 311 23.69 -30.89 8.29
N LYS C 312 24.46 -31.79 8.89
CA LYS C 312 25.19 -32.76 8.09
C LYS C 312 24.23 -33.75 7.46
N LEU C 313 23.21 -34.17 8.21
CA LEU C 313 22.22 -35.10 7.68
C LEU C 313 21.45 -34.47 6.52
N LEU C 314 21.13 -33.18 6.64
CA LEU C 314 20.44 -32.48 5.57
C LEU C 314 21.37 -32.45 4.36
N GLY C 315 22.68 -32.41 4.64
CA GLY C 315 23.65 -32.41 3.56
C GLY C 315 23.45 -33.67 2.72
N GLU C 316 23.11 -34.77 3.37
CA GLU C 316 22.87 -36.03 2.64
C GLU C 316 21.65 -35.84 1.74
N VAL C 317 20.60 -35.27 2.33
CA VAL C 317 19.35 -35.01 1.62
C VAL C 317 19.60 -34.14 0.39
N ILE C 318 20.30 -33.02 0.59
CA ILE C 318 20.62 -32.12 -0.52
C ILE C 318 21.31 -32.87 -1.66
N ALA C 319 22.26 -33.73 -1.32
CA ALA C 319 22.96 -34.50 -2.35
C ALA C 319 21.99 -35.37 -3.14
N SER C 320 20.80 -35.59 -2.60
CA SER C 320 19.82 -36.41 -3.28
C SER C 320 18.95 -35.62 -4.26
N PHE C 321 19.11 -34.29 -4.26
CA PHE C 321 18.37 -33.44 -5.16
C PHE C 321 19.33 -32.73 -6.10
N MET D 1 42.30 13.75 30.86
CA MET D 1 41.59 13.85 29.55
C MET D 1 41.56 12.49 28.85
N LYS D 2 40.36 12.04 28.47
CA LYS D 2 40.25 10.78 27.75
C LYS D 2 40.08 11.13 26.26
N PHE D 3 40.46 10.22 25.37
CA PHE D 3 40.34 10.51 23.96
C PHE D 3 39.43 9.56 23.19
N GLY D 4 38.61 10.17 22.34
CA GLY D 4 37.70 9.39 21.52
C GLY D 4 37.93 9.81 20.09
N ILE D 5 37.47 9.00 19.17
CA ILE D 5 37.63 9.30 17.75
C ILE D 5 36.37 8.88 17.00
N GLU D 6 36.00 9.67 16.00
CA GLU D 6 34.81 9.42 15.20
C GLU D 6 35.10 8.91 13.81
N PHE D 7 34.27 7.97 13.35
CA PHE D 7 34.38 7.46 12.01
C PHE D 7 32.98 7.43 11.39
N VAL D 8 32.91 7.78 10.11
CA VAL D 8 31.65 7.77 9.37
C VAL D 8 31.69 6.54 8.49
N PRO D 9 30.74 5.61 8.68
CA PRO D 9 30.71 4.40 7.86
C PRO D 9 30.33 4.65 6.39
N ASN D 10 31.16 5.43 5.69
CA ASN D 10 30.94 5.68 4.27
C ASN D 10 32.13 5.20 3.44
N GLU D 11 32.94 4.34 4.04
CA GLU D 11 34.07 3.74 3.33
C GLU D 11 34.07 2.30 3.77
N PRO D 12 34.82 1.42 3.08
CA PRO D 12 34.81 0.02 3.48
C PRO D 12 34.98 -0.19 4.97
N ILE D 13 34.11 -1.03 5.55
CA ILE D 13 34.18 -1.31 6.97
C ILE D 13 35.55 -1.93 7.33
N GLU D 14 36.08 -2.82 6.49
CA GLU D 14 37.37 -3.45 6.79
C GLU D 14 38.44 -2.40 7.01
N LYS D 15 38.33 -1.28 6.28
CA LYS D 15 39.26 -0.18 6.42
C LYS D 15 39.02 0.53 7.73
N ILE D 16 37.74 0.77 8.06
CA ILE D 16 37.42 1.45 9.31
C ILE D 16 37.92 0.62 10.50
N VAL D 17 37.78 -0.70 10.40
CA VAL D 17 38.24 -1.59 11.47
C VAL D 17 39.74 -1.37 11.71
N LYS D 18 40.52 -1.36 10.63
CA LYS D 18 41.96 -1.13 10.76
C LYS D 18 42.28 0.21 11.39
N LEU D 19 41.56 1.26 10.99
CA LEU D 19 41.79 2.59 11.56
C LEU D 19 41.42 2.66 13.03
N VAL D 20 40.35 1.98 13.43
CA VAL D 20 39.98 2.01 14.85
C VAL D 20 41.06 1.26 15.65
N LYS D 21 41.51 0.12 15.14
CA LYS D 21 42.54 -0.65 15.82
C LYS D 21 43.78 0.24 15.96
N LEU D 22 44.12 0.98 14.90
CA LEU D 22 45.25 1.90 14.94
C LEU D 22 45.04 2.91 16.06
N ALA D 23 43.83 3.48 16.12
CA ALA D 23 43.52 4.47 17.14
C ALA D 23 43.67 3.84 18.53
N GLU D 24 43.21 2.61 18.64
CA GLU D 24 43.31 1.88 19.90
C GLU D 24 44.81 1.76 20.23
N ASP D 25 45.58 1.34 19.24
CA ASP D 25 47.01 1.16 19.43
C ASP D 25 47.78 2.42 19.82
N VAL D 26 47.25 3.59 19.48
CA VAL D 26 47.96 4.82 19.85
C VAL D 26 47.34 5.49 21.06
N GLY D 27 46.42 4.81 21.73
CA GLY D 27 45.85 5.40 22.93
C GLY D 27 44.42 5.91 22.99
N PHE D 28 43.66 5.78 21.91
CA PHE D 28 42.26 6.25 22.00
C PHE D 28 41.48 5.27 22.86
N GLU D 29 40.65 5.79 23.75
CA GLU D 29 39.82 4.98 24.63
C GLU D 29 38.39 4.78 24.12
N TYR D 30 37.92 5.69 23.26
CA TYR D 30 36.56 5.58 22.71
C TYR D 30 36.51 5.72 21.20
N ALA D 31 35.65 4.92 20.58
CA ALA D 31 35.43 4.98 19.15
C ALA D 31 33.94 5.25 18.96
N TRP D 32 33.62 6.31 18.23
CA TRP D 32 32.24 6.69 17.95
C TRP D 32 31.95 6.57 16.47
N ILE D 33 30.96 5.75 16.12
CA ILE D 33 30.58 5.53 14.75
C ILE D 33 29.22 6.22 14.50
N THR D 34 29.14 7.05 13.46
CA THR D 34 27.90 7.76 13.19
C THR D 34 26.83 6.82 12.64
N ASP D 35 25.58 7.19 12.90
CA ASP D 35 24.43 6.39 12.51
C ASP D 35 23.45 7.18 11.63
N HIS D 36 23.43 6.85 10.35
CA HIS D 36 22.55 7.50 9.38
C HIS D 36 22.14 6.47 8.39
N TYR D 37 20.85 6.46 8.04
CA TYR D 37 20.32 5.49 7.11
C TYR D 37 21.04 5.51 5.77
N ASN D 38 21.53 6.68 5.34
CA ASN D 38 22.16 6.74 4.03
C ASN D 38 23.59 6.22 3.97
N ASN D 39 24.15 5.87 5.12
CA ASN D 39 25.51 5.31 5.16
C ASN D 39 25.41 3.86 5.59
N LYS D 40 26.55 3.18 5.74
CA LYS D 40 26.49 1.78 6.15
C LYS D 40 25.89 1.62 7.56
N ASN D 41 25.26 0.49 7.78
CA ASN D 41 24.62 0.23 9.08
C ASN D 41 25.64 0.34 10.20
N VAL D 42 25.33 1.16 11.20
CA VAL D 42 26.23 1.41 12.31
C VAL D 42 26.56 0.17 13.15
N TYR D 43 25.59 -0.73 13.29
CA TYR D 43 25.81 -1.92 14.09
C TYR D 43 26.61 -2.97 13.35
N GLU D 44 26.39 -3.09 12.05
CA GLU D 44 27.19 -4.05 11.30
C GLU D 44 28.65 -3.57 11.36
N THR D 45 28.82 -2.25 11.34
CA THR D 45 30.16 -1.64 11.41
C THR D 45 30.78 -1.91 12.79
N LEU D 46 30.06 -1.54 13.84
CA LEU D 46 30.51 -1.74 15.21
C LEU D 46 30.83 -3.20 15.53
N ALA D 47 30.07 -4.13 14.97
CA ALA D 47 30.29 -5.54 15.20
C ALA D 47 31.64 -5.97 14.62
N LEU D 48 31.92 -5.54 13.39
CA LEU D 48 33.20 -5.91 12.80
C LEU D 48 34.33 -5.18 13.50
N ILE D 49 34.07 -3.99 14.01
CA ILE D 49 35.09 -3.24 14.73
C ILE D 49 35.40 -3.99 16.04
N ALA D 50 34.34 -4.45 16.72
CA ALA D 50 34.49 -5.18 17.96
C ALA D 50 35.40 -6.37 17.74
N GLU D 51 35.20 -7.11 16.64
CA GLU D 51 36.05 -8.26 16.37
C GLU D 51 37.50 -7.89 16.11
N GLY D 52 37.74 -6.71 15.54
CA GLY D 52 39.09 -6.32 15.23
C GLY D 52 39.81 -5.49 16.28
N THR D 53 39.18 -5.33 17.45
CA THR D 53 39.78 -4.55 18.51
C THR D 53 39.77 -5.33 19.83
N GLU D 54 40.40 -4.78 20.85
CA GLU D 54 40.46 -5.48 22.12
C GLU D 54 40.16 -4.62 23.35
N THR D 55 40.42 -3.33 23.30
CA THR D 55 40.17 -2.52 24.48
C THR D 55 39.38 -1.24 24.29
N ILE D 56 39.39 -0.69 23.09
CA ILE D 56 38.69 0.56 22.87
C ILE D 56 37.18 0.40 23.08
N LYS D 57 36.56 1.39 23.69
CA LYS D 57 35.12 1.37 23.89
C LYS D 57 34.49 1.81 22.56
N LEU D 58 33.38 1.20 22.19
CA LEU D 58 32.72 1.53 20.95
C LEU D 58 31.22 1.55 21.01
N GLY D 59 30.63 2.48 20.26
CA GLY D 59 29.20 2.61 20.21
C GLY D 59 28.79 3.64 19.18
N PRO D 60 27.48 3.71 18.87
CA PRO D 60 26.97 4.68 17.89
C PRO D 60 27.13 6.09 18.45
N GLY D 61 27.55 7.03 17.60
CA GLY D 61 27.71 8.39 18.06
C GLY D 61 27.16 9.40 17.06
N VAL D 62 25.86 9.67 17.08
CA VAL D 62 24.92 9.05 18.00
C VAL D 62 23.76 8.45 17.19
N THR D 63 22.99 7.57 17.80
CA THR D 63 21.86 7.02 17.10
C THR D 63 20.69 7.90 17.54
N ASN D 64 19.47 7.48 17.25
CA ASN D 64 18.33 8.27 17.69
C ASN D 64 17.15 7.34 18.00
N PRO D 65 16.16 7.83 18.74
CA PRO D 65 15.00 7.00 19.10
C PRO D 65 13.91 6.89 18.03
N TYR D 66 14.14 7.41 16.83
CA TYR D 66 13.11 7.37 15.81
C TYR D 66 13.23 6.38 14.67
N VAL D 67 14.43 6.14 14.18
CA VAL D 67 14.59 5.24 13.04
C VAL D 67 14.57 3.78 13.44
N ARG D 68 14.68 3.52 14.73
CA ARG D 68 14.63 2.16 15.25
C ARG D 68 13.96 2.25 16.60
N SER D 69 13.20 1.22 16.95
CA SER D 69 12.56 1.16 18.26
C SER D 69 13.67 1.13 19.30
N PRO D 70 13.54 1.92 20.37
CA PRO D 70 14.58 1.88 21.41
C PRO D 70 14.89 0.45 21.87
N ALA D 71 13.92 -0.45 21.77
CA ALA D 71 14.12 -1.84 22.16
C ALA D 71 15.11 -2.52 21.21
N ILE D 72 15.00 -2.19 19.94
CA ILE D 72 15.91 -2.74 18.93
C ILE D 72 17.31 -2.16 19.22
N THR D 73 17.38 -0.90 19.59
CA THR D 73 18.65 -0.27 19.93
C THR D 73 19.29 -0.96 21.14
N ALA D 74 18.51 -1.16 22.21
CA ALA D 74 19.03 -1.83 23.42
C ALA D 74 19.58 -3.20 23.03
N SER D 75 18.82 -3.93 22.23
CA SER D 75 19.25 -5.24 21.77
C SER D 75 20.54 -5.16 20.94
N ALA D 76 20.65 -4.15 20.08
CA ALA D 76 21.84 -4.01 19.22
C ALA D 76 23.07 -3.68 20.08
N ILE D 77 22.87 -2.86 21.10
CA ILE D 77 23.94 -2.47 22.02
C ILE D 77 24.37 -3.65 22.91
N ALA D 78 23.41 -4.42 23.38
CA ALA D 78 23.71 -5.58 24.22
C ALA D 78 24.47 -6.60 23.38
N THR D 79 24.06 -6.73 22.11
CA THR D 79 24.70 -7.66 21.19
C THR D 79 26.17 -7.24 21.00
N LEU D 80 26.37 -5.93 20.87
CA LEU D 80 27.71 -5.38 20.68
C LEU D 80 28.53 -5.58 21.96
N ASP D 81 27.88 -5.39 23.11
CA ASP D 81 28.54 -5.55 24.39
C ASP D 81 29.06 -6.99 24.56
N GLU D 82 28.30 -7.96 24.05
CA GLU D 82 28.72 -9.35 24.11
C GLU D 82 29.89 -9.56 23.15
N LEU D 83 29.77 -9.03 21.95
CA LEU D 83 30.83 -9.17 20.95
C LEU D 83 32.15 -8.53 21.36
N SER D 84 32.06 -7.40 22.06
CA SER D 84 33.22 -6.65 22.48
C SER D 84 33.65 -6.98 23.91
N ASN D 85 32.92 -7.91 24.53
CA ASN D 85 33.19 -8.31 25.91
C ASN D 85 33.17 -7.11 26.85
N GLY D 86 32.06 -6.38 26.86
CA GLY D 86 31.91 -5.26 27.77
C GLY D 86 32.45 -3.90 27.37
N ARG D 87 32.64 -3.65 26.08
CA ARG D 87 33.17 -2.35 25.66
C ARG D 87 32.16 -1.43 24.98
N ALA D 88 30.89 -1.85 24.92
CA ALA D 88 29.87 -1.03 24.29
C ALA D 88 29.55 0.27 25.01
N THR D 89 29.21 1.27 24.21
CA THR D 89 28.79 2.56 24.71
C THR D 89 27.54 2.84 23.86
N LEU D 90 26.69 3.74 24.33
CA LEU D 90 25.48 4.08 23.59
C LEU D 90 25.31 5.58 23.53
N GLY D 91 25.53 6.14 22.35
CA GLY D 91 25.33 7.57 22.21
C GLY D 91 24.00 7.74 21.50
N ILE D 92 23.13 8.59 22.03
CA ILE D 92 21.85 8.80 21.39
C ILE D 92 21.51 10.29 21.34
N GLY D 93 20.93 10.71 20.23
CA GLY D 93 20.56 12.11 20.05
C GLY D 93 19.17 12.23 19.44
N PRO D 94 18.67 13.47 19.24
CA PRO D 94 17.34 13.68 18.66
C PRO D 94 17.23 13.39 17.17
N GLY D 95 18.36 13.35 16.48
CA GLY D 95 18.30 13.10 15.05
C GLY D 95 18.12 14.45 14.38
N ASP D 96 17.70 14.46 13.12
CA ASP D 96 17.55 15.72 12.39
C ASP D 96 16.32 15.72 11.52
N LYS D 97 15.69 16.89 11.37
CA LYS D 97 14.48 17.02 10.58
C LYS D 97 14.59 16.54 9.13
N ALA D 98 15.68 16.89 8.46
CA ALA D 98 15.84 16.48 7.08
C ALA D 98 15.63 14.99 6.93
N THR D 99 16.37 14.23 7.72
CA THR D 99 16.28 12.79 7.68
C THR D 99 14.85 12.28 7.88
N PHE D 100 14.21 12.75 8.95
CA PHE D 100 12.88 12.26 9.24
C PHE D 100 11.81 12.61 8.21
N ASP D 101 11.93 13.78 7.59
CA ASP D 101 10.99 14.13 6.54
C ASP D 101 11.19 13.14 5.40
N ALA D 102 12.45 12.88 5.05
CA ALA D 102 12.73 11.94 3.98
C ALA D 102 12.27 10.53 4.34
N LEU D 103 12.19 10.21 5.63
CA LEU D 103 11.76 8.87 6.02
C LEU D 103 10.29 8.83 6.43
N GLY D 104 9.61 9.96 6.36
CA GLY D 104 8.20 9.99 6.71
C GLY D 104 7.97 9.72 8.18
N ILE D 105 8.86 10.23 9.01
CA ILE D 105 8.77 10.03 10.45
C ILE D 105 8.45 11.36 11.13
N GLU D 106 7.44 11.38 12.00
CA GLU D 106 7.09 12.60 12.71
C GLU D 106 8.13 12.84 13.80
N TRP D 107 8.71 14.03 13.80
CA TRP D 107 9.73 14.38 14.79
C TRP D 107 9.09 15.03 16.01
N VAL D 108 8.42 14.20 16.81
CA VAL D 108 7.71 14.67 17.98
C VAL D 108 8.58 14.77 19.25
N LYS D 109 8.47 15.91 19.94
CA LYS D 109 9.21 16.20 21.15
C LYS D 109 10.43 15.32 21.44
N PRO D 110 11.56 15.69 20.85
CA PRO D 110 12.84 14.99 20.96
C PRO D 110 13.29 14.75 22.40
N VAL D 111 13.19 15.75 23.27
CA VAL D 111 13.66 15.55 24.64
C VAL D 111 12.90 14.45 25.36
N SER D 112 11.58 14.55 25.41
CA SER D 112 10.82 13.51 26.09
C SER D 112 10.91 12.18 25.37
N THR D 113 11.12 12.20 24.06
CA THR D 113 11.23 10.94 23.33
C THR D 113 12.54 10.27 23.72
N ILE D 114 13.58 11.08 23.83
CA ILE D 114 14.89 10.57 24.23
C ILE D 114 14.76 10.08 25.68
N ARG D 115 14.12 10.89 26.52
CA ARG D 115 13.95 10.51 27.91
C ARG D 115 13.26 9.15 28.02
N ASP D 116 12.15 8.98 27.30
CA ASP D 116 11.44 7.72 27.34
C ASP D 116 12.26 6.59 26.75
N ALA D 117 12.97 6.87 25.67
CA ALA D 117 13.81 5.84 25.03
C ALA D 117 14.87 5.35 26.02
N ILE D 118 15.55 6.28 26.67
CA ILE D 118 16.59 5.92 27.62
C ILE D 118 16.02 5.12 28.79
N ALA D 119 14.86 5.52 29.29
CA ALA D 119 14.22 4.80 30.39
C ALA D 119 14.01 3.35 29.97
N MET D 120 13.47 3.15 28.78
CA MET D 120 13.23 1.80 28.29
C MET D 120 14.54 1.04 28.09
N MET D 121 15.54 1.69 27.50
CA MET D 121 16.80 1.01 27.27
C MET D 121 17.53 0.68 28.57
N ARG D 122 17.41 1.55 29.57
CA ARG D 122 18.05 1.26 30.87
C ARG D 122 17.48 -0.06 31.35
N THR D 123 16.14 -0.14 31.36
CA THR D 123 15.45 -1.35 31.81
C THR D 123 15.89 -2.58 31.03
N LEU D 124 15.77 -2.52 29.70
CA LEU D 124 16.14 -3.65 28.88
C LEU D 124 17.61 -4.07 29.03
N LEU D 125 18.51 -3.09 29.06
CA LEU D 125 19.93 -3.40 29.18
C LEU D 125 20.28 -4.01 30.54
N ALA D 126 19.45 -3.71 31.54
CA ALA D 126 19.63 -4.25 32.88
C ALA D 126 19.08 -5.67 32.93
N GLY D 127 18.54 -6.15 31.81
CA GLY D 127 17.99 -7.49 31.76
C GLY D 127 16.60 -7.55 32.38
N GLU D 128 16.04 -6.39 32.67
CA GLU D 128 14.72 -6.29 33.27
C GLU D 128 13.57 -6.22 32.27
N LYS D 129 12.34 -6.27 32.80
CA LYS D 129 11.13 -6.25 32.00
C LYS D 129 10.43 -4.90 32.14
N THR D 130 10.08 -4.28 31.02
CA THR D 130 9.41 -2.98 31.08
C THR D 130 7.95 -3.17 31.49
N GLU D 131 7.29 -2.11 31.95
CA GLU D 131 5.89 -2.25 32.34
C GLU D 131 5.08 -2.77 31.18
N SER D 132 5.51 -2.46 29.94
CA SER D 132 4.80 -2.93 28.75
C SER D 132 5.08 -4.40 28.44
N GLY D 133 5.98 -5.02 29.22
CA GLY D 133 6.27 -6.43 28.99
C GLY D 133 7.48 -6.75 28.14
N ALA D 134 8.15 -5.74 27.60
CA ALA D 134 9.33 -5.99 26.77
C ALA D 134 10.51 -6.44 27.64
N GLN D 135 11.25 -7.42 27.16
CA GLN D 135 12.42 -7.92 27.89
C GLN D 135 13.40 -8.64 26.98
N LEU D 136 14.69 -8.37 27.15
CA LEU D 136 15.69 -9.06 26.34
C LEU D 136 15.76 -10.50 26.82
N MET D 137 15.87 -11.44 25.89
CA MET D 137 15.91 -12.85 26.24
C MET D 137 17.14 -13.58 25.71
N GLY D 138 17.41 -13.43 24.41
CA GLY D 138 18.53 -14.13 23.80
C GLY D 138 19.80 -13.33 23.72
N VAL D 139 19.86 -12.22 24.44
CA VAL D 139 21.04 -11.38 24.44
C VAL D 139 21.11 -10.70 25.79
N LYS D 140 22.32 -10.58 26.31
CA LYS D 140 22.51 -9.98 27.63
C LYS D 140 23.75 -9.09 27.67
N ALA D 141 23.62 -7.93 28.29
CA ALA D 141 24.77 -7.03 28.42
C ALA D 141 25.84 -7.67 29.32
N VAL D 142 27.09 -7.28 29.10
CA VAL D 142 28.21 -7.78 29.90
C VAL D 142 28.41 -6.78 31.03
N GLN D 143 28.46 -5.50 30.68
CA GLN D 143 28.64 -4.46 31.68
C GLN D 143 27.42 -4.38 32.59
N GLU D 144 27.66 -3.99 33.83
CA GLU D 144 26.61 -3.84 34.81
C GLU D 144 25.73 -2.70 34.34
N LYS D 145 26.36 -1.68 33.78
CA LYS D 145 25.64 -0.52 33.29
C LYS D 145 26.32 0.07 32.07
N ILE D 146 25.79 -0.24 30.90
CA ILE D 146 26.35 0.29 29.66
C ILE D 146 26.13 1.79 29.70
N PRO D 147 27.19 2.59 29.46
CA PRO D 147 27.07 4.04 29.49
C PRO D 147 26.21 4.54 28.36
N ILE D 148 25.34 5.49 28.68
CA ILE D 148 24.49 6.08 27.68
C ILE D 148 24.84 7.55 27.60
N TYR D 149 25.33 7.97 26.43
CA TYR D 149 25.68 9.37 26.21
C TYR D 149 24.60 10.05 25.39
N MET D 150 24.25 11.27 25.75
CA MET D 150 23.26 11.99 24.98
C MET D 150 23.91 13.08 24.15
N GLY D 151 23.55 13.13 22.88
CA GLY D 151 24.05 14.18 22.03
C GLY D 151 23.22 15.34 22.52
N ALA D 152 23.86 16.43 22.91
CA ALA D 152 23.12 17.58 23.42
C ALA D 152 23.70 18.87 22.88
N GLN D 153 22.91 19.59 22.10
CA GLN D 153 23.35 20.84 21.51
C GLN D 153 22.52 22.01 22.02
N GLY D 154 21.55 21.73 22.87
CA GLY D 154 20.71 22.78 23.40
C GLY D 154 20.55 22.71 24.91
N PRO D 155 20.06 23.78 25.53
CA PRO D 155 19.84 23.88 26.98
C PRO D 155 19.03 22.75 27.61
N MET D 156 17.88 22.44 27.04
CA MET D 156 17.02 21.41 27.59
C MET D 156 17.69 20.02 27.48
N MET D 157 18.37 19.76 26.36
CA MET D 157 19.06 18.49 26.17
C MET D 157 20.24 18.36 27.14
N LEU D 158 20.96 19.46 27.34
CA LEU D 158 22.10 19.45 28.25
C LEU D 158 21.63 19.16 29.66
N LYS D 159 20.60 19.88 30.11
CA LYS D 159 20.08 19.66 31.45
C LYS D 159 19.60 18.21 31.57
N THR D 160 18.96 17.71 30.53
CA THR D 160 18.45 16.34 30.55
C THR D 160 19.60 15.35 30.57
N ALA D 161 20.67 15.64 29.84
CA ALA D 161 21.82 14.75 29.82
C ALA D 161 22.35 14.64 31.26
N GLY D 162 22.40 15.76 31.96
CA GLY D 162 22.87 15.73 33.33
C GLY D 162 21.98 14.86 34.18
N GLU D 163 20.66 14.98 34.01
CA GLU D 163 19.69 14.20 34.78
C GLU D 163 19.65 12.69 34.51
N ILE D 164 19.74 12.30 33.25
CA ILE D 164 19.61 10.88 32.93
C ILE D 164 20.72 10.16 32.18
N SER D 165 21.76 10.87 31.76
CA SER D 165 22.80 10.17 31.02
C SER D 165 24.11 10.06 31.80
N ASP D 166 25.06 9.38 31.19
CA ASP D 166 26.38 9.18 31.75
C ASP D 166 27.41 10.03 31.01
N GLY D 167 26.95 10.74 29.99
CA GLY D 167 27.83 11.59 29.22
C GLY D 167 27.09 12.44 28.24
N ALA D 168 27.73 13.49 27.78
CA ALA D 168 27.14 14.40 26.82
C ALA D 168 28.10 14.56 25.65
N LEU D 169 27.64 14.23 24.45
CA LEU D 169 28.45 14.41 23.25
C LEU D 169 27.98 15.74 22.71
N ILE D 170 28.83 16.74 22.89
CA ILE D 170 28.53 18.10 22.46
C ILE D 170 29.32 18.45 21.21
N ASN D 171 28.60 18.84 20.16
CA ASN D 171 29.22 19.21 18.90
C ASN D 171 29.80 20.62 19.02
N ALA D 172 31.00 20.72 19.58
CA ALA D 172 31.67 21.99 19.76
C ALA D 172 33.17 21.71 19.91
N SER D 173 33.98 22.70 19.56
CA SER D 173 35.43 22.55 19.62
C SER D 173 36.13 23.66 20.38
N ASN D 174 35.38 24.63 20.86
CA ASN D 174 35.96 25.77 21.54
C ASN D 174 35.57 25.87 23.00
N PRO D 175 36.52 26.24 23.87
CA PRO D 175 36.32 26.39 25.31
C PRO D 175 35.09 27.21 25.71
N LYS D 176 34.82 28.30 24.99
CA LYS D 176 33.67 29.15 25.33
C LYS D 176 32.36 28.40 25.26
N ASP D 177 32.27 27.44 24.35
CA ASP D 177 31.05 26.65 24.21
C ASP D 177 30.81 25.81 25.46
N PHE D 178 31.86 25.15 25.94
CA PHE D 178 31.67 24.32 27.14
C PHE D 178 31.54 25.14 28.40
N GLU D 179 32.00 26.39 28.34
CA GLU D 179 31.88 27.27 29.49
C GLU D 179 30.39 27.50 29.71
N ALA D 180 29.65 27.55 28.61
CA ALA D 180 28.20 27.77 28.68
C ALA D 180 27.41 26.47 28.88
N ALA D 181 27.86 25.39 28.25
CA ALA D 181 27.18 24.09 28.33
C ALA D 181 27.29 23.34 29.66
N VAL D 182 28.51 23.11 30.12
CA VAL D 182 28.73 22.37 31.36
C VAL D 182 27.83 22.82 32.52
N PRO D 183 27.71 24.14 32.73
CA PRO D 183 26.84 24.58 33.83
C PRO D 183 25.42 24.02 33.72
N LEU D 184 24.91 23.91 32.49
CA LEU D 184 23.57 23.38 32.28
C LEU D 184 23.54 21.91 32.60
N ILE D 185 24.59 21.20 32.22
CA ILE D 185 24.66 19.77 32.49
C ILE D 185 24.72 19.59 34.00
N LYS D 186 25.51 20.44 34.66
CA LYS D 186 25.64 20.36 36.11
C LYS D 186 24.31 20.61 36.80
N GLU D 187 23.56 21.60 36.31
CA GLU D 187 22.26 21.94 36.90
C GLU D 187 21.33 20.72 36.80
N GLY D 188 21.38 20.03 35.66
CA GLY D 188 20.55 18.87 35.48
C GLY D 188 20.95 17.72 36.38
N ALA D 189 22.26 17.51 36.51
CA ALA D 189 22.79 16.44 37.34
C ALA D 189 22.35 16.63 38.79
N GLU D 190 22.54 17.85 39.30
CA GLU D 190 22.17 18.13 40.69
C GLU D 190 20.68 17.88 40.89
N ALA D 191 19.87 18.33 39.95
CA ALA D 191 18.43 18.14 40.05
C ALA D 191 18.07 16.66 40.20
N ALA D 192 18.94 15.80 39.69
CA ALA D 192 18.71 14.36 39.75
C ALA D 192 19.48 13.71 40.90
N GLY D 193 20.06 14.51 41.77
CA GLY D 193 20.81 13.96 42.87
C GLY D 193 22.09 13.34 42.39
N LYS D 194 22.58 13.81 41.24
CA LYS D 194 23.82 13.32 40.66
C LYS D 194 24.85 14.43 40.75
N SER D 195 26.08 14.12 40.34
CA SER D 195 27.16 15.09 40.37
C SER D 195 27.70 15.26 38.97
N ILE D 196 28.20 16.45 38.67
CA ILE D 196 28.77 16.72 37.36
C ILE D 196 29.92 15.75 37.12
N ALA D 197 30.49 15.23 38.21
CA ALA D 197 31.59 14.29 38.10
C ALA D 197 31.13 12.98 37.51
N ASP D 198 29.81 12.72 37.56
CA ASP D 198 29.24 11.49 37.04
C ASP D 198 29.04 11.52 35.53
N ILE D 199 29.10 12.71 34.95
CA ILE D 199 28.87 12.86 33.51
C ILE D 199 30.16 13.09 32.73
N ASP D 200 30.40 12.23 31.75
CA ASP D 200 31.57 12.37 30.90
C ASP D 200 31.21 13.42 29.85
N VAL D 201 31.79 14.62 30.00
CA VAL D 201 31.55 15.72 29.08
C VAL D 201 32.47 15.54 27.89
N ALA D 202 31.91 15.05 26.78
CA ALA D 202 32.69 14.79 25.59
C ALA D 202 32.56 15.89 24.53
N ALA D 203 33.71 16.39 24.09
CA ALA D 203 33.77 17.43 23.09
C ALA D 203 33.84 16.72 21.74
N TYR D 204 32.72 16.73 21.03
CA TYR D 204 32.64 16.10 19.72
C TYR D 204 33.12 17.18 18.75
N THR D 205 34.43 17.28 18.58
CA THR D 205 35.04 18.32 17.76
C THR D 205 35.30 18.03 16.30
N CYS D 206 35.41 19.12 15.53
CA CYS D 206 35.81 19.01 14.14
C CYS D 206 37.32 18.99 14.33
N CYS D 207 37.95 17.89 13.95
CA CYS D 207 39.40 17.77 14.14
C CYS D 207 40.20 17.55 12.88
N SER D 208 41.28 18.30 12.75
CA SER D 208 42.16 18.11 11.61
C SER D 208 43.59 18.39 12.07
N ILE D 209 44.40 17.35 12.04
CA ILE D 209 45.78 17.44 12.49
C ILE D 209 46.74 17.00 11.39
N ASP D 210 47.85 17.71 11.28
CA ASP D 210 48.87 17.38 10.28
C ASP D 210 50.15 18.19 10.53
N GLU D 211 51.28 17.69 10.06
CA GLU D 211 52.54 18.39 10.24
C GLU D 211 52.41 19.77 9.60
N ASP D 212 51.71 19.81 8.46
CA ASP D 212 51.46 21.04 7.71
C ASP D 212 50.15 21.67 8.20
N ALA D 213 50.25 22.69 9.04
CA ALA D 213 49.08 23.36 9.58
C ALA D 213 48.12 23.85 8.50
N ALA D 214 48.66 24.26 7.37
CA ALA D 214 47.83 24.75 6.27
C ALA D 214 46.98 23.60 5.72
N ALA D 215 47.61 22.48 5.43
CA ALA D 215 46.93 21.30 4.90
C ALA D 215 45.86 20.84 5.88
N ALA D 216 46.15 20.96 7.17
CA ALA D 216 45.22 20.55 8.20
C ALA D 216 43.96 21.42 8.12
N ALA D 217 44.16 22.74 8.11
CA ALA D 217 43.06 23.67 8.03
C ALA D 217 42.19 23.44 6.79
N ASN D 218 42.82 23.19 5.65
CA ASN D 218 42.07 22.98 4.42
C ASN D 218 41.13 21.78 4.42
N ALA D 219 41.54 20.69 5.06
CA ALA D 219 40.69 19.50 5.09
C ALA D 219 39.47 19.66 6.01
N ALA D 220 39.53 20.61 6.93
CA ALA D 220 38.44 20.85 7.88
C ALA D 220 37.45 21.91 7.44
N LYS D 221 37.85 22.75 6.50
CA LYS D 221 37.01 23.83 6.04
C LYS D 221 35.58 23.45 5.67
N ILE D 222 35.41 22.45 4.82
CA ILE D 222 34.07 22.05 4.43
C ILE D 222 33.23 21.64 5.65
N VAL D 223 33.84 20.93 6.59
CA VAL D 223 33.14 20.48 7.80
C VAL D 223 32.73 21.69 8.64
N VAL D 224 33.66 22.63 8.82
CA VAL D 224 33.36 23.83 9.59
C VAL D 224 32.22 24.62 8.95
N ALA D 225 32.16 24.61 7.61
CA ALA D 225 31.11 25.31 6.88
C ALA D 225 29.75 24.78 7.33
N PHE D 226 29.55 23.47 7.25
CA PHE D 226 28.28 22.89 7.67
C PHE D 226 28.02 23.17 9.15
N ILE D 227 29.07 23.13 9.97
CA ILE D 227 28.88 23.41 11.39
C ILE D 227 28.31 24.81 11.55
N ALA D 228 28.89 25.77 10.85
CA ALA D 228 28.41 27.14 10.94
C ALA D 228 26.97 27.19 10.43
N ALA D 229 26.74 26.55 9.28
CA ALA D 229 25.41 26.52 8.67
C ALA D 229 24.35 26.05 9.66
N GLY D 230 24.71 25.07 10.48
CA GLY D 230 23.75 24.53 11.43
C GLY D 230 23.79 25.11 12.83
N SER D 231 24.43 26.25 13.00
CA SER D 231 24.51 26.86 14.32
C SER D 231 23.59 28.05 14.45
N PRO D 232 22.88 28.17 15.59
CA PRO D 232 21.98 29.29 15.82
C PRO D 232 22.82 30.54 16.08
N PRO D 233 22.30 31.73 15.75
CA PRO D 233 22.99 33.01 15.94
C PRO D 233 23.64 33.28 17.30
N PRO D 234 22.99 32.89 18.41
CA PRO D 234 23.61 33.14 19.72
C PRO D 234 24.99 32.46 19.83
N VAL D 235 25.24 31.48 18.97
CA VAL D 235 26.53 30.79 18.96
C VAL D 235 27.58 31.68 18.28
N PHE D 236 27.23 32.29 17.15
CA PHE D 236 28.18 33.16 16.46
C PHE D 236 28.41 34.38 17.35
N GLU D 237 27.39 34.71 18.12
CA GLU D 237 27.42 35.82 19.04
C GLU D 237 28.49 35.54 20.11
N ARG D 238 28.48 34.32 20.63
CA ARG D 238 29.42 33.87 21.65
C ARG D 238 30.87 33.96 21.18
N HIS D 239 31.10 33.69 19.90
CA HIS D 239 32.46 33.71 19.35
C HIS D 239 32.87 35.01 18.66
N GLY D 240 32.12 36.07 18.91
CA GLY D 240 32.44 37.36 18.31
C GLY D 240 32.30 37.39 16.80
N LEU D 241 31.44 36.53 16.26
CA LEU D 241 31.21 36.46 14.83
C LEU D 241 29.86 37.08 14.45
N PRO D 242 29.66 37.39 13.15
CA PRO D 242 28.42 37.98 12.66
C PRO D 242 27.24 37.03 12.87
N ALA D 243 26.23 37.50 13.59
CA ALA D 243 25.05 36.70 13.89
C ALA D 243 24.42 35.99 12.68
N ASP D 244 24.75 36.44 11.48
CA ASP D 244 24.19 35.83 10.27
C ASP D 244 25.16 34.94 9.51
N THR D 245 26.32 34.70 10.11
CA THR D 245 27.34 33.86 9.49
C THR D 245 26.77 32.52 9.05
N GLY D 246 25.99 31.90 9.94
CA GLY D 246 25.40 30.60 9.65
C GLY D 246 24.50 30.61 8.43
N LYS D 247 23.65 31.64 8.35
CA LYS D 247 22.73 31.79 7.24
C LYS D 247 23.54 31.90 5.95
N LYS D 248 24.65 32.65 6.02
CA LYS D 248 25.53 32.83 4.88
C LYS D 248 25.94 31.46 4.34
N PHE D 249 26.54 30.64 5.20
CA PHE D 249 26.96 29.31 4.77
C PHE D 249 25.78 28.45 4.40
N GLY D 250 24.64 28.71 5.02
CA GLY D 250 23.44 27.96 4.71
C GLY D 250 23.12 28.08 3.23
N GLU D 251 23.09 29.32 2.74
CA GLU D 251 22.79 29.56 1.34
C GLU D 251 23.81 28.93 0.39
N LEU D 252 25.09 29.13 0.67
CA LEU D 252 26.13 28.56 -0.18
C LEU D 252 26.01 27.05 -0.26
N LEU D 253 25.97 26.41 0.90
CA LEU D 253 25.85 24.95 0.95
C LEU D 253 24.52 24.51 0.36
N GLY D 254 23.51 25.35 0.50
CA GLY D 254 22.20 25.03 -0.03
C GLY D 254 22.28 24.90 -1.54
N LYS D 255 22.74 25.97 -2.20
CA LYS D 255 22.88 25.96 -3.65
C LYS D 255 23.70 24.74 -4.03
N GLY D 256 24.73 24.48 -3.24
CA GLY D 256 25.61 23.36 -3.50
C GLY D 256 26.97 23.93 -3.85
N ASP D 257 27.16 25.20 -3.50
CA ASP D 257 28.42 25.90 -3.77
C ASP D 257 29.46 25.62 -2.68
N PHE D 258 29.95 24.38 -2.66
CA PHE D 258 30.93 23.92 -1.70
C PHE D 258 32.24 24.71 -1.82
N GLY D 259 32.66 24.96 -3.04
CA GLY D 259 33.87 25.71 -3.27
C GLY D 259 33.80 27.09 -2.65
N GLY D 260 32.67 27.76 -2.83
CA GLY D 260 32.50 29.09 -2.27
C GLY D 260 32.48 29.05 -0.76
N ALA D 261 31.82 28.03 -0.21
CA ALA D 261 31.72 27.86 1.23
C ALA D 261 33.12 27.69 1.81
N ILE D 262 33.89 26.78 1.21
CA ILE D 262 35.26 26.52 1.66
C ILE D 262 36.07 27.81 1.65
N GLY D 263 35.90 28.60 0.59
CA GLY D 263 36.62 29.85 0.48
C GLY D 263 36.17 30.87 1.50
N ALA D 264 34.93 30.76 1.96
CA ALA D 264 34.39 31.69 2.94
C ALA D 264 34.94 31.42 4.35
N VAL D 265 35.38 30.19 4.58
CA VAL D 265 35.92 29.80 5.88
C VAL D 265 37.26 30.47 6.15
N ASP D 266 37.31 31.32 7.17
CA ASP D 266 38.53 32.02 7.52
C ASP D 266 39.03 31.56 8.90
N ASP D 267 40.08 32.20 9.40
CA ASP D 267 40.65 31.82 10.69
C ASP D 267 39.73 31.98 11.89
N ALA D 268 38.91 33.02 11.88
CA ALA D 268 38.00 33.25 13.00
C ALA D 268 37.03 32.08 13.17
N LEU D 269 36.60 31.49 12.06
CA LEU D 269 35.68 30.37 12.09
C LEU D 269 36.37 29.07 12.51
N MET D 270 37.53 28.80 11.91
CA MET D 270 38.30 27.60 12.26
C MET D 270 38.53 27.57 13.76
N GLU D 271 38.85 28.74 14.30
CA GLU D 271 39.13 28.89 15.72
C GLU D 271 37.88 28.64 16.56
N ALA D 272 36.73 29.03 16.04
CA ALA D 272 35.48 28.86 16.79
C ALA D 272 34.84 27.48 16.67
N PHE D 273 34.99 26.85 15.51
CA PHE D 273 34.34 25.57 15.27
C PHE D 273 35.22 24.35 15.00
N SER D 274 36.50 24.43 15.32
CA SER D 274 37.35 23.28 15.12
C SER D 274 38.67 23.33 15.89
N VAL D 275 39.37 22.22 15.85
CA VAL D 275 40.67 22.11 16.48
C VAL D 275 41.51 21.61 15.33
N VAL D 276 42.26 22.54 14.74
CA VAL D 276 43.10 22.22 13.61
C VAL D 276 44.53 22.70 13.81
N GLY D 277 45.46 22.08 13.10
CA GLY D 277 46.84 22.47 13.22
C GLY D 277 47.80 21.30 13.38
N THR D 278 48.99 21.62 13.89
CA THR D 278 50.05 20.66 14.10
C THR D 278 49.88 20.05 15.49
N PRO D 279 50.51 18.89 15.73
CA PRO D 279 50.42 18.24 17.04
C PRO D 279 50.66 19.22 18.18
N ASP D 280 51.72 20.04 18.06
CA ASP D 280 52.02 21.00 19.11
C ASP D 280 50.89 21.95 19.41
N GLU D 281 50.19 22.34 18.35
CA GLU D 281 49.08 23.28 18.49
C GLU D 281 47.86 22.67 19.21
N PHE D 282 47.67 21.37 19.07
CA PHE D 282 46.55 20.70 19.73
C PHE D 282 46.62 20.72 21.24
N ILE D 283 47.84 20.60 21.77
CA ILE D 283 48.03 20.56 23.21
C ILE D 283 47.40 21.67 24.03
N PRO D 284 47.78 22.93 23.78
CA PRO D 284 47.15 23.98 24.58
C PRO D 284 45.63 24.06 24.36
N LYS D 285 45.18 23.74 23.16
CA LYS D 285 43.74 23.78 22.88
C LYS D 285 42.99 22.73 23.69
N ILE D 286 43.49 21.50 23.70
CA ILE D 286 42.84 20.45 24.47
C ILE D 286 42.89 20.80 25.96
N GLU D 287 44.01 21.35 26.42
CA GLU D 287 44.13 21.73 27.82
C GLU D 287 43.05 22.76 28.15
N ALA D 288 42.87 23.73 27.25
CA ALA D 288 41.88 24.77 27.46
C ALA D 288 40.47 24.16 27.57
N LEU D 289 40.20 23.14 26.75
CA LEU D 289 38.91 22.46 26.78
C LEU D 289 38.77 21.78 28.12
N GLY D 290 39.84 21.10 28.52
CA GLY D 290 39.82 20.41 29.80
C GLY D 290 39.54 21.36 30.95
N GLU D 291 40.10 22.56 30.89
CA GLU D 291 39.89 23.52 31.97
C GLU D 291 38.42 23.95 32.06
N MET D 292 37.66 23.73 30.99
CA MET D 292 36.26 24.09 30.99
C MET D 292 35.31 22.93 31.29
N GLY D 293 35.85 21.79 31.69
CA GLY D 293 34.98 20.68 32.03
C GLY D 293 34.99 19.50 31.09
N VAL D 294 35.62 19.65 29.94
CA VAL D 294 35.69 18.56 28.98
C VAL D 294 36.53 17.44 29.58
N THR D 295 35.95 16.24 29.64
CA THR D 295 36.63 15.08 30.18
C THR D 295 36.97 14.06 29.11
N GLN D 296 36.41 14.25 27.92
CA GLN D 296 36.70 13.39 26.79
C GLN D 296 36.83 14.25 25.55
N TYR D 297 37.95 14.14 24.87
CA TYR D 297 38.18 14.90 23.65
C TYR D 297 37.97 13.92 22.52
N VAL D 298 36.97 14.19 21.67
CA VAL D 298 36.71 13.30 20.55
C VAL D 298 37.23 13.95 19.27
N ALA D 299 38.11 13.25 18.58
CA ALA D 299 38.66 13.74 17.33
C ALA D 299 37.63 13.41 16.25
N GLY D 300 36.82 14.41 15.88
CA GLY D 300 35.81 14.21 14.85
C GLY D 300 36.28 14.55 13.45
N SER D 301 35.43 14.23 12.47
CA SER D 301 35.72 14.47 11.06
C SER D 301 36.29 15.86 10.86
N PRO D 302 37.24 16.00 9.92
CA PRO D 302 37.79 14.96 9.05
C PRO D 302 38.93 14.16 9.69
N ILE D 303 39.30 14.54 10.91
CA ILE D 303 40.40 13.93 11.66
C ILE D 303 41.71 14.54 11.10
N GLY D 304 41.83 14.55 9.78
CA GLY D 304 43.00 15.12 9.14
C GLY D 304 43.03 14.84 7.65
N PRO D 305 43.98 15.44 6.90
CA PRO D 305 44.08 15.24 5.45
C PRO D 305 44.20 13.76 5.11
N ASP D 306 44.96 13.05 5.91
CA ASP D 306 45.16 11.61 5.73
C ASP D 306 44.84 11.00 7.10
N LYS D 307 43.78 10.19 7.16
CA LYS D 307 43.36 9.60 8.42
C LYS D 307 44.40 8.77 9.15
N GLU D 308 45.03 7.82 8.47
CA GLU D 308 46.03 6.99 9.12
C GLU D 308 47.16 7.81 9.75
N LYS D 309 47.69 8.76 8.99
CA LYS D 309 48.75 9.62 9.50
C LYS D 309 48.28 10.46 10.66
N SER D 310 47.13 11.09 10.49
CA SER D 310 46.56 11.93 11.52
C SER D 310 46.32 11.20 12.83
N ILE D 311 45.88 9.95 12.75
CA ILE D 311 45.65 9.20 13.98
C ILE D 311 47.01 9.02 14.66
N LYS D 312 48.03 8.71 13.87
CA LYS D 312 49.38 8.56 14.42
C LYS D 312 49.79 9.86 15.08
N LEU D 313 49.53 10.99 14.42
CA LEU D 313 49.88 12.28 15.00
C LEU D 313 49.11 12.52 16.28
N LEU D 314 47.85 12.10 16.30
CA LEU D 314 47.01 12.27 17.49
C LEU D 314 47.59 11.41 18.62
N GLY D 315 48.21 10.30 18.25
CA GLY D 315 48.82 9.43 19.24
C GLY D 315 49.87 10.23 20.00
N GLU D 316 50.58 11.10 19.29
CA GLU D 316 51.61 11.94 19.93
C GLU D 316 50.94 12.89 20.92
N VAL D 317 49.78 13.41 20.53
CA VAL D 317 49.04 14.32 21.40
C VAL D 317 48.60 13.61 22.66
N ILE D 318 48.05 12.41 22.50
CA ILE D 318 47.59 11.63 23.63
C ILE D 318 48.74 11.34 24.60
N ALA D 319 49.91 11.04 24.04
CA ALA D 319 51.08 10.74 24.86
C ALA D 319 51.48 11.95 25.70
N SER D 320 50.97 13.13 25.33
CA SER D 320 51.28 14.36 26.07
C SER D 320 50.32 14.58 27.22
N PHE D 321 49.27 13.76 27.26
CA PHE D 321 48.27 13.84 28.33
C PHE D 321 48.29 12.59 29.20
S1 MPO E . -31.23 -4.47 -2.07
O1 MPO E . -30.09 -4.89 -2.85
O2 MPO E . -31.19 -3.04 -1.73
O4 MPO E . -33.47 -5.55 5.52
N1 MPO E . -32.05 -5.08 3.11
C1 MPO E . -31.12 -5.38 -0.56
O3 MPO E . -32.50 -4.86 -2.68
C2 MPO E . -31.53 -4.66 0.71
C3 MPO E . -31.31 -5.56 1.92
C4 MPO E . -33.50 -5.54 3.09
C5 MPO E . -34.17 -5.10 4.39
C6 MPO E . -32.16 -5.04 5.56
C7 MPO E . -31.33 -5.49 4.36
C1 MPD F . -39.24 -19.93 -0.03
C2 MPD F . -39.65 -18.67 -0.78
O2 MPD F . -40.91 -18.32 -0.03
CM MPD F . -40.16 -18.57 -2.18
C3 MPD F . -38.57 -17.56 -0.57
C4 MPD F . -38.50 -16.97 0.77
O4 MPD F . -39.63 -16.21 1.31
C5 MPD F . -37.26 -16.04 0.81
CL CL G . -20.88 2.45 -13.30
S1 MPO H . -14.16 8.38 -27.24
O1 MPO H . -15.36 8.81 -26.55
O2 MPO H . -13.43 7.34 -26.54
O4 MPO H . -7.87 10.93 -31.11
N1 MPO H . -9.90 10.52 -29.17
C1 MPO H . -13.10 9.82 -27.23
O3 MPO H . -14.41 8.05 -28.64
C2 MPO H . -11.75 9.58 -27.88
C3 MPO H . -11.17 10.86 -28.45
C4 MPO H . -10.15 10.19 -30.64
C5 MPO H . -8.81 9.88 -31.28
C6 MPO H . -7.60 11.17 -29.74
C7 MPO H . -8.84 11.60 -28.97
C1 MPD I . -19.30 16.80 -39.77
C2 MPD I . -18.50 18.05 -40.11
O2 MPD I . -17.69 17.52 -41.26
CM MPD I . -19.00 19.33 -40.73
C3 MPD I . -17.59 18.42 -38.88
C4 MPD I . -16.25 17.81 -38.85
O4 MPD I . -16.00 16.48 -39.40
C5 MPD I . -15.80 17.76 -37.37
CL CL J . 19.97 -2.45 13.05
S1 MPO K . 9.70 -15.63 11.79
O1 MPO K . 9.86 -14.56 10.81
O2 MPO K . 10.58 -15.45 12.94
O4 MPO K . 8.09 -23.32 12.11
N1 MPO K . 9.36 -20.81 11.68
C1 MPO K . 10.22 -17.14 11.00
O3 MPO K . 8.29 -15.82 12.16
C2 MPO K . 9.86 -18.40 11.77
C3 MPO K . 9.69 -19.61 10.86
C4 MPO K . 7.88 -20.90 11.98
C5 MPO K . 7.63 -22.16 12.79
C6 MPO K . 9.48 -23.28 11.92
C7 MPO K . 9.92 -22.09 11.07
C1 MPD L . -3.69 -20.66 1.31
C2 MPD L . -3.79 -19.89 2.61
O2 MPD L . -4.61 -20.84 3.43
CM MPD L . -4.55 -18.62 2.85
C3 MPD L . -2.37 -19.73 3.24
C4 MPD L . -1.78 -20.96 3.78
O4 MPD L . -2.34 -21.55 5.00
C5 MPD L . -0.28 -20.69 4.06
S1 MPO M . 26.18 12.96 14.46
O1 MPO M . 25.52 12.17 15.48
O2 MPO M . 26.40 12.21 13.23
O4 MPO M . 31.89 18.33 13.55
N1 MPO M . 30.33 15.99 14.02
C1 MPO M . 27.79 13.36 15.09
O3 MPO M . 25.53 14.23 14.22
C2 MPO M . 28.60 14.26 14.19
C3 MPO M . 29.54 15.16 14.97
C4 MPO M . 29.68 17.34 13.81
C5 MPO M . 30.61 18.21 12.98
C6 MPO M . 32.54 17.08 13.59
C7 MPO M . 31.79 16.07 14.47
C1 MPD N . 23.71 26.53 23.83
C2 MPD N . 24.82 25.94 24.66
O2 MPD N . 25.83 27.04 24.57
CM MPD N . 24.85 25.75 26.16
C3 MPD N . 25.35 24.63 23.97
C4 MPD N . 26.42 24.83 22.97
O4 MPD N . 26.35 25.93 22.02
C5 MPD N . 26.52 23.53 22.14
#